data_5H4B
# 
_entry.id   5H4B 
# 
_audit_conform.dict_name       mmcif_pdbx.dic 
_audit_conform.dict_version    5.397 
_audit_conform.dict_location   http://mmcif.pdb.org/dictionaries/ascii/mmcif_pdbx.dic 
# 
loop_
_database_2.database_id 
_database_2.database_code 
_database_2.pdbx_database_accession 
_database_2.pdbx_DOI 
PDB   5H4B         pdb_00005h4b 10.2210/pdb5h4b/pdb 
WWPDB D_1300001847 ?            ?                   
# 
loop_
_pdbx_audit_revision_history.ordinal 
_pdbx_audit_revision_history.data_content_type 
_pdbx_audit_revision_history.major_revision 
_pdbx_audit_revision_history.minor_revision 
_pdbx_audit_revision_history.revision_date 
1 'Structure model' 1 0 2017-09-13 
2 'Structure model' 1 1 2017-09-20 
3 'Structure model' 1 2 2018-01-17 
4 'Structure model' 1 3 2020-07-29 
5 'Structure model' 1 4 2024-10-09 
# 
loop_
_pdbx_audit_revision_details.ordinal 
_pdbx_audit_revision_details.revision_ordinal 
_pdbx_audit_revision_details.data_content_type 
_pdbx_audit_revision_details.provider 
_pdbx_audit_revision_details.type 
_pdbx_audit_revision_details.description 
_pdbx_audit_revision_details.details 
1 1 'Structure model' repository 'Initial release' ?                          ? 
2 4 'Structure model' repository Remediation       'Carbohydrate remediation' ? 
# 
loop_
_pdbx_audit_revision_group.ordinal 
_pdbx_audit_revision_group.revision_ordinal 
_pdbx_audit_revision_group.data_content_type 
_pdbx_audit_revision_group.group 
1 2 'Structure model' 'Database references'  
2 3 'Structure model' 'Database references'  
3 4 'Structure model' 'Data collection'      
4 4 'Structure model' 'Derived calculations' 
5 4 'Structure model' 'Structure summary'    
6 5 'Structure model' 'Data collection'      
7 5 'Structure model' 'Database references'  
8 5 'Structure model' 'Structure summary'    
# 
loop_
_pdbx_audit_revision_category.ordinal 
_pdbx_audit_revision_category.revision_ordinal 
_pdbx_audit_revision_category.data_content_type 
_pdbx_audit_revision_category.category 
1  2 'Structure model' citation                  
2  2 'Structure model' citation_author           
3  3 'Structure model' citation                  
4  4 'Structure model' chem_comp                 
5  4 'Structure model' entity                    
6  4 'Structure model' pdbx_chem_comp_identifier 
7  4 'Structure model' pdbx_entity_nonpoly       
8  4 'Structure model' struct_conn               
9  4 'Structure model' struct_site               
10 4 'Structure model' struct_site_gen           
11 5 'Structure model' chem_comp                 
12 5 'Structure model' chem_comp_atom            
13 5 'Structure model' chem_comp_bond            
14 5 'Structure model' database_2                
15 5 'Structure model' pdbx_entry_details        
16 5 'Structure model' pdbx_modification_feature 
# 
loop_
_pdbx_audit_revision_item.ordinal 
_pdbx_audit_revision_item.revision_ordinal 
_pdbx_audit_revision_item.data_content_type 
_pdbx_audit_revision_item.item 
1  3 'Structure model' '_citation.country'                   
2  3 'Structure model' '_citation.journal_abbrev'            
3  3 'Structure model' '_citation.journal_id_CSD'            
4  3 'Structure model' '_citation.journal_id_ISSN'           
5  3 'Structure model' '_citation.journal_volume'            
6  3 'Structure model' '_citation.page_first'                
7  3 'Structure model' '_citation.page_last'                 
8  3 'Structure model' '_citation.pdbx_database_id_DOI'      
9  3 'Structure model' '_citation.pdbx_database_id_PubMed'   
10 3 'Structure model' '_citation.title'                     
11 3 'Structure model' '_citation.year'                      
12 4 'Structure model' '_chem_comp.name'                     
13 4 'Structure model' '_chem_comp.type'                     
14 4 'Structure model' '_entity.pdbx_description'            
15 4 'Structure model' '_pdbx_entity_nonpoly.name'           
16 4 'Structure model' '_struct_conn.pdbx_role'              
17 5 'Structure model' '_chem_comp.pdbx_synonyms'            
18 5 'Structure model' '_database_2.pdbx_DOI'                
19 5 'Structure model' '_database_2.pdbx_database_accession' 
# 
_pdbx_database_status.status_code                     REL 
_pdbx_database_status.status_code_sf                  REL 
_pdbx_database_status.status_code_mr                  ? 
_pdbx_database_status.entry_id                        5H4B 
_pdbx_database_status.recvd_initial_deposition_date   2016-10-31 
_pdbx_database_status.SG_entry                        N 
_pdbx_database_status.deposit_site                    PDBJ 
_pdbx_database_status.process_site                    PDBJ 
_pdbx_database_status.status_code_cs                  ? 
_pdbx_database_status.methods_development_category    ? 
_pdbx_database_status.pdb_format_compatible           Y 
_pdbx_database_status.status_code_nmr_data            ? 
# 
loop_
_pdbx_database_related.db_name 
_pdbx_database_related.details 
_pdbx_database_related.db_id 
_pdbx_database_related.content_type 
PDB . 5H48 unspecified 
PDB . 5H49 unspecified 
PDB . 5H4C unspecified 
# 
loop_
_audit_author.name 
_audit_author.pdbx_ordinal 
_audit_author.identifier_ORCID 
'Zhong, C.' 1 ? 
'Shen, J.'  2 ? 
'Zhang, H.' 3 ? 
'Ding, J.'  4 ? 
# 
loop_
_citation.abstract 
_citation.abstract_id_CAS 
_citation.book_id_ISBN 
_citation.book_publisher 
_citation.book_publisher_city 
_citation.book_title 
_citation.coordinate_linkage 
_citation.country 
_citation.database_id_Medline 
_citation.details 
_citation.id 
_citation.journal_abbrev 
_citation.journal_id_ASTM 
_citation.journal_id_CSD 
_citation.journal_id_ISSN 
_citation.journal_full 
_citation.journal_issue 
_citation.journal_volume 
_citation.language 
_citation.page_first 
_citation.page_last 
_citation.title 
_citation.year 
_citation.database_id_CSD 
_citation.pdbx_database_id_DOI 
_citation.pdbx_database_id_PubMed 
_citation.unpublished_flag 
? ? ? ? ? ? ? US ? ? primary 'Cell Rep' ? ? 2211-1247 ? ? 20 ? 2328 2340 
'Cbln1 and Cbln4 Are Structurally Similar but Differ in GluD2 Binding Interactions.' 2017 ? 10.1016/j.celrep.2017.08.031 28877468 
? 
? ? ? ? ? ? ? US ? ? 1       'Cell Rep' ? ? 2211-1247 ? ? 20 ? 2328 2340 
'Cbln1 and Cbln4 Are Structurally Similar but Differ in GluD2 Binding Interactions.' 2017 ? 10.1016/j.celrep.2017.08.031 28877468 
? 
# 
loop_
_citation_author.citation_id 
_citation_author.name 
_citation_author.ordinal 
_citation_author.identifier_ORCID 
primary 'Zhong, C.' 1  ? 
primary 'Shen, J.'  2  ? 
primary 'Zhang, H.' 3  ? 
primary 'Li, G.'    4  ? 
primary 'Shen, S.'  5  ? 
primary 'Wang, F.'  6  ? 
primary 'Hu, K.'    7  ? 
primary 'Cao, L.'   8  ? 
primary 'He, Y.'    9  ? 
primary 'Ding, J.'  10 ? 
1       'Zhong, C.' 11 ? 
1       'Shen, J.'  12 ? 
1       'Zhang, H.' 13 ? 
1       'Li, G.'    14 ? 
1       'Shen, S.'  15 ? 
1       'Wang, F.'  16 ? 
1       'Hu, K.'    17 ? 
1       'Cao, L.'   18 ? 
1       'He, Y.'    19 ? 
1       'Ding, J.'  20 ? 
# 
loop_
_entity.id 
_entity.type 
_entity.src_method 
_entity.pdbx_description 
_entity.formula_weight 
_entity.pdbx_number_of_molecules 
_entity.pdbx_ec 
_entity.pdbx_mutation 
_entity.pdbx_fragment 
_entity.details 
1 polymer     man Cerebellin-4                             20618.344 1  ? ? ? ? 
2 non-polymer man 2-acetamido-2-deoxy-beta-D-glucopyranose 221.208   1  ? ? ? ? 
3 water       nat water                                    18.015    23 ? ? ? ? 
# 
_entity_name_com.entity_id   1 
_entity_name_com.name        'Cerebellin-like glycoprotein 1' 
# 
_entity_poly.entity_id                      1 
_entity_poly.type                           'polypeptide(L)' 
_entity_poly.nstd_linkage                   no 
_entity_poly.nstd_monomer                   no 
_entity_poly.pdbx_seq_one_letter_code       
;LQHHHHHHHHASQNDTEPIVLEGKCLVVCDSNPATDSKGSSSSPLGISVRAANSKVAFSAVRSTNHEPSEMSNKTRIIYF
DQILVNVGNFFTLESVFVAPRKGIYSFSFHVIKVYQSQTIQVNLMLNGKPVISAFAGDKDVTREAATNGVLLYLDKEDKV
YLKLEKGNLLGGWQYSTFSGFLVFPL
;
_entity_poly.pdbx_seq_one_letter_code_can   
;LQHHHHHHHHASQNDTEPIVLEGKCLVVCDSNPATDSKGSSSSPLGISVRAANSKVAFSAVRSTNHEPSEMSNKTRIIYF
DQILVNVGNFFTLESVFVAPRKGIYSFSFHVIKVYQSQTIQVNLMLNGKPVISAFAGDKDVTREAATNGVLLYLDKEDKV
YLKLEKGNLLGGWQYSTFSGFLVFPL
;
_entity_poly.pdbx_strand_id                 A 
_entity_poly.pdbx_target_identifier         ? 
# 
loop_
_pdbx_entity_nonpoly.entity_id 
_pdbx_entity_nonpoly.name 
_pdbx_entity_nonpoly.comp_id 
2 2-acetamido-2-deoxy-beta-D-glucopyranose NAG 
3 water                                    HOH 
# 
loop_
_entity_poly_seq.entity_id 
_entity_poly_seq.num 
_entity_poly_seq.mon_id 
_entity_poly_seq.hetero 
1 1   LEU n 
1 2   GLN n 
1 3   HIS n 
1 4   HIS n 
1 5   HIS n 
1 6   HIS n 
1 7   HIS n 
1 8   HIS n 
1 9   HIS n 
1 10  HIS n 
1 11  ALA n 
1 12  SER n 
1 13  GLN n 
1 14  ASN n 
1 15  ASP n 
1 16  THR n 
1 17  GLU n 
1 18  PRO n 
1 19  ILE n 
1 20  VAL n 
1 21  LEU n 
1 22  GLU n 
1 23  GLY n 
1 24  LYS n 
1 25  CYS n 
1 26  LEU n 
1 27  VAL n 
1 28  VAL n 
1 29  CYS n 
1 30  ASP n 
1 31  SER n 
1 32  ASN n 
1 33  PRO n 
1 34  ALA n 
1 35  THR n 
1 36  ASP n 
1 37  SER n 
1 38  LYS n 
1 39  GLY n 
1 40  SER n 
1 41  SER n 
1 42  SER n 
1 43  SER n 
1 44  PRO n 
1 45  LEU n 
1 46  GLY n 
1 47  ILE n 
1 48  SER n 
1 49  VAL n 
1 50  ARG n 
1 51  ALA n 
1 52  ALA n 
1 53  ASN n 
1 54  SER n 
1 55  LYS n 
1 56  VAL n 
1 57  ALA n 
1 58  PHE n 
1 59  SER n 
1 60  ALA n 
1 61  VAL n 
1 62  ARG n 
1 63  SER n 
1 64  THR n 
1 65  ASN n 
1 66  HIS n 
1 67  GLU n 
1 68  PRO n 
1 69  SER n 
1 70  GLU n 
1 71  MET n 
1 72  SER n 
1 73  ASN n 
1 74  LYS n 
1 75  THR n 
1 76  ARG n 
1 77  ILE n 
1 78  ILE n 
1 79  TYR n 
1 80  PHE n 
1 81  ASP n 
1 82  GLN n 
1 83  ILE n 
1 84  LEU n 
1 85  VAL n 
1 86  ASN n 
1 87  VAL n 
1 88  GLY n 
1 89  ASN n 
1 90  PHE n 
1 91  PHE n 
1 92  THR n 
1 93  LEU n 
1 94  GLU n 
1 95  SER n 
1 96  VAL n 
1 97  PHE n 
1 98  VAL n 
1 99  ALA n 
1 100 PRO n 
1 101 ARG n 
1 102 LYS n 
1 103 GLY n 
1 104 ILE n 
1 105 TYR n 
1 106 SER n 
1 107 PHE n 
1 108 SER n 
1 109 PHE n 
1 110 HIS n 
1 111 VAL n 
1 112 ILE n 
1 113 LYS n 
1 114 VAL n 
1 115 TYR n 
1 116 GLN n 
1 117 SER n 
1 118 GLN n 
1 119 THR n 
1 120 ILE n 
1 121 GLN n 
1 122 VAL n 
1 123 ASN n 
1 124 LEU n 
1 125 MET n 
1 126 LEU n 
1 127 ASN n 
1 128 GLY n 
1 129 LYS n 
1 130 PRO n 
1 131 VAL n 
1 132 ILE n 
1 133 SER n 
1 134 ALA n 
1 135 PHE n 
1 136 ALA n 
1 137 GLY n 
1 138 ASP n 
1 139 LYS n 
1 140 ASP n 
1 141 VAL n 
1 142 THR n 
1 143 ARG n 
1 144 GLU n 
1 145 ALA n 
1 146 ALA n 
1 147 THR n 
1 148 ASN n 
1 149 GLY n 
1 150 VAL n 
1 151 LEU n 
1 152 LEU n 
1 153 TYR n 
1 154 LEU n 
1 155 ASP n 
1 156 LYS n 
1 157 GLU n 
1 158 ASP n 
1 159 LYS n 
1 160 VAL n 
1 161 TYR n 
1 162 LEU n 
1 163 LYS n 
1 164 LEU n 
1 165 GLU n 
1 166 LYS n 
1 167 GLY n 
1 168 ASN n 
1 169 LEU n 
1 170 LEU n 
1 171 GLY n 
1 172 GLY n 
1 173 TRP n 
1 174 GLN n 
1 175 TYR n 
1 176 SER n 
1 177 THR n 
1 178 PHE n 
1 179 SER n 
1 180 GLY n 
1 181 PHE n 
1 182 LEU n 
1 183 VAL n 
1 184 PHE n 
1 185 PRO n 
1 186 LEU n 
# 
_entity_src_gen.entity_id                          1 
_entity_src_gen.pdbx_src_id                        1 
_entity_src_gen.pdbx_alt_source_flag               sample 
_entity_src_gen.pdbx_seq_type                      'Biological sequence' 
_entity_src_gen.pdbx_beg_seq_num                   1 
_entity_src_gen.pdbx_end_seq_num                   186 
_entity_src_gen.gene_src_common_name               Mouse 
_entity_src_gen.gene_src_genus                     ? 
_entity_src_gen.pdbx_gene_src_gene                 'Cbln4, Cblnl1' 
_entity_src_gen.gene_src_species                   ? 
_entity_src_gen.gene_src_strain                    ? 
_entity_src_gen.gene_src_tissue                    ? 
_entity_src_gen.gene_src_tissue_fraction           ? 
_entity_src_gen.gene_src_details                   ? 
_entity_src_gen.pdbx_gene_src_fragment             ? 
_entity_src_gen.pdbx_gene_src_scientific_name      'Mus musculus' 
_entity_src_gen.pdbx_gene_src_ncbi_taxonomy_id     10090 
_entity_src_gen.pdbx_gene_src_variant              ? 
_entity_src_gen.pdbx_gene_src_cell_line            ? 
_entity_src_gen.pdbx_gene_src_atcc                 ? 
_entity_src_gen.pdbx_gene_src_organ                ? 
_entity_src_gen.pdbx_gene_src_organelle            ? 
_entity_src_gen.pdbx_gene_src_cell                 ? 
_entity_src_gen.pdbx_gene_src_cellular_location    ? 
_entity_src_gen.host_org_common_name               ? 
_entity_src_gen.pdbx_host_org_scientific_name      'Homo sapiens' 
_entity_src_gen.pdbx_host_org_ncbi_taxonomy_id     9606 
_entity_src_gen.host_org_genus                     ? 
_entity_src_gen.pdbx_host_org_gene                 ? 
_entity_src_gen.pdbx_host_org_organ                ? 
_entity_src_gen.host_org_species                   ? 
_entity_src_gen.pdbx_host_org_tissue               ? 
_entity_src_gen.pdbx_host_org_tissue_fraction      ? 
_entity_src_gen.pdbx_host_org_strain               ? 
_entity_src_gen.pdbx_host_org_variant              ? 
_entity_src_gen.pdbx_host_org_cell_line            ? 
_entity_src_gen.pdbx_host_org_atcc                 ? 
_entity_src_gen.pdbx_host_org_culture_collection   ? 
_entity_src_gen.pdbx_host_org_cell                 ? 
_entity_src_gen.pdbx_host_org_organelle            ? 
_entity_src_gen.pdbx_host_org_cellular_location    ? 
_entity_src_gen.pdbx_host_org_vector_type          ? 
_entity_src_gen.pdbx_host_org_vector               ? 
_entity_src_gen.host_org_details                   ? 
_entity_src_gen.expression_system_id               ? 
_entity_src_gen.plasmid_name                       ? 
_entity_src_gen.plasmid_details                    ? 
_entity_src_gen.pdbx_description                   ? 
# 
loop_
_chem_comp.id 
_chem_comp.type 
_chem_comp.mon_nstd_flag 
_chem_comp.name 
_chem_comp.pdbx_synonyms 
_chem_comp.formula 
_chem_comp.formula_weight 
ALA 'L-peptide linking'          y ALANINE                                  ? 'C3 H7 N O2'     89.093  
ARG 'L-peptide linking'          y ARGININE                                 ? 'C6 H15 N4 O2 1' 175.209 
ASN 'L-peptide linking'          y ASPARAGINE                               ? 'C4 H8 N2 O3'    132.118 
ASP 'L-peptide linking'          y 'ASPARTIC ACID'                          ? 'C4 H7 N O4'     133.103 
CYS 'L-peptide linking'          y CYSTEINE                                 ? 'C3 H7 N O2 S'   121.158 
GLN 'L-peptide linking'          y GLUTAMINE                                ? 'C5 H10 N2 O3'   146.144 
GLU 'L-peptide linking'          y 'GLUTAMIC ACID'                          ? 'C5 H9 N O4'     147.129 
GLY 'peptide linking'            y GLYCINE                                  ? 'C2 H5 N O2'     75.067  
HIS 'L-peptide linking'          y HISTIDINE                                ? 'C6 H10 N3 O2 1' 156.162 
HOH non-polymer                  . WATER                                    ? 'H2 O'           18.015  
ILE 'L-peptide linking'          y ISOLEUCINE                               ? 'C6 H13 N O2'    131.173 
LEU 'L-peptide linking'          y LEUCINE                                  ? 'C6 H13 N O2'    131.173 
LYS 'L-peptide linking'          y LYSINE                                   ? 'C6 H15 N2 O2 1' 147.195 
MET 'L-peptide linking'          y METHIONINE                               ? 'C5 H11 N O2 S'  149.211 
NAG 'D-saccharide, beta linking' . 2-acetamido-2-deoxy-beta-D-glucopyranose 
;N-acetyl-beta-D-glucosamine; 2-acetamido-2-deoxy-beta-D-glucose; 2-acetamido-2-deoxy-D-glucose; 2-acetamido-2-deoxy-glucose; N-ACETYL-D-GLUCOSAMINE
;
'C8 H15 N O6'    221.208 
PHE 'L-peptide linking'          y PHENYLALANINE                            ? 'C9 H11 N O2'    165.189 
PRO 'L-peptide linking'          y PROLINE                                  ? 'C5 H9 N O2'     115.130 
SER 'L-peptide linking'          y SERINE                                   ? 'C3 H7 N O3'     105.093 
THR 'L-peptide linking'          y THREONINE                                ? 'C4 H9 N O3'     119.119 
TRP 'L-peptide linking'          y TRYPTOPHAN                               ? 'C11 H12 N2 O2'  204.225 
TYR 'L-peptide linking'          y TYROSINE                                 ? 'C9 H11 N O3'    181.189 
VAL 'L-peptide linking'          y VALINE                                   ? 'C5 H11 N O2'    117.146 
# 
loop_
_pdbx_chem_comp_identifier.comp_id 
_pdbx_chem_comp_identifier.type 
_pdbx_chem_comp_identifier.program 
_pdbx_chem_comp_identifier.program_version 
_pdbx_chem_comp_identifier.identifier 
NAG 'CONDENSED IUPAC CARBOHYDRATE SYMBOL' GMML     1.0 DGlcpNAcb                      
NAG 'COMMON NAME'                         GMML     1.0 N-acetyl-b-D-glucopyranosamine 
NAG 'IUPAC CARBOHYDRATE SYMBOL'           PDB-CARE 1.0 b-D-GlcpNAc                    
NAG 'SNFG CARBOHYDRATE SYMBOL'            GMML     1.0 GlcNAc                         
# 
loop_
_pdbx_poly_seq_scheme.asym_id 
_pdbx_poly_seq_scheme.entity_id 
_pdbx_poly_seq_scheme.seq_id 
_pdbx_poly_seq_scheme.mon_id 
_pdbx_poly_seq_scheme.ndb_seq_num 
_pdbx_poly_seq_scheme.pdb_seq_num 
_pdbx_poly_seq_scheme.auth_seq_num 
_pdbx_poly_seq_scheme.pdb_mon_id 
_pdbx_poly_seq_scheme.auth_mon_id 
_pdbx_poly_seq_scheme.pdb_strand_id 
_pdbx_poly_seq_scheme.pdb_ins_code 
_pdbx_poly_seq_scheme.hetero 
A 1 1   LEU 1   7   ?   ?   ?   A . n 
A 1 2   GLN 2   8   ?   ?   ?   A . n 
A 1 3   HIS 3   9   ?   ?   ?   A . n 
A 1 4   HIS 4   10  ?   ?   ?   A . n 
A 1 5   HIS 5   11  ?   ?   ?   A . n 
A 1 6   HIS 6   12  ?   ?   ?   A . n 
A 1 7   HIS 7   13  ?   ?   ?   A . n 
A 1 8   HIS 8   14  ?   ?   ?   A . n 
A 1 9   HIS 9   15  ?   ?   ?   A . n 
A 1 10  HIS 10  16  ?   ?   ?   A . n 
A 1 11  ALA 11  17  ?   ?   ?   A . n 
A 1 12  SER 12  18  ?   ?   ?   A . n 
A 1 13  GLN 13  19  ?   ?   ?   A . n 
A 1 14  ASN 14  20  ?   ?   ?   A . n 
A 1 15  ASP 15  21  ?   ?   ?   A . n 
A 1 16  THR 16  22  ?   ?   ?   A . n 
A 1 17  GLU 17  23  ?   ?   ?   A . n 
A 1 18  PRO 18  24  ?   ?   ?   A . n 
A 1 19  ILE 19  25  ?   ?   ?   A . n 
A 1 20  VAL 20  26  ?   ?   ?   A . n 
A 1 21  LEU 21  27  ?   ?   ?   A . n 
A 1 22  GLU 22  28  ?   ?   ?   A . n 
A 1 23  GLY 23  29  ?   ?   ?   A . n 
A 1 24  LYS 24  30  ?   ?   ?   A . n 
A 1 25  CYS 25  31  ?   ?   ?   A . n 
A 1 26  LEU 26  32  ?   ?   ?   A . n 
A 1 27  VAL 27  33  ?   ?   ?   A . n 
A 1 28  VAL 28  34  ?   ?   ?   A . n 
A 1 29  CYS 29  35  ?   ?   ?   A . n 
A 1 30  ASP 30  36  ?   ?   ?   A . n 
A 1 31  SER 31  37  ?   ?   ?   A . n 
A 1 32  ASN 32  38  ?   ?   ?   A . n 
A 1 33  PRO 33  39  ?   ?   ?   A . n 
A 1 34  ALA 34  40  ?   ?   ?   A . n 
A 1 35  THR 35  41  ?   ?   ?   A . n 
A 1 36  ASP 36  42  ?   ?   ?   A . n 
A 1 37  SER 37  43  ?   ?   ?   A . n 
A 1 38  LYS 38  44  ?   ?   ?   A . n 
A 1 39  GLY 39  45  ?   ?   ?   A . n 
A 1 40  SER 40  46  ?   ?   ?   A . n 
A 1 41  SER 41  47  ?   ?   ?   A . n 
A 1 42  SER 42  48  ?   ?   ?   A . n 
A 1 43  SER 43  49  ?   ?   ?   A . n 
A 1 44  PRO 44  50  ?   ?   ?   A . n 
A 1 45  LEU 45  51  ?   ?   ?   A . n 
A 1 46  GLY 46  52  ?   ?   ?   A . n 
A 1 47  ILE 47  53  ?   ?   ?   A . n 
A 1 48  SER 48  54  ?   ?   ?   A . n 
A 1 49  VAL 49  55  ?   ?   ?   A . n 
A 1 50  ARG 50  56  ?   ?   ?   A . n 
A 1 51  ALA 51  57  57  ALA ALA A . n 
A 1 52  ALA 52  58  58  ALA ALA A . n 
A 1 53  ASN 53  59  59  ASN ASN A . n 
A 1 54  SER 54  60  60  SER SER A . n 
A 1 55  LYS 55  61  61  LYS LYS A . n 
A 1 56  VAL 56  62  62  VAL VAL A . n 
A 1 57  ALA 57  63  63  ALA ALA A . n 
A 1 58  PHE 58  64  64  PHE PHE A . n 
A 1 59  SER 59  65  65  SER SER A . n 
A 1 60  ALA 60  66  66  ALA ALA A . n 
A 1 61  VAL 61  67  67  VAL VAL A . n 
A 1 62  ARG 62  68  68  ARG ARG A . n 
A 1 63  SER 63  69  69  SER SER A . n 
A 1 64  THR 64  70  70  THR THR A . n 
A 1 65  ASN 65  71  71  ASN ASN A . n 
A 1 66  HIS 66  72  72  HIS HIS A . n 
A 1 67  GLU 67  73  73  GLU GLU A . n 
A 1 68  PRO 68  74  74  PRO PRO A . n 
A 1 69  SER 69  75  75  SER SER A . n 
A 1 70  GLU 70  76  76  GLU GLU A . n 
A 1 71  MET 71  77  77  MET MET A . n 
A 1 72  SER 72  78  78  SER SER A . n 
A 1 73  ASN 73  79  79  ASN ASN A . n 
A 1 74  LYS 74  80  80  LYS LYS A . n 
A 1 75  THR 75  81  81  THR THR A . n 
A 1 76  ARG 76  82  82  ARG ARG A . n 
A 1 77  ILE 77  83  83  ILE ILE A . n 
A 1 78  ILE 78  84  84  ILE ILE A . n 
A 1 79  TYR 79  85  85  TYR TYR A . n 
A 1 80  PHE 80  86  86  PHE PHE A . n 
A 1 81  ASP 81  87  87  ASP ASP A . n 
A 1 82  GLN 82  88  88  GLN GLN A . n 
A 1 83  ILE 83  89  89  ILE ILE A . n 
A 1 84  LEU 84  90  90  LEU LEU A . n 
A 1 85  VAL 85  91  91  VAL VAL A . n 
A 1 86  ASN 86  92  92  ASN ASN A . n 
A 1 87  VAL 87  93  93  VAL VAL A . n 
A 1 88  GLY 88  94  94  GLY GLY A . n 
A 1 89  ASN 89  95  95  ASN ASN A . n 
A 1 90  PHE 90  96  96  PHE PHE A . n 
A 1 91  PHE 91  97  97  PHE PHE A . n 
A 1 92  THR 92  98  98  THR THR A . n 
A 1 93  LEU 93  99  99  LEU LEU A . n 
A 1 94  GLU 94  100 100 GLU GLU A . n 
A 1 95  SER 95  101 101 SER SER A . n 
A 1 96  VAL 96  102 102 VAL VAL A . n 
A 1 97  PHE 97  103 103 PHE PHE A . n 
A 1 98  VAL 98  104 104 VAL VAL A . n 
A 1 99  ALA 99  105 105 ALA ALA A . n 
A 1 100 PRO 100 106 106 PRO PRO A . n 
A 1 101 ARG 101 107 107 ARG ARG A . n 
A 1 102 LYS 102 108 108 LYS LYS A . n 
A 1 103 GLY 103 109 109 GLY GLY A . n 
A 1 104 ILE 104 110 110 ILE ILE A . n 
A 1 105 TYR 105 111 111 TYR TYR A . n 
A 1 106 SER 106 112 112 SER SER A . n 
A 1 107 PHE 107 113 113 PHE PHE A . n 
A 1 108 SER 108 114 114 SER SER A . n 
A 1 109 PHE 109 115 115 PHE PHE A . n 
A 1 110 HIS 110 116 116 HIS HIS A . n 
A 1 111 VAL 111 117 117 VAL VAL A . n 
A 1 112 ILE 112 118 118 ILE ILE A . n 
A 1 113 LYS 113 119 119 LYS LYS A . n 
A 1 114 VAL 114 120 120 VAL VAL A . n 
A 1 115 TYR 115 121 121 TYR TYR A . n 
A 1 116 GLN 116 122 122 GLN GLN A . n 
A 1 117 SER 117 123 123 SER SER A . n 
A 1 118 GLN 118 124 124 GLN GLN A . n 
A 1 119 THR 119 125 125 THR THR A . n 
A 1 120 ILE 120 126 126 ILE ILE A . n 
A 1 121 GLN 121 127 127 GLN GLN A . n 
A 1 122 VAL 122 128 128 VAL VAL A . n 
A 1 123 ASN 123 129 129 ASN ASN A . n 
A 1 124 LEU 124 130 130 LEU LEU A . n 
A 1 125 MET 125 131 131 MET MET A . n 
A 1 126 LEU 126 132 132 LEU LEU A . n 
A 1 127 ASN 127 133 133 ASN ASN A . n 
A 1 128 GLY 128 134 134 GLY GLY A . n 
A 1 129 LYS 129 135 135 LYS LYS A . n 
A 1 130 PRO 130 136 136 PRO PRO A . n 
A 1 131 VAL 131 137 137 VAL VAL A . n 
A 1 132 ILE 132 138 138 ILE ILE A . n 
A 1 133 SER 133 139 139 SER SER A . n 
A 1 134 ALA 134 140 140 ALA ALA A . n 
A 1 135 PHE 135 141 141 PHE PHE A . n 
A 1 136 ALA 136 142 142 ALA ALA A . n 
A 1 137 GLY 137 143 143 GLY GLY A . n 
A 1 138 ASP 138 144 144 ASP ASP A . n 
A 1 139 LYS 139 145 145 LYS LYS A . n 
A 1 140 ASP 140 146 146 ASP ASP A . n 
A 1 141 VAL 141 147 147 VAL VAL A . n 
A 1 142 THR 142 148 148 THR THR A . n 
A 1 143 ARG 143 149 149 ARG ARG A . n 
A 1 144 GLU 144 150 150 GLU GLU A . n 
A 1 145 ALA 145 151 151 ALA ALA A . n 
A 1 146 ALA 146 152 152 ALA ALA A . n 
A 1 147 THR 147 153 153 THR THR A . n 
A 1 148 ASN 148 154 154 ASN ASN A . n 
A 1 149 GLY 149 155 155 GLY GLY A . n 
A 1 150 VAL 150 156 156 VAL VAL A . n 
A 1 151 LEU 151 157 157 LEU LEU A . n 
A 1 152 LEU 152 158 158 LEU LEU A . n 
A 1 153 TYR 153 159 159 TYR TYR A . n 
A 1 154 LEU 154 160 160 LEU LEU A . n 
A 1 155 ASP 155 161 161 ASP ASP A . n 
A 1 156 LYS 156 162 162 LYS LYS A . n 
A 1 157 GLU 157 163 163 GLU GLU A . n 
A 1 158 ASP 158 164 164 ASP ASP A . n 
A 1 159 LYS 159 165 165 LYS LYS A . n 
A 1 160 VAL 160 166 166 VAL VAL A . n 
A 1 161 TYR 161 167 167 TYR TYR A . n 
A 1 162 LEU 162 168 168 LEU LEU A . n 
A 1 163 LYS 163 169 169 LYS LYS A . n 
A 1 164 LEU 164 170 170 LEU LEU A . n 
A 1 165 GLU 165 171 171 GLU GLU A . n 
A 1 166 LYS 166 172 172 LYS LYS A . n 
A 1 167 GLY 167 173 173 GLY GLY A . n 
A 1 168 ASN 168 174 174 ASN ASN A . n 
A 1 169 LEU 169 175 175 LEU LEU A . n 
A 1 170 LEU 170 176 176 LEU LEU A . n 
A 1 171 GLY 171 177 177 GLY GLY A . n 
A 1 172 GLY 172 178 178 GLY GLY A . n 
A 1 173 TRP 173 179 179 TRP TRP A . n 
A 1 174 GLN 174 180 180 GLN GLN A . n 
A 1 175 TYR 175 181 181 TYR TYR A . n 
A 1 176 SER 176 182 182 SER SER A . n 
A 1 177 THR 177 183 183 THR THR A . n 
A 1 178 PHE 178 184 184 PHE PHE A . n 
A 1 179 SER 179 185 185 SER SER A . n 
A 1 180 GLY 180 186 186 GLY GLY A . n 
A 1 181 PHE 181 187 187 PHE PHE A . n 
A 1 182 LEU 182 188 188 LEU LEU A . n 
A 1 183 VAL 183 189 189 VAL VAL A . n 
A 1 184 PHE 184 190 190 PHE PHE A . n 
A 1 185 PRO 185 191 191 PRO PRO A . n 
A 1 186 LEU 186 192 192 LEU LEU A . n 
# 
loop_
_pdbx_nonpoly_scheme.asym_id 
_pdbx_nonpoly_scheme.entity_id 
_pdbx_nonpoly_scheme.mon_id 
_pdbx_nonpoly_scheme.ndb_seq_num 
_pdbx_nonpoly_scheme.pdb_seq_num 
_pdbx_nonpoly_scheme.auth_seq_num 
_pdbx_nonpoly_scheme.pdb_mon_id 
_pdbx_nonpoly_scheme.auth_mon_id 
_pdbx_nonpoly_scheme.pdb_strand_id 
_pdbx_nonpoly_scheme.pdb_ins_code 
B 2 NAG 1  201 199 NAG NAG A . 
C 3 HOH 1  301 27  HOH HOH A . 
C 3 HOH 2  302 13  HOH HOH A . 
C 3 HOH 3  303 9   HOH HOH A . 
C 3 HOH 4  304 12  HOH HOH A . 
C 3 HOH 5  305 11  HOH HOH A . 
C 3 HOH 6  306 3   HOH HOH A . 
C 3 HOH 7  307 15  HOH HOH A . 
C 3 HOH 8  308 24  HOH HOH A . 
C 3 HOH 9  309 25  HOH HOH A . 
C 3 HOH 10 310 30  HOH HOH A . 
C 3 HOH 11 311 17  HOH HOH A . 
C 3 HOH 12 312 29  HOH HOH A . 
C 3 HOH 13 313 7   HOH HOH A . 
C 3 HOH 14 314 10  HOH HOH A . 
C 3 HOH 15 315 4   HOH HOH A . 
C 3 HOH 16 316 2   HOH HOH A . 
C 3 HOH 17 317 5   HOH HOH A . 
C 3 HOH 18 318 28  HOH HOH A . 
C 3 HOH 19 319 20  HOH HOH A . 
C 3 HOH 20 320 6   HOH HOH A . 
C 3 HOH 21 321 16  HOH HOH A . 
C 3 HOH 22 322 14  HOH HOH A . 
C 3 HOH 23 323 18  HOH HOH A . 
# 
loop_
_software.citation_id 
_software.classification 
_software.compiler_name 
_software.compiler_version 
_software.contact_author 
_software.contact_author_email 
_software.date 
_software.description 
_software.dependencies 
_software.hardware 
_software.language 
_software.location 
_software.mods 
_software.name 
_software.os 
_software.os_version 
_software.type 
_software.version 
_software.pdbx_ordinal 
? refinement        ? ? ? ? ? ? ? ? ? ? ? REFMAC   ? ? ? 5.6.0117 1 
? 'data processing' ? ? ? ? ? ? ? ? ? ? ? HKL-3000 ? ? ? .        2 
? 'data scaling'    ? ? ? ? ? ? ? ? ? ? ? HKL-3000 ? ? ? .        3 
? phasing           ? ? ? ? ? ? ? ? ? ? ? PHENIX   ? ? ? .        4 
# 
_cell.angle_alpha                  90.00 
_cell.angle_alpha_esd              ? 
_cell.angle_beta                   90.00 
_cell.angle_beta_esd               ? 
_cell.angle_gamma                  90.00 
_cell.angle_gamma_esd              ? 
_cell.entry_id                     5H4B 
_cell.details                      ? 
_cell.formula_units_Z              ? 
_cell.length_a                     132.357 
_cell.length_a_esd                 ? 
_cell.length_b                     132.357 
_cell.length_b_esd                 ? 
_cell.length_c                     132.357 
_cell.length_c_esd                 ? 
_cell.volume                       ? 
_cell.volume_esd                   ? 
_cell.Z_PDB                        24 
_cell.reciprocal_angle_alpha       ? 
_cell.reciprocal_angle_beta        ? 
_cell.reciprocal_angle_gamma       ? 
_cell.reciprocal_angle_alpha_esd   ? 
_cell.reciprocal_angle_beta_esd    ? 
_cell.reciprocal_angle_gamma_esd   ? 
_cell.reciprocal_length_a          ? 
_cell.reciprocal_length_b          ? 
_cell.reciprocal_length_c          ? 
_cell.reciprocal_length_a_esd      ? 
_cell.reciprocal_length_b_esd      ? 
_cell.reciprocal_length_c_esd      ? 
_cell.pdbx_unique_axis             ? 
# 
_symmetry.entry_id                         5H4B 
_symmetry.cell_setting                     ? 
_symmetry.Int_Tables_number                212 
_symmetry.space_group_name_Hall            ? 
_symmetry.space_group_name_H-M             'P 43 3 2' 
_symmetry.pdbx_full_space_group_name_H-M   ? 
# 
_exptl.absorpt_coefficient_mu     ? 
_exptl.absorpt_correction_T_max   ? 
_exptl.absorpt_correction_T_min   ? 
_exptl.absorpt_correction_type    ? 
_exptl.absorpt_process_details    ? 
_exptl.entry_id                   5H4B 
_exptl.crystals_number            1 
_exptl.details                    ? 
_exptl.method                     'X-RAY DIFFRACTION' 
_exptl.method_details             ? 
# 
_exptl_crystal.colour                      ? 
_exptl_crystal.density_diffrn              ? 
_exptl_crystal.density_Matthews            4.69 
_exptl_crystal.density_method              ? 
_exptl_crystal.density_percent_sol         73.75 
_exptl_crystal.description                 ? 
_exptl_crystal.F_000                       ? 
_exptl_crystal.id                          1 
_exptl_crystal.preparation                 ? 
_exptl_crystal.size_max                    ? 
_exptl_crystal.size_mid                    ? 
_exptl_crystal.size_min                    ? 
_exptl_crystal.size_rad                    ? 
_exptl_crystal.colour_lustre               ? 
_exptl_crystal.colour_modifier             ? 
_exptl_crystal.colour_primary              ? 
_exptl_crystal.density_meas                ? 
_exptl_crystal.density_meas_esd            ? 
_exptl_crystal.density_meas_gt             ? 
_exptl_crystal.density_meas_lt             ? 
_exptl_crystal.density_meas_temp           ? 
_exptl_crystal.density_meas_temp_esd       ? 
_exptl_crystal.density_meas_temp_gt        ? 
_exptl_crystal.density_meas_temp_lt        ? 
_exptl_crystal.pdbx_crystal_image_url      ? 
_exptl_crystal.pdbx_crystal_image_format   ? 
_exptl_crystal.pdbx_mosaicity              ? 
_exptl_crystal.pdbx_mosaicity_esd          ? 
# 
_exptl_crystal_grow.apparatus       ? 
_exptl_crystal_grow.atmosphere      ? 
_exptl_crystal_grow.crystal_id      1 
_exptl_crystal_grow.details         ? 
_exptl_crystal_grow.method          'VAPOR DIFFUSION, HANGING DROP' 
_exptl_crystal_grow.method_ref      ? 
_exptl_crystal_grow.pH              6.2 
_exptl_crystal_grow.pressure        ? 
_exptl_crystal_grow.pressure_esd    ? 
_exptl_crystal_grow.seeding         ? 
_exptl_crystal_grow.seeding_ref     ? 
_exptl_crystal_grow.temp            298 
_exptl_crystal_grow.temp_details    ? 
_exptl_crystal_grow.temp_esd        ? 
_exptl_crystal_grow.time            ? 
_exptl_crystal_grow.pdbx_details    '2.5 M NaCl, Na/K phosphate, pH6.2' 
_exptl_crystal_grow.pdbx_pH_range   ? 
# 
_diffrn.ambient_environment    ? 
_diffrn.ambient_temp           100 
_diffrn.ambient_temp_details   ? 
_diffrn.ambient_temp_esd       ? 
_diffrn.crystal_id             1 
_diffrn.crystal_support        ? 
_diffrn.crystal_treatment      ? 
_diffrn.details                ? 
_diffrn.id                     1 
_diffrn.ambient_pressure       ? 
_diffrn.ambient_pressure_esd   ? 
_diffrn.ambient_pressure_gt    ? 
_diffrn.ambient_pressure_lt    ? 
_diffrn.ambient_temp_gt        ? 
_diffrn.ambient_temp_lt        ? 
# 
_diffrn_detector.details                      ? 
_diffrn_detector.detector                     PIXEL 
_diffrn_detector.diffrn_id                    1 
_diffrn_detector.type                         'DECTRIS PILATUS3 S 6M' 
_diffrn_detector.area_resol_mean              ? 
_diffrn_detector.dtime                        ? 
_diffrn_detector.pdbx_frames_total            ? 
_diffrn_detector.pdbx_collection_time_total   ? 
_diffrn_detector.pdbx_collection_date         2014-03-28 
# 
_diffrn_radiation.collimation                      ? 
_diffrn_radiation.diffrn_id                        1 
_diffrn_radiation.filter_edge                      ? 
_diffrn_radiation.inhomogeneity                    ? 
_diffrn_radiation.monochromator                    ? 
_diffrn_radiation.polarisn_norm                    ? 
_diffrn_radiation.polarisn_ratio                   ? 
_diffrn_radiation.probe                            ? 
_diffrn_radiation.type                             ? 
_diffrn_radiation.xray_symbol                      ? 
_diffrn_radiation.wavelength_id                    1 
_diffrn_radiation.pdbx_monochromatic_or_laue_m_l   M 
_diffrn_radiation.pdbx_wavelength_list             ? 
_diffrn_radiation.pdbx_wavelength                  ? 
_diffrn_radiation.pdbx_diffrn_protocol             'SINGLE WAVELENGTH' 
_diffrn_radiation.pdbx_analyzer                    ? 
_diffrn_radiation.pdbx_scattering_type             x-ray 
# 
_diffrn_radiation_wavelength.id           1 
_diffrn_radiation_wavelength.wavelength   0.9788 
_diffrn_radiation_wavelength.wt           1.0 
# 
_diffrn_source.current                     ? 
_diffrn_source.details                     ? 
_diffrn_source.diffrn_id                   1 
_diffrn_source.power                       ? 
_diffrn_source.size                        ? 
_diffrn_source.source                      SYNCHROTRON 
_diffrn_source.target                      ? 
_diffrn_source.type                        'NFPSS BEAMLINE BL19U1' 
_diffrn_source.voltage                     ? 
_diffrn_source.take-off_angle              ? 
_diffrn_source.pdbx_wavelength_list        0.9788 
_diffrn_source.pdbx_wavelength             ? 
_diffrn_source.pdbx_synchrotron_beamline   BL19U1 
_diffrn_source.pdbx_synchrotron_site       NFPSS 
# 
_reflns.B_iso_Wilson_estimate            ? 
_reflns.entry_id                         5H4B 
_reflns.data_reduction_details           ? 
_reflns.data_reduction_method            ? 
_reflns.d_resolution_high                2.80 
_reflns.d_resolution_low                 50.0 
_reflns.details                          ? 
_reflns.limit_h_max                      ? 
_reflns.limit_h_min                      ? 
_reflns.limit_k_max                      ? 
_reflns.limit_k_min                      ? 
_reflns.limit_l_max                      ? 
_reflns.limit_l_min                      ? 
_reflns.number_all                       ? 
_reflns.number_obs                       10335 
_reflns.observed_criterion               ? 
_reflns.observed_criterion_F_max         ? 
_reflns.observed_criterion_F_min         ? 
_reflns.observed_criterion_I_max         ? 
_reflns.observed_criterion_I_min         ? 
_reflns.observed_criterion_sigma_F       ? 
_reflns.observed_criterion_sigma_I       ? 
_reflns.percent_possible_obs             99.9 
_reflns.R_free_details                   ? 
_reflns.Rmerge_F_all                     ? 
_reflns.Rmerge_F_obs                     ? 
_reflns.Friedel_coverage                 ? 
_reflns.number_gt                        ? 
_reflns.threshold_expression             ? 
_reflns.pdbx_redundancy                  9.3 
_reflns.pdbx_Rmerge_I_obs                ? 
_reflns.pdbx_Rmerge_I_all                ? 
_reflns.pdbx_Rsym_value                  ? 
_reflns.pdbx_netI_over_av_sigmaI         ? 
_reflns.pdbx_netI_over_sigmaI            23.5 
_reflns.pdbx_res_netI_over_av_sigmaI_2   ? 
_reflns.pdbx_res_netI_over_sigmaI_2      ? 
_reflns.pdbx_chi_squared                 ? 
_reflns.pdbx_scaling_rejects             ? 
_reflns.pdbx_d_res_high_opt              ? 
_reflns.pdbx_d_res_low_opt               ? 
_reflns.pdbx_d_res_opt_method            ? 
_reflns.phase_calculation_details        ? 
_reflns.pdbx_Rrim_I_all                  ? 
_reflns.pdbx_Rpim_I_all                  ? 
_reflns.pdbx_d_opt                       ? 
_reflns.pdbx_number_measured_all         ? 
_reflns.pdbx_diffrn_id                   1 
_reflns.pdbx_ordinal                     1 
_reflns.pdbx_CC_half                     ? 
_reflns.pdbx_R_split                     ? 
# 
_reflns_shell.d_res_high                  . 
_reflns_shell.d_res_low                   ? 
_reflns_shell.meanI_over_sigI_all         ? 
_reflns_shell.meanI_over_sigI_obs         ? 
_reflns_shell.number_measured_all         ? 
_reflns_shell.number_measured_obs         ? 
_reflns_shell.number_possible             ? 
_reflns_shell.number_unique_all           ? 
_reflns_shell.number_unique_obs           ? 
_reflns_shell.percent_possible_all        ? 
_reflns_shell.percent_possible_obs        ? 
_reflns_shell.Rmerge_F_all                ? 
_reflns_shell.Rmerge_F_obs                ? 
_reflns_shell.Rmerge_I_all                ? 
_reflns_shell.Rmerge_I_obs                ? 
_reflns_shell.meanI_over_sigI_gt          ? 
_reflns_shell.meanI_over_uI_all           ? 
_reflns_shell.meanI_over_uI_gt            ? 
_reflns_shell.number_measured_gt          ? 
_reflns_shell.number_unique_gt            ? 
_reflns_shell.percent_possible_gt         ? 
_reflns_shell.Rmerge_F_gt                 ? 
_reflns_shell.Rmerge_I_gt                 ? 
_reflns_shell.pdbx_redundancy             ? 
_reflns_shell.pdbx_Rsym_value             ? 
_reflns_shell.pdbx_chi_squared            ? 
_reflns_shell.pdbx_netI_over_sigmaI_all   ? 
_reflns_shell.pdbx_netI_over_sigmaI_obs   ? 
_reflns_shell.pdbx_Rrim_I_all             ? 
_reflns_shell.pdbx_Rpim_I_all             ? 
_reflns_shell.pdbx_rejects                ? 
_reflns_shell.pdbx_ordinal                1 
_reflns_shell.pdbx_diffrn_id              1 
_reflns_shell.pdbx_CC_half                ? 
_reflns_shell.pdbx_R_split                ? 
# 
_refine.aniso_B[1][1]                            ? 
_refine.aniso_B[1][2]                            ? 
_refine.aniso_B[1][3]                            ? 
_refine.aniso_B[2][2]                            ? 
_refine.aniso_B[2][3]                            ? 
_refine.aniso_B[3][3]                            ? 
_refine.B_iso_max                                ? 
_refine.B_iso_mean                               54.141 
_refine.B_iso_min                                ? 
_refine.correlation_coeff_Fo_to_Fc               0.931 
_refine.correlation_coeff_Fo_to_Fc_free          0.923 
_refine.details                                  'HYDROGENS HAVE BEEN USED IF PRESENT IN THE INPUT' 
_refine.diff_density_max                         ? 
_refine.diff_density_max_esd                     ? 
_refine.diff_density_min                         ? 
_refine.diff_density_min_esd                     ? 
_refine.diff_density_rms                         ? 
_refine.diff_density_rms_esd                     ? 
_refine.entry_id                                 5H4B 
_refine.pdbx_refine_id                           'X-RAY DIFFRACTION' 
_refine.ls_abs_structure_details                 ? 
_refine.ls_abs_structure_Flack                   ? 
_refine.ls_abs_structure_Flack_esd               ? 
_refine.ls_abs_structure_Rogers                  ? 
_refine.ls_abs_structure_Rogers_esd              ? 
_refine.ls_d_res_high                            2.80 
_refine.ls_d_res_low                             50.0 
_refine.ls_extinction_coef                       ? 
_refine.ls_extinction_coef_esd                   ? 
_refine.ls_extinction_expression                 ? 
_refine.ls_extinction_method                     ? 
_refine.ls_goodness_of_fit_all                   ? 
_refine.ls_goodness_of_fit_all_esd               ? 
_refine.ls_goodness_of_fit_obs                   ? 
_refine.ls_goodness_of_fit_obs_esd               ? 
_refine.ls_hydrogen_treatment                    ? 
_refine.ls_matrix_type                           ? 
_refine.ls_number_constraints                    ? 
_refine.ls_number_parameters                     ? 
_refine.ls_number_reflns_all                     ? 
_refine.ls_number_reflns_obs                     9781 
_refine.ls_number_reflns_R_free                  493 
_refine.ls_number_reflns_R_work                  ? 
_refine.ls_number_restraints                     ? 
_refine.ls_percent_reflns_obs                    99.57 
_refine.ls_percent_reflns_R_free                 4.8 
_refine.ls_R_factor_all                          ? 
_refine.ls_R_factor_obs                          0.20850 
_refine.ls_R_factor_R_free                       0.23282 
_refine.ls_R_factor_R_free_error                 ? 
_refine.ls_R_factor_R_free_error_details         ? 
_refine.ls_R_factor_R_work                       0.20724 
_refine.ls_R_Fsqd_factor_obs                     ? 
_refine.ls_R_I_factor_obs                        ? 
_refine.ls_redundancy_reflns_all                 ? 
_refine.ls_redundancy_reflns_obs                 ? 
_refine.ls_restrained_S_all                      ? 
_refine.ls_restrained_S_obs                      ? 
_refine.ls_shift_over_esd_max                    ? 
_refine.ls_shift_over_esd_mean                   ? 
_refine.ls_structure_factor_coef                 ? 
_refine.ls_weighting_details                     ? 
_refine.ls_weighting_scheme                      ? 
_refine.ls_wR_factor_all                         ? 
_refine.ls_wR_factor_obs                         ? 
_refine.ls_wR_factor_R_free                      ? 
_refine.ls_wR_factor_R_work                      ? 
_refine.occupancy_max                            ? 
_refine.occupancy_min                            ? 
_refine.solvent_model_details                    MASK 
_refine.solvent_model_param_bsol                 ? 
_refine.solvent_model_param_ksol                 ? 
_refine.ls_R_factor_gt                           ? 
_refine.ls_goodness_of_fit_gt                    ? 
_refine.ls_goodness_of_fit_ref                   ? 
_refine.ls_shift_over_su_max                     ? 
_refine.ls_shift_over_su_max_lt                  ? 
_refine.ls_shift_over_su_mean                    ? 
_refine.ls_shift_over_su_mean_lt                 ? 
_refine.pdbx_ls_sigma_I                          ? 
_refine.pdbx_ls_sigma_F                          ? 
_refine.pdbx_ls_sigma_Fsqd                       ? 
_refine.pdbx_data_cutoff_high_absF               ? 
_refine.pdbx_data_cutoff_high_rms_absF           ? 
_refine.pdbx_data_cutoff_low_absF                ? 
_refine.pdbx_isotropic_thermal_model             ? 
_refine.pdbx_ls_cross_valid_method               THROUGHOUT 
_refine.pdbx_method_to_determine_struct          ? 
_refine.pdbx_starting_model                      ? 
_refine.pdbx_stereochemistry_target_values       'MAXIMUM LIKELIHOOD' 
_refine.pdbx_R_Free_selection_details            RANDOM 
_refine.pdbx_stereochem_target_val_spec_case     ? 
_refine.pdbx_overall_ESU_R                       0.270 
_refine.pdbx_overall_ESU_R_Free                  0.224 
_refine.pdbx_solvent_vdw_probe_radii             1.20 
_refine.pdbx_solvent_ion_probe_radii             0.80 
_refine.pdbx_solvent_shrinkage_radii             0.80 
_refine.pdbx_real_space_R                        ? 
_refine.pdbx_density_correlation                 ? 
_refine.pdbx_pd_number_of_powder_patterns        ? 
_refine.pdbx_pd_number_of_points                 ? 
_refine.pdbx_pd_meas_number_of_points            ? 
_refine.pdbx_pd_proc_ls_prof_R_factor            ? 
_refine.pdbx_pd_proc_ls_prof_wR_factor           ? 
_refine.pdbx_pd_Marquardt_correlation_coeff      ? 
_refine.pdbx_pd_Fsqrd_R_factor                   ? 
_refine.pdbx_pd_ls_matrix_band_width             ? 
_refine.pdbx_overall_phase_error                 ? 
_refine.pdbx_overall_SU_R_free_Cruickshank_DPI   ? 
_refine.pdbx_overall_SU_R_free_Blow_DPI          ? 
_refine.pdbx_overall_SU_R_Blow_DPI               ? 
_refine.pdbx_TLS_residual_ADP_flag               ? 
_refine.pdbx_diffrn_id                           1 
_refine.overall_SU_B                             7.169 
_refine.overall_SU_ML                            0.144 
_refine.overall_SU_R_Cruickshank_DPI             ? 
_refine.overall_SU_R_free                        ? 
_refine.overall_FOM_free_R_set                   ? 
_refine.overall_FOM_work_R_set                   ? 
_refine.pdbx_average_fsc_overall                 ? 
_refine.pdbx_average_fsc_work                    ? 
_refine.pdbx_average_fsc_free                    ? 
# 
_refine_hist.pdbx_refine_id                   'X-RAY DIFFRACTION' 
_refine_hist.cycle_id                         1 
_refine_hist.pdbx_number_atoms_protein        1077 
_refine_hist.pdbx_number_atoms_nucleic_acid   0 
_refine_hist.pdbx_number_atoms_ligand         14 
_refine_hist.number_atoms_solvent             23 
_refine_hist.number_atoms_total               1114 
_refine_hist.d_res_high                       2.80 
_refine_hist.d_res_low                        50.0 
# 
loop_
_refine_ls_restr.pdbx_refine_id 
_refine_ls_restr.criterion 
_refine_ls_restr.dev_ideal 
_refine_ls_restr.dev_ideal_target 
_refine_ls_restr.number 
_refine_ls_restr.rejects 
_refine_ls_restr.type 
_refine_ls_restr.weight 
_refine_ls_restr.pdbx_restraint_function 
'X-RAY DIFFRACTION' ? 0.014  0.020  1116 ? r_bond_refined_d             ? ? 
'X-RAY DIFFRACTION' ? ?      ?      ?    ? r_bond_other_d               ? ? 
'X-RAY DIFFRACTION' ? 1.299  1.964  1511 ? r_angle_refined_deg          ? ? 
'X-RAY DIFFRACTION' ? ?      ?      ?    ? r_angle_other_deg            ? ? 
'X-RAY DIFFRACTION' ? 6.569  5.000  135  ? r_dihedral_angle_1_deg       ? ? 
'X-RAY DIFFRACTION' ? 34.351 24.286 49   ? r_dihedral_angle_2_deg       ? ? 
'X-RAY DIFFRACTION' ? 18.141 15.000 187  ? r_dihedral_angle_3_deg       ? ? 
'X-RAY DIFFRACTION' ? 11.146 15.000 4    ? r_dihedral_angle_4_deg       ? ? 
'X-RAY DIFFRACTION' ? 0.090  0.200  172  ? r_chiral_restr               ? ? 
'X-RAY DIFFRACTION' ? 0.006  0.021  837  ? r_gen_planes_refined         ? ? 
'X-RAY DIFFRACTION' ? ?      ?      ?    ? r_gen_planes_other           ? ? 
'X-RAY DIFFRACTION' ? ?      ?      ?    ? r_nbd_refined                ? ? 
'X-RAY DIFFRACTION' ? ?      ?      ?    ? r_nbd_other                  ? ? 
'X-RAY DIFFRACTION' ? ?      ?      ?    ? r_nbtor_refined              ? ? 
'X-RAY DIFFRACTION' ? ?      ?      ?    ? r_nbtor_other                ? ? 
'X-RAY DIFFRACTION' ? ?      ?      ?    ? r_xyhbond_nbd_refined        ? ? 
'X-RAY DIFFRACTION' ? ?      ?      ?    ? r_xyhbond_nbd_other          ? ? 
'X-RAY DIFFRACTION' ? ?      ?      ?    ? r_metal_ion_refined          ? ? 
'X-RAY DIFFRACTION' ? ?      ?      ?    ? r_metal_ion_other            ? ? 
'X-RAY DIFFRACTION' ? ?      ?      ?    ? r_symmetry_vdw_refined       ? ? 
'X-RAY DIFFRACTION' ? ?      ?      ?    ? r_symmetry_vdw_other         ? ? 
'X-RAY DIFFRACTION' ? ?      ?      ?    ? r_symmetry_hbond_refined     ? ? 
'X-RAY DIFFRACTION' ? ?      ?      ?    ? r_symmetry_hbond_other       ? ? 
'X-RAY DIFFRACTION' ? ?      ?      ?    ? r_symmetry_metal_ion_refined ? ? 
'X-RAY DIFFRACTION' ? ?      ?      ?    ? r_symmetry_metal_ion_other   ? ? 
'X-RAY DIFFRACTION' ? ?      ?      ?    ? r_mcbond_it                  ? ? 
'X-RAY DIFFRACTION' ? ?      ?      ?    ? r_mcbond_other               ? ? 
'X-RAY DIFFRACTION' ? ?      ?      ?    ? r_mcangle_it                 ? ? 
'X-RAY DIFFRACTION' ? ?      ?      ?    ? r_mcangle_other              ? ? 
'X-RAY DIFFRACTION' ? ?      ?      ?    ? r_scbond_it                  ? ? 
'X-RAY DIFFRACTION' ? ?      ?      ?    ? r_scbond_other               ? ? 
'X-RAY DIFFRACTION' ? ?      ?      ?    ? r_scangle_it                 ? ? 
'X-RAY DIFFRACTION' ? ?      ?      ?    ? r_scangle_other              ? ? 
'X-RAY DIFFRACTION' ? ?      ?      ?    ? r_long_range_B_refined       ? ? 
'X-RAY DIFFRACTION' ? ?      ?      ?    ? r_long_range_B_other         ? ? 
'X-RAY DIFFRACTION' ? ?      ?      ?    ? r_rigid_bond_restr           ? ? 
'X-RAY DIFFRACTION' ? ?      ?      ?    ? r_sphericity_free            ? ? 
'X-RAY DIFFRACTION' ? ?      ?      ?    ? r_sphericity_bonded          ? ? 
# 
_refine_ls_shell.pdbx_refine_id                   'X-RAY DIFFRACTION' 
_refine_ls_shell.d_res_high                       2.795 
_refine_ls_shell.d_res_low                        2.868 
_refine_ls_shell.number_reflns_all                ? 
_refine_ls_shell.number_reflns_obs                ? 
_refine_ls_shell.number_reflns_R_free             38 
_refine_ls_shell.number_reflns_R_work             586 
_refine_ls_shell.percent_reflns_obs               100.00 
_refine_ls_shell.percent_reflns_R_free            ? 
_refine_ls_shell.R_factor_all                     ? 
_refine_ls_shell.R_factor_obs                     ? 
_refine_ls_shell.R_factor_R_free                  0.512 
_refine_ls_shell.R_factor_R_free_error            ? 
_refine_ls_shell.R_factor_R_work                  0.306 
_refine_ls_shell.redundancy_reflns_all            ? 
_refine_ls_shell.redundancy_reflns_obs            ? 
_refine_ls_shell.wR_factor_all                    ? 
_refine_ls_shell.wR_factor_obs                    ? 
_refine_ls_shell.wR_factor_R_free                 ? 
_refine_ls_shell.wR_factor_R_work                 ? 
_refine_ls_shell.pdbx_total_number_of_bins_used   20 
_refine_ls_shell.pdbx_phase_error                 ? 
_refine_ls_shell.pdbx_fsc_work                    ? 
_refine_ls_shell.pdbx_fsc_free                    ? 
# 
_struct.entry_id                     5H4B 
_struct.title                        'Crystal structure of Cbln4' 
_struct.pdbx_model_details           ? 
_struct.pdbx_formula_weight          ? 
_struct.pdbx_formula_weight_method   ? 
_struct.pdbx_model_type_details      ? 
_struct.pdbx_CASP_flag               N 
# 
_struct_keywords.entry_id        5H4B 
_struct_keywords.text            
'Cbln1, Cbln4, C1q domain, C1q/TNF superfamily, neurexin, receptor specificity, synaptogenesis, PROTEIN BINDING' 
_struct_keywords.pdbx_keywords   'PROTEIN BINDING' 
# 
loop_
_struct_asym.id 
_struct_asym.pdbx_blank_PDB_chainid_flag 
_struct_asym.pdbx_modified 
_struct_asym.entity_id 
_struct_asym.details 
A N N 1 ? 
B N N 2 ? 
C N N 3 ? 
# 
_struct_ref.id                         1 
_struct_ref.db_name                    UNP 
_struct_ref.db_code                    CBLN4_MOUSE 
_struct_ref.pdbx_db_accession          Q8BME9 
_struct_ref.pdbx_db_isoform            ? 
_struct_ref.entity_id                  1 
_struct_ref.pdbx_seq_one_letter_code   
;QNDTEPIVLEGKCLVVCDSNPATDSKGSSSSPLGISVRAANSKVAFSAVRSTNHEPSEMSNKTRIIYFDQILVNVGNFFT
LESVFVAPRKGIYSFSFHVIKVYQSQTIQVNLMLNGKPVISAFAGDKDVTREAATNGVLLYLDKEDKVYLKLEKGNLLGG
WQYSTFSGFLVFPL
;
_struct_ref.pdbx_align_begin           25 
# 
_struct_ref_seq.align_id                      1 
_struct_ref_seq.ref_id                        1 
_struct_ref_seq.pdbx_PDB_id_code              5H4B 
_struct_ref_seq.pdbx_strand_id                A 
_struct_ref_seq.seq_align_beg                 13 
_struct_ref_seq.pdbx_seq_align_beg_ins_code   ? 
_struct_ref_seq.seq_align_end                 186 
_struct_ref_seq.pdbx_seq_align_end_ins_code   ? 
_struct_ref_seq.pdbx_db_accession             Q8BME9 
_struct_ref_seq.db_align_beg                  25 
_struct_ref_seq.pdbx_db_align_beg_ins_code    ? 
_struct_ref_seq.db_align_end                  198 
_struct_ref_seq.pdbx_db_align_end_ins_code    ? 
_struct_ref_seq.pdbx_auth_seq_align_beg       19 
_struct_ref_seq.pdbx_auth_seq_align_end       192 
# 
loop_
_struct_ref_seq_dif.align_id 
_struct_ref_seq_dif.pdbx_pdb_id_code 
_struct_ref_seq_dif.mon_id 
_struct_ref_seq_dif.pdbx_pdb_strand_id 
_struct_ref_seq_dif.seq_num 
_struct_ref_seq_dif.pdbx_pdb_ins_code 
_struct_ref_seq_dif.pdbx_seq_db_name 
_struct_ref_seq_dif.pdbx_seq_db_accession_code 
_struct_ref_seq_dif.db_mon_id 
_struct_ref_seq_dif.pdbx_seq_db_seq_num 
_struct_ref_seq_dif.details 
_struct_ref_seq_dif.pdbx_auth_seq_num 
_struct_ref_seq_dif.pdbx_ordinal 
1 5H4B LEU A 1  ? UNP Q8BME9 ? ? 'expression tag' 7  1  
1 5H4B GLN A 2  ? UNP Q8BME9 ? ? 'expression tag' 8  2  
1 5H4B HIS A 3  ? UNP Q8BME9 ? ? 'expression tag' 9  3  
1 5H4B HIS A 4  ? UNP Q8BME9 ? ? 'expression tag' 10 4  
1 5H4B HIS A 5  ? UNP Q8BME9 ? ? 'expression tag' 11 5  
1 5H4B HIS A 6  ? UNP Q8BME9 ? ? 'expression tag' 12 6  
1 5H4B HIS A 7  ? UNP Q8BME9 ? ? 'expression tag' 13 7  
1 5H4B HIS A 8  ? UNP Q8BME9 ? ? 'expression tag' 14 8  
1 5H4B HIS A 9  ? UNP Q8BME9 ? ? 'expression tag' 15 9  
1 5H4B HIS A 10 ? UNP Q8BME9 ? ? 'expression tag' 16 10 
1 5H4B ALA A 11 ? UNP Q8BME9 ? ? 'expression tag' 17 11 
1 5H4B SER A 12 ? UNP Q8BME9 ? ? 'expression tag' 18 12 
# 
_pdbx_struct_assembly.id                   1 
_pdbx_struct_assembly.details              author_and_software_defined_assembly 
_pdbx_struct_assembly.method_details       PISA 
_pdbx_struct_assembly.oligomeric_details   trimeric 
_pdbx_struct_assembly.oligomeric_count     3 
# 
loop_
_pdbx_struct_assembly_prop.biol_id 
_pdbx_struct_assembly_prop.type 
_pdbx_struct_assembly_prop.value 
_pdbx_struct_assembly_prop.details 
1 'ABSA (A^2)' 5640  ? 
1 MORE         -29   ? 
1 'SSA (A^2)'  16540 ? 
# 
_pdbx_struct_assembly_gen.assembly_id       1 
_pdbx_struct_assembly_gen.oper_expression   1,2,3 
_pdbx_struct_assembly_gen.asym_id_list      A,B,C 
# 
loop_
_pdbx_struct_oper_list.id 
_pdbx_struct_oper_list.type 
_pdbx_struct_oper_list.name 
_pdbx_struct_oper_list.symmetry_operation 
_pdbx_struct_oper_list.matrix[1][1] 
_pdbx_struct_oper_list.matrix[1][2] 
_pdbx_struct_oper_list.matrix[1][3] 
_pdbx_struct_oper_list.vector[1] 
_pdbx_struct_oper_list.matrix[2][1] 
_pdbx_struct_oper_list.matrix[2][2] 
_pdbx_struct_oper_list.matrix[2][3] 
_pdbx_struct_oper_list.vector[2] 
_pdbx_struct_oper_list.matrix[3][1] 
_pdbx_struct_oper_list.matrix[3][2] 
_pdbx_struct_oper_list.matrix[3][3] 
_pdbx_struct_oper_list.vector[3] 
1 'identity operation'         1_555 x,y,z 1.0000000000  0.0000000000  0.0000000000  0.0000000000  0.0000000000  1.0000000000 0.0000000000  0.0000000000 0.0000000000  0.0000000000  1.0000000000  0.0000000000  
2 'crystal symmetry operation' 5_555 z,x,y -0.4998560313 0.2608240593  0.8259023902  9.0865508936  -0.2886948429 0.8488705194 -0.4428025847 6.6228744133 -0.8165777585 -0.4597713034 -0.3490144881 19.5148020964 
3 'crystal symmetry operation' 9_555 y,z,x -0.4998560313 -0.2886948429 -0.8165777585 22.3893103094 0.2608240593  0.8488705194 -0.4597713034 0.9803920647 0.8259023902  -0.4428025847 -0.3490144881 2.2389704704 
# 
_struct_conf.conf_type_id            HELX_P 
_struct_conf.id                      HELX_P1 
_struct_conf.pdbx_PDB_helix_id       AA1 
_struct_conf.beg_label_comp_id       SER 
_struct_conf.beg_label_asym_id       A 
_struct_conf.beg_label_seq_id        69 
_struct_conf.pdbx_beg_PDB_ins_code   ? 
_struct_conf.end_label_comp_id       ARG 
_struct_conf.end_label_asym_id       A 
_struct_conf.end_label_seq_id        76 
_struct_conf.pdbx_end_PDB_ins_code   ? 
_struct_conf.beg_auth_comp_id        SER 
_struct_conf.beg_auth_asym_id        A 
_struct_conf.beg_auth_seq_id         75 
_struct_conf.end_auth_comp_id        ARG 
_struct_conf.end_auth_asym_id        A 
_struct_conf.end_auth_seq_id         82 
_struct_conf.pdbx_PDB_helix_class    1 
_struct_conf.details                 ? 
_struct_conf.pdbx_PDB_helix_length   8 
# 
_struct_conf_type.id          HELX_P 
_struct_conf_type.criteria    ? 
_struct_conf_type.reference   ? 
# 
_struct_conn.id                            covale1 
_struct_conn.conn_type_id                  covale 
_struct_conn.pdbx_leaving_atom_flag        one 
_struct_conn.pdbx_PDB_id                   ? 
_struct_conn.ptnr1_label_asym_id           A 
_struct_conn.ptnr1_label_comp_id           ASN 
_struct_conn.ptnr1_label_seq_id            73 
_struct_conn.ptnr1_label_atom_id           ND2 
_struct_conn.pdbx_ptnr1_label_alt_id       ? 
_struct_conn.pdbx_ptnr1_PDB_ins_code       ? 
_struct_conn.pdbx_ptnr1_standard_comp_id   ? 
_struct_conn.ptnr1_symmetry                1_555 
_struct_conn.ptnr2_label_asym_id           B 
_struct_conn.ptnr2_label_comp_id           NAG 
_struct_conn.ptnr2_label_seq_id            . 
_struct_conn.ptnr2_label_atom_id           C1 
_struct_conn.pdbx_ptnr2_label_alt_id       ? 
_struct_conn.pdbx_ptnr2_PDB_ins_code       ? 
_struct_conn.ptnr1_auth_asym_id            A 
_struct_conn.ptnr1_auth_comp_id            ASN 
_struct_conn.ptnr1_auth_seq_id             79 
_struct_conn.ptnr2_auth_asym_id            A 
_struct_conn.ptnr2_auth_comp_id            NAG 
_struct_conn.ptnr2_auth_seq_id             201 
_struct_conn.ptnr2_symmetry                1_555 
_struct_conn.pdbx_ptnr3_label_atom_id      ? 
_struct_conn.pdbx_ptnr3_label_seq_id       ? 
_struct_conn.pdbx_ptnr3_label_comp_id      ? 
_struct_conn.pdbx_ptnr3_label_asym_id      ? 
_struct_conn.pdbx_ptnr3_label_alt_id       ? 
_struct_conn.pdbx_ptnr3_PDB_ins_code       ? 
_struct_conn.details                       ? 
_struct_conn.pdbx_dist_value               1.431 
_struct_conn.pdbx_value_order              ? 
_struct_conn.pdbx_role                     N-Glycosylation 
# 
_struct_conn_type.id          covale 
_struct_conn_type.criteria    ? 
_struct_conn_type.reference   ? 
# 
_pdbx_modification_feature.ordinal                            1 
_pdbx_modification_feature.label_comp_id                      NAG 
_pdbx_modification_feature.label_asym_id                      B 
_pdbx_modification_feature.label_seq_id                       . 
_pdbx_modification_feature.label_alt_id                       ? 
_pdbx_modification_feature.modified_residue_label_comp_id     ASN 
_pdbx_modification_feature.modified_residue_label_asym_id     A 
_pdbx_modification_feature.modified_residue_label_seq_id      73 
_pdbx_modification_feature.modified_residue_label_alt_id      ? 
_pdbx_modification_feature.auth_comp_id                       NAG 
_pdbx_modification_feature.auth_asym_id                       A 
_pdbx_modification_feature.auth_seq_id                        201 
_pdbx_modification_feature.PDB_ins_code                       ? 
_pdbx_modification_feature.symmetry                           1_555 
_pdbx_modification_feature.modified_residue_auth_comp_id      ASN 
_pdbx_modification_feature.modified_residue_auth_asym_id      A 
_pdbx_modification_feature.modified_residue_auth_seq_id       79 
_pdbx_modification_feature.modified_residue_PDB_ins_code      ? 
_pdbx_modification_feature.modified_residue_symmetry          1_555 
_pdbx_modification_feature.comp_id_linking_atom               C1 
_pdbx_modification_feature.modified_residue_id_linking_atom   ND2 
_pdbx_modification_feature.modified_residue_id                ASN 
_pdbx_modification_feature.ref_pcm_id                         1 
_pdbx_modification_feature.ref_comp_id                        NAG 
_pdbx_modification_feature.type                               N-Glycosylation 
_pdbx_modification_feature.category                           Carbohydrate 
# 
loop_
_struct_mon_prot_cis.pdbx_id 
_struct_mon_prot_cis.label_comp_id 
_struct_mon_prot_cis.label_seq_id 
_struct_mon_prot_cis.label_asym_id 
_struct_mon_prot_cis.label_alt_id 
_struct_mon_prot_cis.pdbx_PDB_ins_code 
_struct_mon_prot_cis.auth_comp_id 
_struct_mon_prot_cis.auth_seq_id 
_struct_mon_prot_cis.auth_asym_id 
_struct_mon_prot_cis.pdbx_label_comp_id_2 
_struct_mon_prot_cis.pdbx_label_seq_id_2 
_struct_mon_prot_cis.pdbx_label_asym_id_2 
_struct_mon_prot_cis.pdbx_PDB_ins_code_2 
_struct_mon_prot_cis.pdbx_auth_comp_id_2 
_struct_mon_prot_cis.pdbx_auth_seq_id_2 
_struct_mon_prot_cis.pdbx_auth_asym_id_2 
_struct_mon_prot_cis.pdbx_PDB_model_num 
_struct_mon_prot_cis.pdbx_omega_angle 
1 SER 117 A . ? SER 123 A GLN 118 A ? GLN 124 A 1 15.45 
2 THR 142 A . ? THR 148 A ARG 143 A ? ARG 149 A 1 -0.84 
# 
loop_
_struct_sheet.id 
_struct_sheet.type 
_struct_sheet.number_strands 
_struct_sheet.details 
AA1 ? 5 ? 
AA2 ? 5 ? 
# 
loop_
_struct_sheet_order.sheet_id 
_struct_sheet_order.range_id_1 
_struct_sheet_order.range_id_2 
_struct_sheet_order.offset 
_struct_sheet_order.sense 
AA1 1 2 ? anti-parallel 
AA1 2 3 ? anti-parallel 
AA1 3 4 ? anti-parallel 
AA1 4 5 ? anti-parallel 
AA2 1 2 ? anti-parallel 
AA2 2 3 ? anti-parallel 
AA2 3 4 ? anti-parallel 
AA2 4 5 ? anti-parallel 
# 
loop_
_struct_sheet_range.sheet_id 
_struct_sheet_range.id 
_struct_sheet_range.beg_label_comp_id 
_struct_sheet_range.beg_label_asym_id 
_struct_sheet_range.beg_label_seq_id 
_struct_sheet_range.pdbx_beg_PDB_ins_code 
_struct_sheet_range.end_label_comp_id 
_struct_sheet_range.end_label_asym_id 
_struct_sheet_range.end_label_seq_id 
_struct_sheet_range.pdbx_end_PDB_ins_code 
_struct_sheet_range.beg_auth_comp_id 
_struct_sheet_range.beg_auth_asym_id 
_struct_sheet_range.beg_auth_seq_id 
_struct_sheet_range.end_auth_comp_id 
_struct_sheet_range.end_auth_asym_id 
_struct_sheet_range.end_auth_seq_id 
AA1 1 GLN A 82  ? VAL A 87  ? GLN A 88  VAL A 93  
AA1 2 ALA A 57  ? VAL A 61  ? ALA A 63  VAL A 67  
AA1 3 THR A 177 ? PRO A 185 ? THR A 183 PRO A 191 
AA1 4 GLY A 103 ? LYS A 113 ? GLY A 109 LYS A 119 
AA1 5 GLU A 144 ? LEU A 154 ? GLU A 150 LEU A 160 
AA2 1 PHE A 91  ? THR A 92  ? PHE A 97  THR A 98  
AA2 2 VAL A 96  ? VAL A 98  ? VAL A 102 VAL A 104 
AA2 3 LYS A 159 ? LYS A 166 ? LYS A 165 LYS A 172 
AA2 4 ILE A 120 ? LEU A 126 ? ILE A 126 LEU A 132 
AA2 5 LYS A 129 ? ALA A 136 ? LYS A 135 ALA A 142 
# 
loop_
_pdbx_struct_sheet_hbond.sheet_id 
_pdbx_struct_sheet_hbond.range_id_1 
_pdbx_struct_sheet_hbond.range_id_2 
_pdbx_struct_sheet_hbond.range_1_label_atom_id 
_pdbx_struct_sheet_hbond.range_1_label_comp_id 
_pdbx_struct_sheet_hbond.range_1_label_asym_id 
_pdbx_struct_sheet_hbond.range_1_label_seq_id 
_pdbx_struct_sheet_hbond.range_1_PDB_ins_code 
_pdbx_struct_sheet_hbond.range_1_auth_atom_id 
_pdbx_struct_sheet_hbond.range_1_auth_comp_id 
_pdbx_struct_sheet_hbond.range_1_auth_asym_id 
_pdbx_struct_sheet_hbond.range_1_auth_seq_id 
_pdbx_struct_sheet_hbond.range_2_label_atom_id 
_pdbx_struct_sheet_hbond.range_2_label_comp_id 
_pdbx_struct_sheet_hbond.range_2_label_asym_id 
_pdbx_struct_sheet_hbond.range_2_label_seq_id 
_pdbx_struct_sheet_hbond.range_2_PDB_ins_code 
_pdbx_struct_sheet_hbond.range_2_auth_atom_id 
_pdbx_struct_sheet_hbond.range_2_auth_comp_id 
_pdbx_struct_sheet_hbond.range_2_auth_asym_id 
_pdbx_struct_sheet_hbond.range_2_auth_seq_id 
AA1 1 2 O GLN A 82  ? O GLN A 88  N VAL A 61  ? N VAL A 67  
AA1 2 3 N PHE A 58  ? N PHE A 64  O GLY A 180 ? O GLY A 186 
AA1 3 4 O SER A 179 ? O SER A 185 N SER A 108 ? N SER A 114 
AA1 4 5 N GLY A 103 ? N GLY A 109 O LEU A 154 ? O LEU A 160 
AA2 1 2 N THR A 92  ? N THR A 98  O VAL A 96  ? O VAL A 102 
AA2 2 3 N PHE A 97  ? N PHE A 103 O VAL A 160 ? O VAL A 166 
AA2 3 4 O TYR A 161 ? O TYR A 167 N MET A 125 ? N MET A 131 
AA2 4 5 N LEU A 124 ? N LEU A 130 O VAL A 131 ? O VAL A 137 
# 
_pdbx_entry_details.entry_id                   5H4B 
_pdbx_entry_details.compound_details           ? 
_pdbx_entry_details.source_details             ? 
_pdbx_entry_details.nonpolymer_details         ? 
_pdbx_entry_details.sequence_details           ? 
_pdbx_entry_details.has_ligand_of_interest     ? 
_pdbx_entry_details.has_protein_modification   Y 
# 
_pdbx_validate_rmsd_bond.id                        1 
_pdbx_validate_rmsd_bond.PDB_model_num             1 
_pdbx_validate_rmsd_bond.auth_atom_id_1            CG 
_pdbx_validate_rmsd_bond.auth_asym_id_1            A 
_pdbx_validate_rmsd_bond.auth_comp_id_1            HIS 
_pdbx_validate_rmsd_bond.auth_seq_id_1             116 
_pdbx_validate_rmsd_bond.PDB_ins_code_1            ? 
_pdbx_validate_rmsd_bond.label_alt_id_1            ? 
_pdbx_validate_rmsd_bond.auth_atom_id_2            CD2 
_pdbx_validate_rmsd_bond.auth_asym_id_2            A 
_pdbx_validate_rmsd_bond.auth_comp_id_2            HIS 
_pdbx_validate_rmsd_bond.auth_seq_id_2             116 
_pdbx_validate_rmsd_bond.PDB_ins_code_2            ? 
_pdbx_validate_rmsd_bond.label_alt_id_2            ? 
_pdbx_validate_rmsd_bond.bond_value                1.410 
_pdbx_validate_rmsd_bond.bond_target_value         1.354 
_pdbx_validate_rmsd_bond.bond_deviation            0.056 
_pdbx_validate_rmsd_bond.bond_standard_deviation   0.009 
_pdbx_validate_rmsd_bond.linker_flag               N 
# 
loop_
_pdbx_validate_torsion.id 
_pdbx_validate_torsion.PDB_model_num 
_pdbx_validate_torsion.auth_comp_id 
_pdbx_validate_torsion.auth_asym_id 
_pdbx_validate_torsion.auth_seq_id 
_pdbx_validate_torsion.PDB_ins_code 
_pdbx_validate_torsion.label_alt_id 
_pdbx_validate_torsion.phi 
_pdbx_validate_torsion.psi 
1 1 ASN A 92  ? ? -158.10 63.31  
2 1 SER A 101 ? ? -152.10 -35.20 
3 1 TYR A 181 ? ? 79.60   -3.59  
# 
_pdbx_struct_mod_residue.id               1 
_pdbx_struct_mod_residue.label_asym_id    B 
_pdbx_struct_mod_residue.label_comp_id    NAG 
_pdbx_struct_mod_residue.label_seq_id     ? 
_pdbx_struct_mod_residue.auth_asym_id     A 
_pdbx_struct_mod_residue.auth_comp_id     NAG 
_pdbx_struct_mod_residue.auth_seq_id      201 
_pdbx_struct_mod_residue.PDB_ins_code     ? 
_pdbx_struct_mod_residue.parent_comp_id   NAG 
_pdbx_struct_mod_residue.details          -D 
# 
loop_
_pdbx_unobs_or_zero_occ_residues.id 
_pdbx_unobs_or_zero_occ_residues.PDB_model_num 
_pdbx_unobs_or_zero_occ_residues.polymer_flag 
_pdbx_unobs_or_zero_occ_residues.occupancy_flag 
_pdbx_unobs_or_zero_occ_residues.auth_asym_id 
_pdbx_unobs_or_zero_occ_residues.auth_comp_id 
_pdbx_unobs_or_zero_occ_residues.auth_seq_id 
_pdbx_unobs_or_zero_occ_residues.PDB_ins_code 
_pdbx_unobs_or_zero_occ_residues.label_asym_id 
_pdbx_unobs_or_zero_occ_residues.label_comp_id 
_pdbx_unobs_or_zero_occ_residues.label_seq_id 
1  1 Y 1 A LEU 7  ? A LEU 1  
2  1 Y 1 A GLN 8  ? A GLN 2  
3  1 Y 1 A HIS 9  ? A HIS 3  
4  1 Y 1 A HIS 10 ? A HIS 4  
5  1 Y 1 A HIS 11 ? A HIS 5  
6  1 Y 1 A HIS 12 ? A HIS 6  
7  1 Y 1 A HIS 13 ? A HIS 7  
8  1 Y 1 A HIS 14 ? A HIS 8  
9  1 Y 1 A HIS 15 ? A HIS 9  
10 1 Y 1 A HIS 16 ? A HIS 10 
11 1 Y 1 A ALA 17 ? A ALA 11 
12 1 Y 1 A SER 18 ? A SER 12 
13 1 Y 1 A GLN 19 ? A GLN 13 
14 1 Y 1 A ASN 20 ? A ASN 14 
15 1 Y 1 A ASP 21 ? A ASP 15 
16 1 Y 1 A THR 22 ? A THR 16 
17 1 Y 1 A GLU 23 ? A GLU 17 
18 1 Y 1 A PRO 24 ? A PRO 18 
19 1 Y 1 A ILE 25 ? A ILE 19 
20 1 Y 1 A VAL 26 ? A VAL 20 
21 1 Y 1 A LEU 27 ? A LEU 21 
22 1 Y 1 A GLU 28 ? A GLU 22 
23 1 Y 1 A GLY 29 ? A GLY 23 
24 1 Y 1 A LYS 30 ? A LYS 24 
25 1 Y 1 A CYS 31 ? A CYS 25 
26 1 Y 1 A LEU 32 ? A LEU 26 
27 1 Y 1 A VAL 33 ? A VAL 27 
28 1 Y 1 A VAL 34 ? A VAL 28 
29 1 Y 1 A CYS 35 ? A CYS 29 
30 1 Y 1 A ASP 36 ? A ASP 30 
31 1 Y 1 A SER 37 ? A SER 31 
32 1 Y 1 A ASN 38 ? A ASN 32 
33 1 Y 1 A PRO 39 ? A PRO 33 
34 1 Y 1 A ALA 40 ? A ALA 34 
35 1 Y 1 A THR 41 ? A THR 35 
36 1 Y 1 A ASP 42 ? A ASP 36 
37 1 Y 1 A SER 43 ? A SER 37 
38 1 Y 1 A LYS 44 ? A LYS 38 
39 1 Y 1 A GLY 45 ? A GLY 39 
40 1 Y 1 A SER 46 ? A SER 40 
41 1 Y 1 A SER 47 ? A SER 41 
42 1 Y 1 A SER 48 ? A SER 42 
43 1 Y 1 A SER 49 ? A SER 43 
44 1 Y 1 A PRO 50 ? A PRO 44 
45 1 Y 1 A LEU 51 ? A LEU 45 
46 1 Y 1 A GLY 52 ? A GLY 46 
47 1 Y 1 A ILE 53 ? A ILE 47 
48 1 Y 1 A SER 54 ? A SER 48 
49 1 Y 1 A VAL 55 ? A VAL 49 
50 1 Y 1 A ARG 56 ? A ARG 50 
# 
loop_
_chem_comp_atom.comp_id 
_chem_comp_atom.atom_id 
_chem_comp_atom.type_symbol 
_chem_comp_atom.pdbx_aromatic_flag 
_chem_comp_atom.pdbx_stereo_config 
_chem_comp_atom.pdbx_ordinal 
ALA N    N N N 1   
ALA CA   C N S 2   
ALA C    C N N 3   
ALA O    O N N 4   
ALA CB   C N N 5   
ALA OXT  O N N 6   
ALA H    H N N 7   
ALA H2   H N N 8   
ALA HA   H N N 9   
ALA HB1  H N N 10  
ALA HB2  H N N 11  
ALA HB3  H N N 12  
ALA HXT  H N N 13  
ARG N    N N N 14  
ARG CA   C N S 15  
ARG C    C N N 16  
ARG O    O N N 17  
ARG CB   C N N 18  
ARG CG   C N N 19  
ARG CD   C N N 20  
ARG NE   N N N 21  
ARG CZ   C N N 22  
ARG NH1  N N N 23  
ARG NH2  N N N 24  
ARG OXT  O N N 25  
ARG H    H N N 26  
ARG H2   H N N 27  
ARG HA   H N N 28  
ARG HB2  H N N 29  
ARG HB3  H N N 30  
ARG HG2  H N N 31  
ARG HG3  H N N 32  
ARG HD2  H N N 33  
ARG HD3  H N N 34  
ARG HE   H N N 35  
ARG HH11 H N N 36  
ARG HH12 H N N 37  
ARG HH21 H N N 38  
ARG HH22 H N N 39  
ARG HXT  H N N 40  
ASN N    N N N 41  
ASN CA   C N S 42  
ASN C    C N N 43  
ASN O    O N N 44  
ASN CB   C N N 45  
ASN CG   C N N 46  
ASN OD1  O N N 47  
ASN ND2  N N N 48  
ASN OXT  O N N 49  
ASN H    H N N 50  
ASN H2   H N N 51  
ASN HA   H N N 52  
ASN HB2  H N N 53  
ASN HB3  H N N 54  
ASN HD21 H N N 55  
ASN HD22 H N N 56  
ASN HXT  H N N 57  
ASP N    N N N 58  
ASP CA   C N S 59  
ASP C    C N N 60  
ASP O    O N N 61  
ASP CB   C N N 62  
ASP CG   C N N 63  
ASP OD1  O N N 64  
ASP OD2  O N N 65  
ASP OXT  O N N 66  
ASP H    H N N 67  
ASP H2   H N N 68  
ASP HA   H N N 69  
ASP HB2  H N N 70  
ASP HB3  H N N 71  
ASP HD2  H N N 72  
ASP HXT  H N N 73  
CYS N    N N N 74  
CYS CA   C N R 75  
CYS C    C N N 76  
CYS O    O N N 77  
CYS CB   C N N 78  
CYS SG   S N N 79  
CYS OXT  O N N 80  
CYS H    H N N 81  
CYS H2   H N N 82  
CYS HA   H N N 83  
CYS HB2  H N N 84  
CYS HB3  H N N 85  
CYS HG   H N N 86  
CYS HXT  H N N 87  
GLN N    N N N 88  
GLN CA   C N S 89  
GLN C    C N N 90  
GLN O    O N N 91  
GLN CB   C N N 92  
GLN CG   C N N 93  
GLN CD   C N N 94  
GLN OE1  O N N 95  
GLN NE2  N N N 96  
GLN OXT  O N N 97  
GLN H    H N N 98  
GLN H2   H N N 99  
GLN HA   H N N 100 
GLN HB2  H N N 101 
GLN HB3  H N N 102 
GLN HG2  H N N 103 
GLN HG3  H N N 104 
GLN HE21 H N N 105 
GLN HE22 H N N 106 
GLN HXT  H N N 107 
GLU N    N N N 108 
GLU CA   C N S 109 
GLU C    C N N 110 
GLU O    O N N 111 
GLU CB   C N N 112 
GLU CG   C N N 113 
GLU CD   C N N 114 
GLU OE1  O N N 115 
GLU OE2  O N N 116 
GLU OXT  O N N 117 
GLU H    H N N 118 
GLU H2   H N N 119 
GLU HA   H N N 120 
GLU HB2  H N N 121 
GLU HB3  H N N 122 
GLU HG2  H N N 123 
GLU HG3  H N N 124 
GLU HE2  H N N 125 
GLU HXT  H N N 126 
GLY N    N N N 127 
GLY CA   C N N 128 
GLY C    C N N 129 
GLY O    O N N 130 
GLY OXT  O N N 131 
GLY H    H N N 132 
GLY H2   H N N 133 
GLY HA2  H N N 134 
GLY HA3  H N N 135 
GLY HXT  H N N 136 
HIS N    N N N 137 
HIS CA   C N S 138 
HIS C    C N N 139 
HIS O    O N N 140 
HIS CB   C N N 141 
HIS CG   C Y N 142 
HIS ND1  N Y N 143 
HIS CD2  C Y N 144 
HIS CE1  C Y N 145 
HIS NE2  N Y N 146 
HIS OXT  O N N 147 
HIS H    H N N 148 
HIS H2   H N N 149 
HIS HA   H N N 150 
HIS HB2  H N N 151 
HIS HB3  H N N 152 
HIS HD1  H N N 153 
HIS HD2  H N N 154 
HIS HE1  H N N 155 
HIS HE2  H N N 156 
HIS HXT  H N N 157 
HOH O    O N N 158 
HOH H1   H N N 159 
HOH H2   H N N 160 
ILE N    N N N 161 
ILE CA   C N S 162 
ILE C    C N N 163 
ILE O    O N N 164 
ILE CB   C N S 165 
ILE CG1  C N N 166 
ILE CG2  C N N 167 
ILE CD1  C N N 168 
ILE OXT  O N N 169 
ILE H    H N N 170 
ILE H2   H N N 171 
ILE HA   H N N 172 
ILE HB   H N N 173 
ILE HG12 H N N 174 
ILE HG13 H N N 175 
ILE HG21 H N N 176 
ILE HG22 H N N 177 
ILE HG23 H N N 178 
ILE HD11 H N N 179 
ILE HD12 H N N 180 
ILE HD13 H N N 181 
ILE HXT  H N N 182 
LEU N    N N N 183 
LEU CA   C N S 184 
LEU C    C N N 185 
LEU O    O N N 186 
LEU CB   C N N 187 
LEU CG   C N N 188 
LEU CD1  C N N 189 
LEU CD2  C N N 190 
LEU OXT  O N N 191 
LEU H    H N N 192 
LEU H2   H N N 193 
LEU HA   H N N 194 
LEU HB2  H N N 195 
LEU HB3  H N N 196 
LEU HG   H N N 197 
LEU HD11 H N N 198 
LEU HD12 H N N 199 
LEU HD13 H N N 200 
LEU HD21 H N N 201 
LEU HD22 H N N 202 
LEU HD23 H N N 203 
LEU HXT  H N N 204 
LYS N    N N N 205 
LYS CA   C N S 206 
LYS C    C N N 207 
LYS O    O N N 208 
LYS CB   C N N 209 
LYS CG   C N N 210 
LYS CD   C N N 211 
LYS CE   C N N 212 
LYS NZ   N N N 213 
LYS OXT  O N N 214 
LYS H    H N N 215 
LYS H2   H N N 216 
LYS HA   H N N 217 
LYS HB2  H N N 218 
LYS HB3  H N N 219 
LYS HG2  H N N 220 
LYS HG3  H N N 221 
LYS HD2  H N N 222 
LYS HD3  H N N 223 
LYS HE2  H N N 224 
LYS HE3  H N N 225 
LYS HZ1  H N N 226 
LYS HZ2  H N N 227 
LYS HZ3  H N N 228 
LYS HXT  H N N 229 
MET N    N N N 230 
MET CA   C N S 231 
MET C    C N N 232 
MET O    O N N 233 
MET CB   C N N 234 
MET CG   C N N 235 
MET SD   S N N 236 
MET CE   C N N 237 
MET OXT  O N N 238 
MET H    H N N 239 
MET H2   H N N 240 
MET HA   H N N 241 
MET HB2  H N N 242 
MET HB3  H N N 243 
MET HG2  H N N 244 
MET HG3  H N N 245 
MET HE1  H N N 246 
MET HE2  H N N 247 
MET HE3  H N N 248 
MET HXT  H N N 249 
NAG C1   C N R 250 
NAG C2   C N R 251 
NAG C3   C N R 252 
NAG C4   C N S 253 
NAG C5   C N R 254 
NAG C6   C N N 255 
NAG C7   C N N 256 
NAG C8   C N N 257 
NAG N2   N N N 258 
NAG O1   O N N 259 
NAG O3   O N N 260 
NAG O4   O N N 261 
NAG O5   O N N 262 
NAG O6   O N N 263 
NAG O7   O N N 264 
NAG H1   H N N 265 
NAG H2   H N N 266 
NAG H3   H N N 267 
NAG H4   H N N 268 
NAG H5   H N N 269 
NAG H61  H N N 270 
NAG H62  H N N 271 
NAG H81  H N N 272 
NAG H82  H N N 273 
NAG H83  H N N 274 
NAG HN2  H N N 275 
NAG HO1  H N N 276 
NAG HO3  H N N 277 
NAG HO4  H N N 278 
NAG HO6  H N N 279 
PHE N    N N N 280 
PHE CA   C N S 281 
PHE C    C N N 282 
PHE O    O N N 283 
PHE CB   C N N 284 
PHE CG   C Y N 285 
PHE CD1  C Y N 286 
PHE CD2  C Y N 287 
PHE CE1  C Y N 288 
PHE CE2  C Y N 289 
PHE CZ   C Y N 290 
PHE OXT  O N N 291 
PHE H    H N N 292 
PHE H2   H N N 293 
PHE HA   H N N 294 
PHE HB2  H N N 295 
PHE HB3  H N N 296 
PHE HD1  H N N 297 
PHE HD2  H N N 298 
PHE HE1  H N N 299 
PHE HE2  H N N 300 
PHE HZ   H N N 301 
PHE HXT  H N N 302 
PRO N    N N N 303 
PRO CA   C N S 304 
PRO C    C N N 305 
PRO O    O N N 306 
PRO CB   C N N 307 
PRO CG   C N N 308 
PRO CD   C N N 309 
PRO OXT  O N N 310 
PRO H    H N N 311 
PRO HA   H N N 312 
PRO HB2  H N N 313 
PRO HB3  H N N 314 
PRO HG2  H N N 315 
PRO HG3  H N N 316 
PRO HD2  H N N 317 
PRO HD3  H N N 318 
PRO HXT  H N N 319 
SER N    N N N 320 
SER CA   C N S 321 
SER C    C N N 322 
SER O    O N N 323 
SER CB   C N N 324 
SER OG   O N N 325 
SER OXT  O N N 326 
SER H    H N N 327 
SER H2   H N N 328 
SER HA   H N N 329 
SER HB2  H N N 330 
SER HB3  H N N 331 
SER HG   H N N 332 
SER HXT  H N N 333 
THR N    N N N 334 
THR CA   C N S 335 
THR C    C N N 336 
THR O    O N N 337 
THR CB   C N R 338 
THR OG1  O N N 339 
THR CG2  C N N 340 
THR OXT  O N N 341 
THR H    H N N 342 
THR H2   H N N 343 
THR HA   H N N 344 
THR HB   H N N 345 
THR HG1  H N N 346 
THR HG21 H N N 347 
THR HG22 H N N 348 
THR HG23 H N N 349 
THR HXT  H N N 350 
TRP N    N N N 351 
TRP CA   C N S 352 
TRP C    C N N 353 
TRP O    O N N 354 
TRP CB   C N N 355 
TRP CG   C Y N 356 
TRP CD1  C Y N 357 
TRP CD2  C Y N 358 
TRP NE1  N Y N 359 
TRP CE2  C Y N 360 
TRP CE3  C Y N 361 
TRP CZ2  C Y N 362 
TRP CZ3  C Y N 363 
TRP CH2  C Y N 364 
TRP OXT  O N N 365 
TRP H    H N N 366 
TRP H2   H N N 367 
TRP HA   H N N 368 
TRP HB2  H N N 369 
TRP HB3  H N N 370 
TRP HD1  H N N 371 
TRP HE1  H N N 372 
TRP HE3  H N N 373 
TRP HZ2  H N N 374 
TRP HZ3  H N N 375 
TRP HH2  H N N 376 
TRP HXT  H N N 377 
TYR N    N N N 378 
TYR CA   C N S 379 
TYR C    C N N 380 
TYR O    O N N 381 
TYR CB   C N N 382 
TYR CG   C Y N 383 
TYR CD1  C Y N 384 
TYR CD2  C Y N 385 
TYR CE1  C Y N 386 
TYR CE2  C Y N 387 
TYR CZ   C Y N 388 
TYR OH   O N N 389 
TYR OXT  O N N 390 
TYR H    H N N 391 
TYR H2   H N N 392 
TYR HA   H N N 393 
TYR HB2  H N N 394 
TYR HB3  H N N 395 
TYR HD1  H N N 396 
TYR HD2  H N N 397 
TYR HE1  H N N 398 
TYR HE2  H N N 399 
TYR HH   H N N 400 
TYR HXT  H N N 401 
VAL N    N N N 402 
VAL CA   C N S 403 
VAL C    C N N 404 
VAL O    O N N 405 
VAL CB   C N N 406 
VAL CG1  C N N 407 
VAL CG2  C N N 408 
VAL OXT  O N N 409 
VAL H    H N N 410 
VAL H2   H N N 411 
VAL HA   H N N 412 
VAL HB   H N N 413 
VAL HG11 H N N 414 
VAL HG12 H N N 415 
VAL HG13 H N N 416 
VAL HG21 H N N 417 
VAL HG22 H N N 418 
VAL HG23 H N N 419 
VAL HXT  H N N 420 
# 
loop_
_chem_comp_bond.comp_id 
_chem_comp_bond.atom_id_1 
_chem_comp_bond.atom_id_2 
_chem_comp_bond.value_order 
_chem_comp_bond.pdbx_aromatic_flag 
_chem_comp_bond.pdbx_stereo_config 
_chem_comp_bond.pdbx_ordinal 
ALA N   CA   sing N N 1   
ALA N   H    sing N N 2   
ALA N   H2   sing N N 3   
ALA CA  C    sing N N 4   
ALA CA  CB   sing N N 5   
ALA CA  HA   sing N N 6   
ALA C   O    doub N N 7   
ALA C   OXT  sing N N 8   
ALA CB  HB1  sing N N 9   
ALA CB  HB2  sing N N 10  
ALA CB  HB3  sing N N 11  
ALA OXT HXT  sing N N 12  
ARG N   CA   sing N N 13  
ARG N   H    sing N N 14  
ARG N   H2   sing N N 15  
ARG CA  C    sing N N 16  
ARG CA  CB   sing N N 17  
ARG CA  HA   sing N N 18  
ARG C   O    doub N N 19  
ARG C   OXT  sing N N 20  
ARG CB  CG   sing N N 21  
ARG CB  HB2  sing N N 22  
ARG CB  HB3  sing N N 23  
ARG CG  CD   sing N N 24  
ARG CG  HG2  sing N N 25  
ARG CG  HG3  sing N N 26  
ARG CD  NE   sing N N 27  
ARG CD  HD2  sing N N 28  
ARG CD  HD3  sing N N 29  
ARG NE  CZ   sing N N 30  
ARG NE  HE   sing N N 31  
ARG CZ  NH1  sing N N 32  
ARG CZ  NH2  doub N N 33  
ARG NH1 HH11 sing N N 34  
ARG NH1 HH12 sing N N 35  
ARG NH2 HH21 sing N N 36  
ARG NH2 HH22 sing N N 37  
ARG OXT HXT  sing N N 38  
ASN N   CA   sing N N 39  
ASN N   H    sing N N 40  
ASN N   H2   sing N N 41  
ASN CA  C    sing N N 42  
ASN CA  CB   sing N N 43  
ASN CA  HA   sing N N 44  
ASN C   O    doub N N 45  
ASN C   OXT  sing N N 46  
ASN CB  CG   sing N N 47  
ASN CB  HB2  sing N N 48  
ASN CB  HB3  sing N N 49  
ASN CG  OD1  doub N N 50  
ASN CG  ND2  sing N N 51  
ASN ND2 HD21 sing N N 52  
ASN ND2 HD22 sing N N 53  
ASN OXT HXT  sing N N 54  
ASP N   CA   sing N N 55  
ASP N   H    sing N N 56  
ASP N   H2   sing N N 57  
ASP CA  C    sing N N 58  
ASP CA  CB   sing N N 59  
ASP CA  HA   sing N N 60  
ASP C   O    doub N N 61  
ASP C   OXT  sing N N 62  
ASP CB  CG   sing N N 63  
ASP CB  HB2  sing N N 64  
ASP CB  HB3  sing N N 65  
ASP CG  OD1  doub N N 66  
ASP CG  OD2  sing N N 67  
ASP OD2 HD2  sing N N 68  
ASP OXT HXT  sing N N 69  
CYS N   CA   sing N N 70  
CYS N   H    sing N N 71  
CYS N   H2   sing N N 72  
CYS CA  C    sing N N 73  
CYS CA  CB   sing N N 74  
CYS CA  HA   sing N N 75  
CYS C   O    doub N N 76  
CYS C   OXT  sing N N 77  
CYS CB  SG   sing N N 78  
CYS CB  HB2  sing N N 79  
CYS CB  HB3  sing N N 80  
CYS SG  HG   sing N N 81  
CYS OXT HXT  sing N N 82  
GLN N   CA   sing N N 83  
GLN N   H    sing N N 84  
GLN N   H2   sing N N 85  
GLN CA  C    sing N N 86  
GLN CA  CB   sing N N 87  
GLN CA  HA   sing N N 88  
GLN C   O    doub N N 89  
GLN C   OXT  sing N N 90  
GLN CB  CG   sing N N 91  
GLN CB  HB2  sing N N 92  
GLN CB  HB3  sing N N 93  
GLN CG  CD   sing N N 94  
GLN CG  HG2  sing N N 95  
GLN CG  HG3  sing N N 96  
GLN CD  OE1  doub N N 97  
GLN CD  NE2  sing N N 98  
GLN NE2 HE21 sing N N 99  
GLN NE2 HE22 sing N N 100 
GLN OXT HXT  sing N N 101 
GLU N   CA   sing N N 102 
GLU N   H    sing N N 103 
GLU N   H2   sing N N 104 
GLU CA  C    sing N N 105 
GLU CA  CB   sing N N 106 
GLU CA  HA   sing N N 107 
GLU C   O    doub N N 108 
GLU C   OXT  sing N N 109 
GLU CB  CG   sing N N 110 
GLU CB  HB2  sing N N 111 
GLU CB  HB3  sing N N 112 
GLU CG  CD   sing N N 113 
GLU CG  HG2  sing N N 114 
GLU CG  HG3  sing N N 115 
GLU CD  OE1  doub N N 116 
GLU CD  OE2  sing N N 117 
GLU OE2 HE2  sing N N 118 
GLU OXT HXT  sing N N 119 
GLY N   CA   sing N N 120 
GLY N   H    sing N N 121 
GLY N   H2   sing N N 122 
GLY CA  C    sing N N 123 
GLY CA  HA2  sing N N 124 
GLY CA  HA3  sing N N 125 
GLY C   O    doub N N 126 
GLY C   OXT  sing N N 127 
GLY OXT HXT  sing N N 128 
HIS N   CA   sing N N 129 
HIS N   H    sing N N 130 
HIS N   H2   sing N N 131 
HIS CA  C    sing N N 132 
HIS CA  CB   sing N N 133 
HIS CA  HA   sing N N 134 
HIS C   O    doub N N 135 
HIS C   OXT  sing N N 136 
HIS CB  CG   sing N N 137 
HIS CB  HB2  sing N N 138 
HIS CB  HB3  sing N N 139 
HIS CG  ND1  sing Y N 140 
HIS CG  CD2  doub Y N 141 
HIS ND1 CE1  doub Y N 142 
HIS ND1 HD1  sing N N 143 
HIS CD2 NE2  sing Y N 144 
HIS CD2 HD2  sing N N 145 
HIS CE1 NE2  sing Y N 146 
HIS CE1 HE1  sing N N 147 
HIS NE2 HE2  sing N N 148 
HIS OXT HXT  sing N N 149 
HOH O   H1   sing N N 150 
HOH O   H2   sing N N 151 
ILE N   CA   sing N N 152 
ILE N   H    sing N N 153 
ILE N   H2   sing N N 154 
ILE CA  C    sing N N 155 
ILE CA  CB   sing N N 156 
ILE CA  HA   sing N N 157 
ILE C   O    doub N N 158 
ILE C   OXT  sing N N 159 
ILE CB  CG1  sing N N 160 
ILE CB  CG2  sing N N 161 
ILE CB  HB   sing N N 162 
ILE CG1 CD1  sing N N 163 
ILE CG1 HG12 sing N N 164 
ILE CG1 HG13 sing N N 165 
ILE CG2 HG21 sing N N 166 
ILE CG2 HG22 sing N N 167 
ILE CG2 HG23 sing N N 168 
ILE CD1 HD11 sing N N 169 
ILE CD1 HD12 sing N N 170 
ILE CD1 HD13 sing N N 171 
ILE OXT HXT  sing N N 172 
LEU N   CA   sing N N 173 
LEU N   H    sing N N 174 
LEU N   H2   sing N N 175 
LEU CA  C    sing N N 176 
LEU CA  CB   sing N N 177 
LEU CA  HA   sing N N 178 
LEU C   O    doub N N 179 
LEU C   OXT  sing N N 180 
LEU CB  CG   sing N N 181 
LEU CB  HB2  sing N N 182 
LEU CB  HB3  sing N N 183 
LEU CG  CD1  sing N N 184 
LEU CG  CD2  sing N N 185 
LEU CG  HG   sing N N 186 
LEU CD1 HD11 sing N N 187 
LEU CD1 HD12 sing N N 188 
LEU CD1 HD13 sing N N 189 
LEU CD2 HD21 sing N N 190 
LEU CD2 HD22 sing N N 191 
LEU CD2 HD23 sing N N 192 
LEU OXT HXT  sing N N 193 
LYS N   CA   sing N N 194 
LYS N   H    sing N N 195 
LYS N   H2   sing N N 196 
LYS CA  C    sing N N 197 
LYS CA  CB   sing N N 198 
LYS CA  HA   sing N N 199 
LYS C   O    doub N N 200 
LYS C   OXT  sing N N 201 
LYS CB  CG   sing N N 202 
LYS CB  HB2  sing N N 203 
LYS CB  HB3  sing N N 204 
LYS CG  CD   sing N N 205 
LYS CG  HG2  sing N N 206 
LYS CG  HG3  sing N N 207 
LYS CD  CE   sing N N 208 
LYS CD  HD2  sing N N 209 
LYS CD  HD3  sing N N 210 
LYS CE  NZ   sing N N 211 
LYS CE  HE2  sing N N 212 
LYS CE  HE3  sing N N 213 
LYS NZ  HZ1  sing N N 214 
LYS NZ  HZ2  sing N N 215 
LYS NZ  HZ3  sing N N 216 
LYS OXT HXT  sing N N 217 
MET N   CA   sing N N 218 
MET N   H    sing N N 219 
MET N   H2   sing N N 220 
MET CA  C    sing N N 221 
MET CA  CB   sing N N 222 
MET CA  HA   sing N N 223 
MET C   O    doub N N 224 
MET C   OXT  sing N N 225 
MET CB  CG   sing N N 226 
MET CB  HB2  sing N N 227 
MET CB  HB3  sing N N 228 
MET CG  SD   sing N N 229 
MET CG  HG2  sing N N 230 
MET CG  HG3  sing N N 231 
MET SD  CE   sing N N 232 
MET CE  HE1  sing N N 233 
MET CE  HE2  sing N N 234 
MET CE  HE3  sing N N 235 
MET OXT HXT  sing N N 236 
NAG C1  C2   sing N N 237 
NAG C1  O1   sing N N 238 
NAG C1  O5   sing N N 239 
NAG C1  H1   sing N N 240 
NAG C2  C3   sing N N 241 
NAG C2  N2   sing N N 242 
NAG C2  H2   sing N N 243 
NAG C3  C4   sing N N 244 
NAG C3  O3   sing N N 245 
NAG C3  H3   sing N N 246 
NAG C4  C5   sing N N 247 
NAG C4  O4   sing N N 248 
NAG C4  H4   sing N N 249 
NAG C5  C6   sing N N 250 
NAG C5  O5   sing N N 251 
NAG C5  H5   sing N N 252 
NAG C6  O6   sing N N 253 
NAG C6  H61  sing N N 254 
NAG C6  H62  sing N N 255 
NAG C7  C8   sing N N 256 
NAG C7  N2   sing N N 257 
NAG C7  O7   doub N N 258 
NAG C8  H81  sing N N 259 
NAG C8  H82  sing N N 260 
NAG C8  H83  sing N N 261 
NAG N2  HN2  sing N N 262 
NAG O1  HO1  sing N N 263 
NAG O3  HO3  sing N N 264 
NAG O4  HO4  sing N N 265 
NAG O6  HO6  sing N N 266 
PHE N   CA   sing N N 267 
PHE N   H    sing N N 268 
PHE N   H2   sing N N 269 
PHE CA  C    sing N N 270 
PHE CA  CB   sing N N 271 
PHE CA  HA   sing N N 272 
PHE C   O    doub N N 273 
PHE C   OXT  sing N N 274 
PHE CB  CG   sing N N 275 
PHE CB  HB2  sing N N 276 
PHE CB  HB3  sing N N 277 
PHE CG  CD1  doub Y N 278 
PHE CG  CD2  sing Y N 279 
PHE CD1 CE1  sing Y N 280 
PHE CD1 HD1  sing N N 281 
PHE CD2 CE2  doub Y N 282 
PHE CD2 HD2  sing N N 283 
PHE CE1 CZ   doub Y N 284 
PHE CE1 HE1  sing N N 285 
PHE CE2 CZ   sing Y N 286 
PHE CE2 HE2  sing N N 287 
PHE CZ  HZ   sing N N 288 
PHE OXT HXT  sing N N 289 
PRO N   CA   sing N N 290 
PRO N   CD   sing N N 291 
PRO N   H    sing N N 292 
PRO CA  C    sing N N 293 
PRO CA  CB   sing N N 294 
PRO CA  HA   sing N N 295 
PRO C   O    doub N N 296 
PRO C   OXT  sing N N 297 
PRO CB  CG   sing N N 298 
PRO CB  HB2  sing N N 299 
PRO CB  HB3  sing N N 300 
PRO CG  CD   sing N N 301 
PRO CG  HG2  sing N N 302 
PRO CG  HG3  sing N N 303 
PRO CD  HD2  sing N N 304 
PRO CD  HD3  sing N N 305 
PRO OXT HXT  sing N N 306 
SER N   CA   sing N N 307 
SER N   H    sing N N 308 
SER N   H2   sing N N 309 
SER CA  C    sing N N 310 
SER CA  CB   sing N N 311 
SER CA  HA   sing N N 312 
SER C   O    doub N N 313 
SER C   OXT  sing N N 314 
SER CB  OG   sing N N 315 
SER CB  HB2  sing N N 316 
SER CB  HB3  sing N N 317 
SER OG  HG   sing N N 318 
SER OXT HXT  sing N N 319 
THR N   CA   sing N N 320 
THR N   H    sing N N 321 
THR N   H2   sing N N 322 
THR CA  C    sing N N 323 
THR CA  CB   sing N N 324 
THR CA  HA   sing N N 325 
THR C   O    doub N N 326 
THR C   OXT  sing N N 327 
THR CB  OG1  sing N N 328 
THR CB  CG2  sing N N 329 
THR CB  HB   sing N N 330 
THR OG1 HG1  sing N N 331 
THR CG2 HG21 sing N N 332 
THR CG2 HG22 sing N N 333 
THR CG2 HG23 sing N N 334 
THR OXT HXT  sing N N 335 
TRP N   CA   sing N N 336 
TRP N   H    sing N N 337 
TRP N   H2   sing N N 338 
TRP CA  C    sing N N 339 
TRP CA  CB   sing N N 340 
TRP CA  HA   sing N N 341 
TRP C   O    doub N N 342 
TRP C   OXT  sing N N 343 
TRP CB  CG   sing N N 344 
TRP CB  HB2  sing N N 345 
TRP CB  HB3  sing N N 346 
TRP CG  CD1  doub Y N 347 
TRP CG  CD2  sing Y N 348 
TRP CD1 NE1  sing Y N 349 
TRP CD1 HD1  sing N N 350 
TRP CD2 CE2  doub Y N 351 
TRP CD2 CE3  sing Y N 352 
TRP NE1 CE2  sing Y N 353 
TRP NE1 HE1  sing N N 354 
TRP CE2 CZ2  sing Y N 355 
TRP CE3 CZ3  doub Y N 356 
TRP CE3 HE3  sing N N 357 
TRP CZ2 CH2  doub Y N 358 
TRP CZ2 HZ2  sing N N 359 
TRP CZ3 CH2  sing Y N 360 
TRP CZ3 HZ3  sing N N 361 
TRP CH2 HH2  sing N N 362 
TRP OXT HXT  sing N N 363 
TYR N   CA   sing N N 364 
TYR N   H    sing N N 365 
TYR N   H2   sing N N 366 
TYR CA  C    sing N N 367 
TYR CA  CB   sing N N 368 
TYR CA  HA   sing N N 369 
TYR C   O    doub N N 370 
TYR C   OXT  sing N N 371 
TYR CB  CG   sing N N 372 
TYR CB  HB2  sing N N 373 
TYR CB  HB3  sing N N 374 
TYR CG  CD1  doub Y N 375 
TYR CG  CD2  sing Y N 376 
TYR CD1 CE1  sing Y N 377 
TYR CD1 HD1  sing N N 378 
TYR CD2 CE2  doub Y N 379 
TYR CD2 HD2  sing N N 380 
TYR CE1 CZ   doub Y N 381 
TYR CE1 HE1  sing N N 382 
TYR CE2 CZ   sing Y N 383 
TYR CE2 HE2  sing N N 384 
TYR CZ  OH   sing N N 385 
TYR OH  HH   sing N N 386 
TYR OXT HXT  sing N N 387 
VAL N   CA   sing N N 388 
VAL N   H    sing N N 389 
VAL N   H2   sing N N 390 
VAL CA  C    sing N N 391 
VAL CA  CB   sing N N 392 
VAL CA  HA   sing N N 393 
VAL C   O    doub N N 394 
VAL C   OXT  sing N N 395 
VAL CB  CG1  sing N N 396 
VAL CB  CG2  sing N N 397 
VAL CB  HB   sing N N 398 
VAL CG1 HG11 sing N N 399 
VAL CG1 HG12 sing N N 400 
VAL CG1 HG13 sing N N 401 
VAL CG2 HG21 sing N N 402 
VAL CG2 HG22 sing N N 403 
VAL CG2 HG23 sing N N 404 
VAL OXT HXT  sing N N 405 
# 
loop_
_pdbx_audit_support.funding_organization 
_pdbx_audit_support.country 
_pdbx_audit_support.grant_number 
_pdbx_audit_support.ordinal 
'the National Natural Science Foundation of China' China 31370726     1 
'the Ministry of Science and Technology of China'  China 2013CB910404 2 
# 
_atom_sites.entry_id                    5H4B 
_atom_sites.fract_transf_matrix[1][1]   0.00420412 
_atom_sites.fract_transf_matrix[1][2]   0.00559521 
_atom_sites.fract_transf_matrix[1][3]   0.00284554 
_atom_sites.fract_transf_matrix[2][1]   0.00170805 
_atom_sites.fract_transf_matrix[2][2]   0.00227589 
_atom_sites.fract_transf_matrix[2][3]   -0.00699864 
_atom_sites.fract_transf_matrix[3][1]   -0.00604036 
_atom_sites.fract_transf_matrix[3][2]   0.00453784 
_atom_sites.fract_transf_matrix[3][3]   0.00000149 
_atom_sites.fract_transf_vector[1]      -0.277412 
_atom_sites.fract_transf_vector[2]      -0.171428 
_atom_sites.fract_transf_vector[3]      -0.146624 
# 
loop_
_atom_type.symbol 
C 
N 
O 
S 
# 
loop_
_atom_site.group_PDB 
_atom_site.id 
_atom_site.type_symbol 
_atom_site.label_atom_id 
_atom_site.label_alt_id 
_atom_site.label_comp_id 
_atom_site.label_asym_id 
_atom_site.label_entity_id 
_atom_site.label_seq_id 
_atom_site.pdbx_PDB_ins_code 
_atom_site.Cartn_x 
_atom_site.Cartn_y 
_atom_site.Cartn_z 
_atom_site.occupancy 
_atom_site.B_iso_or_equiv 
_atom_site.pdbx_formal_charge 
_atom_site.auth_seq_id 
_atom_site.auth_comp_id 
_atom_site.auth_asym_id 
_atom_site.auth_atom_id 
_atom_site.pdbx_PDB_model_num 
ATOM   1    N N   . ALA A 1 51  ? -2.664  23.342  0.968   1.00 83.97  ? 57  ALA A N   1 
ATOM   2    C CA  . ALA A 1 51  ? -3.084  22.763  -0.303  1.00 79.98  ? 57  ALA A CA  1 
ATOM   3    C C   . ALA A 1 51  ? -2.442  23.509  -1.509  1.00 91.57  ? 57  ALA A C   1 
ATOM   4    O O   . ALA A 1 51  ? -3.092  23.630  -2.535  1.00 101.67 ? 57  ALA A O   1 
ATOM   5    C CB  . ALA A 1 51  ? -4.595  22.757  -0.405  1.00 72.58  ? 57  ALA A CB  1 
ATOM   6    N N   . ALA A 1 52  ? -1.187  23.979  -1.410  1.00 88.66  ? 58  ALA A N   1 
ATOM   7    C CA  . ALA A 1 52  ? -0.405  24.313  -2.636  1.00 78.66  ? 58  ALA A CA  1 
ATOM   8    C C   . ALA A 1 52  ? -0.101  23.018  -3.404  1.00 74.31  ? 58  ALA A C   1 
ATOM   9    O O   . ALA A 1 52  ? -0.241  21.910  -2.842  1.00 72.74  ? 58  ALA A O   1 
ATOM   10   C CB  . ALA A 1 52  ? 0.891   25.052  -2.324  1.00 65.99  ? 58  ALA A CB  1 
ATOM   11   N N   . ASN A 1 53  ? 0.278   23.135  -4.682  1.00 84.52  ? 59  ASN A N   1 
ATOM   12   C CA  . ASN A 1 53  ? 0.477   21.934  -5.479  1.00 80.78  ? 59  ASN A CA  1 
ATOM   13   C C   . ASN A 1 53  ? 1.834   21.259  -5.254  1.00 72.12  ? 59  ASN A C   1 
ATOM   14   O O   . ASN A 1 53  ? 2.150   20.228  -5.883  1.00 62.22  ? 59  ASN A O   1 
ATOM   15   C CB  . ASN A 1 53  ? 0.154   22.101  -6.951  1.00 77.38  ? 59  ASN A CB  1 
ATOM   16   C CG  . ASN A 1 53  ? -0.258  20.735  -7.587  1.00 110.53 ? 59  ASN A CG  1 
ATOM   17   O OD1 . ASN A 1 53  ? -0.691  19.769  -6.875  1.00 86.56  ? 59  ASN A OD1 1 
ATOM   18   N ND2 . ASN A 1 53  ? -0.094  20.625  -8.926  1.00 99.64  ? 59  ASN A ND2 1 
ATOM   19   N N   . SER A 1 54  ? 2.628   21.856  -4.362  1.00 54.74  ? 60  SER A N   1 
ATOM   20   C CA  . SER A 1 54  ? 3.864   21.221  -3.936  1.00 52.34  ? 60  SER A CA  1 
ATOM   21   C C   . SER A 1 54  ? 3.598   20.301  -2.730  1.00 44.55  ? 60  SER A C   1 
ATOM   22   O O   . SER A 1 54  ? 4.413   19.485  -2.375  1.00 51.34  ? 60  SER A O   1 
ATOM   23   C CB  . SER A 1 54  ? 4.904   22.266  -3.581  1.00 58.17  ? 60  SER A CB  1 
ATOM   24   O OG  . SER A 1 54  ? 4.342   23.254  -2.698  1.00 64.94  ? 60  SER A OG  1 
ATOM   25   N N   . LYS A 1 55  ? 2.419   20.443  -2.138  1.00 39.81  ? 61  LYS A N   1 
ATOM   26   C CA  . LYS A 1 55  ? 2.030   19.709  -0.955  1.00 39.24  ? 61  LYS A CA  1 
ATOM   27   C C   . LYS A 1 55  ? 1.114   18.530  -1.296  1.00 41.93  ? 61  LYS A C   1 
ATOM   28   O O   . LYS A 1 55  ? -0.077  18.689  -1.483  1.00 44.65  ? 61  LYS A O   1 
ATOM   29   C CB  . LYS A 1 55  ? 1.330   20.629  0.043   1.00 36.67  ? 61  LYS A CB  1 
ATOM   30   C CG  . LYS A 1 55  ? 2.169   21.853  0.367   1.00 41.28  ? 61  LYS A CG  1 
ATOM   31   C CD  . LYS A 1 55  ? 1.465   22.785  1.330   1.00 44.94  ? 61  LYS A CD  1 
ATOM   32   C CE  . LYS A 1 55  ? 2.323   23.999  1.628   1.00 38.57  ? 61  LYS A CE  1 
ATOM   33   N NZ  . LYS A 1 55  ? 1.629   24.849  2.643   1.00 40.40  ? 61  LYS A NZ  1 
ATOM   34   N N   . VAL A 1 56  ? 1.691   17.333  -1.349  1.00 45.32  ? 62  VAL A N   1 
ATOM   35   C CA  . VAL A 1 56  ? 0.953   16.116  -1.672  1.00 34.41  ? 62  VAL A CA  1 
ATOM   36   C C   . VAL A 1 56  ? 1.405   14.992  -0.720  1.00 36.97  ? 62  VAL A C   1 
ATOM   37   O O   . VAL A 1 56  ? 2.603   14.636  -0.667  1.00 35.86  ? 62  VAL A O   1 
ATOM   38   C CB  . VAL A 1 56  ? 1.201   15.651  -3.102  1.00 33.46  ? 62  VAL A CB  1 
ATOM   39   C CG1 . VAL A 1 56  ? 0.450   14.315  -3.357  1.00 27.64  ? 62  VAL A CG1 1 
ATOM   40   C CG2 . VAL A 1 56  ? 0.780   16.739  -4.079  1.00 32.14  ? 62  VAL A CG2 1 
ATOM   41   N N   . ALA A 1 57  ? 0.441   14.412  0.014   1.00 34.25  ? 63  ALA A N   1 
ATOM   42   C CA  . ALA A 1 57  ? 0.733   13.354  0.956   1.00 30.16  ? 63  ALA A CA  1 
ATOM   43   C C   . ALA A 1 57  ? -0.500  12.547  1.277   1.00 32.89  ? 63  ALA A C   1 
ATOM   44   O O   . ALA A 1 57  ? -1.645  13.053  1.261   1.00 33.55  ? 63  ALA A O   1 
ATOM   45   C CB  . ALA A 1 57  ? 1.343   13.941  2.243   1.00 29.60  ? 63  ALA A CB  1 
ATOM   46   N N   . PHE A 1 58  ? -0.275  11.288  1.645   1.00 32.76  ? 64  PHE A N   1 
ATOM   47   C CA  . PHE A 1 58  ? -1.383  10.449  2.131   1.00 34.99  ? 64  PHE A CA  1 
ATOM   48   C C   . PHE A 1 58  ? -0.851  9.419   3.135   1.00 36.88  ? 64  PHE A C   1 
ATOM   49   O O   . PHE A 1 58  ? 0.338   9.043   3.095   1.00 32.17  ? 64  PHE A O   1 
ATOM   50   C CB  . PHE A 1 58  ? -2.085  9.730   0.982   1.00 30.36  ? 64  PHE A CB  1 
ATOM   51   C CG  . PHE A 1 58  ? -1.340  8.552   0.463   1.00 32.93  ? 64  PHE A CG  1 
ATOM   52   C CD1 . PHE A 1 58  ? -0.325  8.702   -0.493  1.00 30.69  ? 64  PHE A CD1 1 
ATOM   53   C CD2 . PHE A 1 58  ? -1.630  7.268   0.954   1.00 33.41  ? 64  PHE A CD2 1 
ATOM   54   C CE1 . PHE A 1 58  ? 0.368   7.579   -0.965  1.00 31.88  ? 64  PHE A CE1 1 
ATOM   55   C CE2 . PHE A 1 58  ? -0.913  6.153   0.488   1.00 34.15  ? 64  PHE A CE2 1 
ATOM   56   C CZ  . PHE A 1 58  ? 0.074   6.309   -0.485  1.00 30.49  ? 64  PHE A CZ  1 
ATOM   57   N N   . SER A 1 59  ? -1.754  8.951   4.009   1.00 35.11  ? 65  SER A N   1 
ATOM   58   C CA  . SER A 1 59  ? -1.417  7.928   4.988   1.00 29.56  ? 65  SER A CA  1 
ATOM   59   C C   . SER A 1 59  ? -2.679  7.203   5.372   1.00 34.84  ? 65  SER A C   1 
ATOM   60   O O   . SER A 1 59  ? -3.749  7.829   5.579   1.00 33.91  ? 65  SER A O   1 
ATOM   61   C CB  . SER A 1 59  ? -0.799  8.555   6.228   1.00 30.58  ? 65  SER A CB  1 
ATOM   62   O OG  . SER A 1 59  ? -0.046  7.579   6.912   1.00 42.21  ? 65  SER A OG  1 
ATOM   63   N N   . ALA A 1 60  ? -2.589  5.868   5.471   1.00 35.09  ? 66  ALA A N   1 
ATOM   64   C CA  . ALA A 1 60  ? -3.783  5.072   5.707   1.00 31.17  ? 66  ALA A CA  1 
ATOM   65   C C   . ALA A 1 60  ? -3.505  3.819   6.525   1.00 34.51  ? 66  ALA A C   1 
ATOM   66   O O   . ALA A 1 60  ? -2.397  3.266   6.463   1.00 37.63  ? 66  ALA A O   1 
ATOM   67   C CB  . ALA A 1 60  ? -4.411  4.732   4.382   1.00 27.33  ? 66  ALA A CB  1 
ATOM   68   N N   . VAL A 1 61  ? -4.529  3.372   7.260   1.00 34.26  ? 67  VAL A N   1 
ATOM   69   C CA  . VAL A 1 61  ? -4.425  2.199   8.092   1.00 37.47  ? 67  VAL A CA  1 
ATOM   70   C C   . VAL A 1 61  ? -5.598  1.273   7.901   1.00 37.07  ? 67  VAL A C   1 
ATOM   71   O O   . VAL A 1 61  ? -6.726  1.723   7.675   1.00 43.55  ? 67  VAL A O   1 
ATOM   72   C CB  . VAL A 1 61  ? -4.393  2.546   9.627   1.00 39.90  ? 67  VAL A CB  1 
ATOM   73   C CG1 . VAL A 1 61  ? -3.371  1.684   10.326  1.00 40.17  ? 67  VAL A CG1 1 
ATOM   74   C CG2 . VAL A 1 61  ? -3.992  3.944   9.850   1.00 43.72  ? 67  VAL A CG2 1 
ATOM   75   N N   . ARG A 1 62  ? -5.347  -0.024  8.069   1.00 35.87  ? 68  ARG A N   1 
ATOM   76   C CA  . ARG A 1 62  ? -6.422  -0.990  8.176   1.00 35.02  ? 68  ARG A CA  1 
ATOM   77   C C   . ARG A 1 62  ? -6.845  -1.046  9.640   1.00 37.54  ? 68  ARG A C   1 
ATOM   78   O O   . ARG A 1 62  ? -6.119  -1.566  10.503  1.00 38.85  ? 68  ARG A O   1 
ATOM   79   C CB  . ARG A 1 62  ? -5.940  -2.359  7.655   1.00 33.02  ? 68  ARG A CB  1 
ATOM   80   C CG  . ARG A 1 62  ? -7.020  -3.427  7.637   1.00 38.27  ? 68  ARG A CG  1 
ATOM   81   C CD  . ARG A 1 62  ? -8.293  -2.986  6.940   1.00 37.93  ? 68  ARG A CD  1 
ATOM   82   N NE  . ARG A 1 62  ? -9.218  -4.101  6.751   1.00 47.48  ? 68  ARG A NE  1 
ATOM   83   C CZ  . ARG A 1 62  ? -10.450 -3.950  6.284   1.00 48.71  ? 68  ARG A CZ  1 
ATOM   84   N NH1 . ARG A 1 62  ? -10.876 -2.724  5.957   1.00 45.35  ? 68  ARG A NH1 1 
ATOM   85   N NH2 . ARG A 1 62  ? -11.243 -5.012  6.127   1.00 49.53  ? 68  ARG A NH2 1 
ATOM   86   N N   . SER A 1 63  ? -8.017  -0.510  9.919   1.00 38.51  ? 69  SER A N   1 
ATOM   87   C CA  . SER A 1 63  ? -8.481  -0.324  11.318  1.00 39.28  ? 69  SER A CA  1 
ATOM   88   C C   . SER A 1 63  ? -9.206  -1.521  11.916  1.00 45.78  ? 69  SER A C   1 
ATOM   89   O O   . SER A 1 63  ? -9.383  -1.551  13.109  1.00 55.90  ? 69  SER A O   1 
ATOM   90   C CB  . SER A 1 63  ? -9.378  0.897   11.413  1.00 38.46  ? 69  SER A CB  1 
ATOM   91   O OG  . SER A 1 63  ? -10.486 0.722   10.579  1.00 41.23  ? 69  SER A OG  1 
ATOM   92   N N   . THR A 1 64  ? -9.592  -2.517  11.106  1.00 48.69  ? 70  THR A N   1 
ATOM   93   C CA  . THR A 1 64  ? -10.302 -3.707  11.638  1.00 45.67  ? 70  THR A CA  1 
ATOM   94   C C   . THR A 1 64  ? -9.683  -4.996  11.182  1.00 45.28  ? 70  THR A C   1 
ATOM   95   O O   . THR A 1 64  ? -8.787  -4.982  10.295  1.00 54.74  ? 70  THR A O   1 
ATOM   96   C CB  . THR A 1 64  ? -11.796 -3.742  11.216  1.00 46.29  ? 70  THR A CB  1 
ATOM   97   O OG1 . THR A 1 64  ? -11.888 -4.046  9.810   1.00 47.70  ? 70  THR A OG1 1 
ATOM   98   C CG2 . THR A 1 64  ? -12.427 -2.385  11.459  1.00 42.67  ? 70  THR A CG2 1 
ATOM   99   N N   . ASN A 1 65  ? -10.173 -6.112  11.732  1.00 48.23  ? 71  ASN A N   1 
ATOM   100  C CA  . ASN A 1 65  ? -9.716  -7.416  11.246  1.00 59.08  ? 71  ASN A CA  1 
ATOM   101  C C   . ASN A 1 65  ? -10.673 -8.095  10.244  1.00 51.84  ? 71  ASN A C   1 
ATOM   102  O O   . ASN A 1 65  ? -10.565 -9.288  9.991   1.00 44.15  ? 71  ASN A O   1 
ATOM   103  C CB  . ASN A 1 65  ? -9.404  -8.351  12.406  1.00 60.19  ? 71  ASN A CB  1 
ATOM   104  C CG  . ASN A 1 65  ? -10.606 -8.600  13.306  1.00 57.27  ? 71  ASN A CG  1 
ATOM   105  O OD1 . ASN A 1 65  ? -11.754 -8.328  12.958  1.00 57.30  ? 71  ASN A OD1 1 
ATOM   106  N ND2 . ASN A 1 65  ? -10.330 -9.134  14.467  1.00 61.52  ? 71  ASN A ND2 1 
ATOM   107  N N   . HIS A 1 66  ? -11.582 -7.304  9.681   1.00 45.51  ? 72  HIS A N   1 
ATOM   108  C CA  . HIS A 1 66  ? -12.509 -7.778  8.666   1.00 45.14  ? 72  HIS A CA  1 
ATOM   109  C C   . HIS A 1 66  ? -11.840 -8.442  7.481   1.00 46.12  ? 72  HIS A C   1 
ATOM   110  O O   . HIS A 1 66  ? -10.798 -8.028  7.046   1.00 57.63  ? 72  HIS A O   1 
ATOM   111  C CB  . HIS A 1 66  ? -13.443 -6.677  8.200   1.00 51.51  ? 72  HIS A CB  1 
ATOM   112  C CG  . HIS A 1 66  ? -14.407 -6.219  9.261   1.00 73.08  ? 72  HIS A CG  1 
ATOM   113  N ND1 . HIS A 1 66  ? -14.292 -6.585  10.586  1.00 83.56  ? 72  HIS A ND1 1 
ATOM   114  C CD2 . HIS A 1 66  ? -15.489 -5.367  9.184   1.00 79.83  ? 72  HIS A CD2 1 
ATOM   115  C CE1 . HIS A 1 66  ? -15.260 -6.005  11.294  1.00 78.80  ? 72  HIS A CE1 1 
ATOM   116  N NE2 . HIS A 1 66  ? -15.998 -5.253  10.443  1.00 87.98  ? 72  HIS A NE2 1 
ATOM   117  N N   . GLU A 1 67  ? -12.454 -9.499  6.964   1.00 63.36  ? 73  GLU A N   1 
ATOM   118  C CA  . GLU A 1 67  ? -11.937 -10.255 5.828   1.00 60.60  ? 73  GLU A CA  1 
ATOM   119  C C   . GLU A 1 67  ? -11.966 -9.331  4.598   1.00 53.76  ? 73  GLU A C   1 
ATOM   120  O O   . GLU A 1 67  ? -12.729 -8.356  4.553   1.00 52.23  ? 73  GLU A O   1 
ATOM   121  C CB  . GLU A 1 67  ? -12.806 -11.517 5.596   1.00 74.75  ? 73  GLU A CB  1 
ATOM   122  C CG  . GLU A 1 67  ? -14.254 -11.221 5.150   1.00 91.10  ? 73  GLU A CG  1 
ATOM   123  C CD  . GLU A 1 67  ? -14.903 -12.367 4.352   1.00 99.22  ? 73  GLU A CD  1 
ATOM   124  O OE1 . GLU A 1 67  ? -15.061 -13.472 4.905   1.00 102.23 ? 73  GLU A OE1 1 
ATOM   125  O OE2 . GLU A 1 67  ? -15.251 -12.194 3.159   1.00 102.78 ? 73  GLU A OE2 1 
ATOM   126  N N   . PRO A 1 68  ? -11.144 -9.632  3.592   1.00 49.97  ? 74  PRO A N   1 
ATOM   127  C CA  . PRO A 1 68  ? -11.088 -8.797  2.381   1.00 51.25  ? 74  PRO A CA  1 
ATOM   128  C C   . PRO A 1 68  ? -12.416 -8.788  1.606   1.00 52.28  ? 74  PRO A C   1 
ATOM   129  O O   . PRO A 1 68  ? -13.117 -9.814  1.549   1.00 48.92  ? 74  PRO A O   1 
ATOM   130  C CB  . PRO A 1 68  ? -9.998  -9.498  1.523   1.00 49.67  ? 74  PRO A CB  1 
ATOM   131  C CG  . PRO A 1 68  ? -9.183  -10.269 2.520   1.00 48.98  ? 74  PRO A CG  1 
ATOM   132  C CD  . PRO A 1 68  ? -10.165 -10.734 3.562   1.00 45.80  ? 74  PRO A CD  1 
ATOM   133  N N   . SER A 1 69  ? -12.731 -7.649  0.992   1.00 48.74  ? 75  SER A N   1 
ATOM   134  C CA  . SER A 1 69  ? -13.894 -7.533  0.160   1.00 40.15  ? 75  SER A CA  1 
ATOM   135  C C   . SER A 1 69  ? -13.740 -8.349  -1.118  1.00 46.60  ? 75  SER A C   1 
ATOM   136  O O   . SER A 1 69  ? -12.644 -8.754  -1.482  1.00 54.58  ? 75  SER A O   1 
ATOM   137  C CB  . SER A 1 69  ? -14.174 -6.072  -0.157  1.00 37.82  ? 75  SER A CB  1 
ATOM   138  O OG  . SER A 1 69  ? -13.173 -5.509  -0.979  1.00 47.49  ? 75  SER A OG  1 
ATOM   139  N N   . GLU A 1 70  ? -14.868 -8.595  -1.789  1.00 53.97  ? 76  GLU A N   1 
ATOM   140  C CA  . GLU A 1 70  ? -14.882 -9.371  -3.017  1.00 48.75  ? 76  GLU A CA  1 
ATOM   141  C C   . GLU A 1 70  ? -13.998 -8.765  -4.105  1.00 46.89  ? 76  GLU A C   1 
ATOM   142  O O   . GLU A 1 70  ? -13.260 -9.467  -4.811  1.00 43.12  ? 76  GLU A O   1 
ATOM   143  C CB  . GLU A 1 70  ? -16.311 -9.484  -3.529  1.00 51.38  ? 76  GLU A CB  1 
ATOM   144  C CG  . GLU A 1 70  ? -16.894 -10.880 -3.415  1.00 67.23  ? 76  GLU A CG  1 
ATOM   145  C CD  . GLU A 1 70  ? -16.389 -11.782 -4.498  1.00 82.66  ? 76  GLU A CD  1 
ATOM   146  O OE1 . GLU A 1 70  ? -16.936 -11.687 -5.627  1.00 81.88  ? 76  GLU A OE1 1 
ATOM   147  O OE2 . GLU A 1 70  ? -15.452 -12.582 -4.206  1.00 101.46 ? 76  GLU A OE2 1 
ATOM   148  N N   . MET A 1 71  ? -14.085 -7.438  -4.231  1.00 43.87  ? 77  MET A N   1 
ATOM   149  C CA  . MET A 1 71  ? -13.350 -6.743  -5.238  1.00 44.03  ? 77  MET A CA  1 
ATOM   150  C C   . MET A 1 71  ? -11.833 -6.842  -4.966  1.00 49.97  ? 77  MET A C   1 
ATOM   151  O O   . MET A 1 71  ? -11.034 -7.112  -5.881  1.00 44.39  ? 77  MET A O   1 
ATOM   152  C CB  . MET A 1 71  ? -13.818 -5.304  -5.333  1.00 41.34  ? 77  MET A CB  1 
ATOM   153  C CG  . MET A 1 71  ? -13.184 -4.577  -6.529  1.00 50.54  ? 77  MET A CG  1 
ATOM   154  S SD  . MET A 1 71  ? -13.639 -2.834  -6.600  1.00 63.91  ? 77  MET A SD  1 
ATOM   155  C CE  . MET A 1 71  ? -12.695 -2.187  -7.966  1.00 36.33  ? 77  MET A CE  1 
ATOM   156  N N   . SER A 1 72  ? -11.444 -6.634  -3.706  1.00 49.30  ? 78  SER A N   1 
ATOM   157  C CA  . SER A 1 72  ? -10.059 -6.796  -3.304  1.00 46.83  ? 78  SER A CA  1 
ATOM   158  C C   . SER A 1 72  ? -9.625  -8.238  -3.527  1.00 49.98  ? 78  SER A C   1 
ATOM   159  O O   . SER A 1 72  ? -8.452  -8.522  -3.827  1.00 46.85  ? 78  SER A O   1 
ATOM   160  C CB  . SER A 1 72  ? -9.868  -6.448  -1.836  1.00 44.06  ? 78  SER A CB  1 
ATOM   161  O OG  . SER A 1 72  ? -8.513  -6.732  -1.435  1.00 60.65  ? 78  SER A OG  1 
ATOM   162  N N   . ASN A 1 73  ? -10.581 -9.146  -3.386  1.00 49.71  ? 79  ASN A N   1 
ATOM   163  C CA  . ASN A 1 73  ? -10.324 -10.557 -3.569  1.00 50.88  ? 79  ASN A CA  1 
ATOM   164  C C   . ASN A 1 73  ? -9.956  -10.881 -5.017  1.00 50.12  ? 79  ASN A C   1 
ATOM   165  O O   . ASN A 1 73  ? -9.123  -11.745 -5.293  1.00 44.44  ? 79  ASN A O   1 
ATOM   166  C CB  . ASN A 1 73  ? -11.555 -11.349 -3.173  1.00 71.48  ? 79  ASN A CB  1 
ATOM   167  C CG  . ASN A 1 73  ? -11.230 -12.560 -2.389  1.00 100.56 ? 79  ASN A CG  1 
ATOM   168  O OD1 . ASN A 1 73  ? -10.766 -12.461 -1.241  1.00 122.82 ? 79  ASN A OD1 1 
ATOM   169  N ND2 . ASN A 1 73  ? -11.487 -13.712 -2.960  1.00 133.10 ? 79  ASN A ND2 1 
ATOM   170  N N   . LYS A 1 74  ? -10.585 -10.174 -5.954  1.00 46.90  ? 80  LYS A N   1 
ATOM   171  C CA  . LYS A 1 74  ? -10.348 -10.449 -7.360  1.00 45.84  ? 80  LYS A CA  1 
ATOM   172  C C   . LYS A 1 74  ? -9.178  -9.669  -7.899  1.00 42.99  ? 80  LYS A C   1 
ATOM   173  O O   . LYS A 1 74  ? -8.356  -10.209 -8.619  1.00 45.42  ? 80  LYS A O   1 
ATOM   174  C CB  . LYS A 1 74  ? -11.626 -10.209 -8.181  1.00 44.18  ? 80  LYS A CB  1 
ATOM   175  C CG  . LYS A 1 74  ? -12.756 -11.147 -7.751  1.00 43.67  ? 80  LYS A CG  1 
ATOM   176  C CD  . LYS A 1 74  ? -13.978 -11.019 -8.642  1.00 51.19  ? 80  LYS A CD  1 
ATOM   177  C CE  . LYS A 1 74  ? -15.081 -11.955 -8.144  1.00 51.36  ? 80  LYS A CE  1 
ATOM   178  N NZ  . LYS A 1 74  ? -16.343 -11.759 -8.936  1.00 54.72  ? 80  LYS A NZ  1 
ATOM   179  N N   . THR A 1 75  ? -9.084  -8.390  -7.550  1.00 43.75  ? 81  THR A N   1 
ATOM   180  C CA  . THR A 1 75  ? -7.948  -7.545  -8.011  1.00 38.65  ? 81  THR A CA  1 
ATOM   181  C C   . THR A 1 75  ? -6.656  -7.896  -7.264  1.00 40.50  ? 81  THR A C   1 
ATOM   182  O O   . THR A 1 75  ? -5.565  -7.610  -7.759  1.00 43.68  ? 81  THR A O   1 
ATOM   183  C CB  . THR A 1 75  ? -8.228  -6.069  -7.791  1.00 41.31  ? 81  THR A CB  1 
ATOM   184  O OG1 . THR A 1 75  ? -8.368  -5.822  -6.368  1.00 53.09  ? 81  THR A OG1 1 
ATOM   185  C CG2 . THR A 1 75  ? -9.487  -5.644  -8.490  1.00 38.11  ? 81  THR A CG2 1 
ATOM   186  N N   . ARG A 1 76  ? -6.792  -8.527  -6.092  1.00 42.70  ? 82  ARG A N   1 
ATOM   187  C CA  . ARG A 1 76  ? -5.645  -8.823  -5.217  1.00 49.81  ? 82  ARG A CA  1 
ATOM   188  C C   . ARG A 1 76  ? -4.926  -7.532  -4.728  1.00 45.55  ? 82  ARG A C   1 
ATOM   189  O O   . ARG A 1 76  ? -3.791  -7.576  -4.289  1.00 39.73  ? 82  ARG A O   1 
ATOM   190  C CB  . ARG A 1 76  ? -4.652  -9.768  -5.906  1.00 46.43  ? 82  ARG A CB  1 
ATOM   191  C CG  . ARG A 1 76  ? -5.227  -11.135 -6.181  1.00 55.39  ? 82  ARG A CG  1 
ATOM   192  C CD  . ARG A 1 76  ? -4.121  -12.176 -6.347  1.00 63.71  ? 82  ARG A CD  1 
ATOM   193  N NE  . ARG A 1 76  ? -3.753  -12.729 -5.041  1.00 82.70  ? 82  ARG A NE  1 
ATOM   194  C CZ  . ARG A 1 76  ? -2.889  -13.729 -4.870  1.00 94.25  ? 82  ARG A CZ  1 
ATOM   195  N NH1 . ARG A 1 76  ? -2.319  -14.303 -5.941  1.00 100.73 ? 82  ARG A NH1 1 
ATOM   196  N NH2 . ARG A 1 76  ? -2.609  -14.154 -3.638  1.00 74.91  ? 82  ARG A NH2 1 
ATOM   197  N N   . ILE A 1 77  ? -5.609  -6.390  -4.855  1.00 38.77  ? 83  ILE A N   1 
ATOM   198  C CA  . ILE A 1 77  ? -5.086  -5.126  -4.444  1.00 33.74  ? 83  ILE A CA  1 
ATOM   199  C C   . ILE A 1 77  ? -5.456  -4.828  -2.985  1.00 40.20  ? 83  ILE A C   1 
ATOM   200  O O   . ILE A 1 77  ? -6.635  -4.846  -2.610  1.00 41.25  ? 83  ILE A O   1 
ATOM   201  C CB  . ILE A 1 77  ? -5.607  -4.004  -5.322  1.00 33.24  ? 83  ILE A CB  1 
ATOM   202  C CG1 . ILE A 1 77  ? -5.050  -4.149  -6.745  1.00 35.03  ? 83  ILE A CG1 1 
ATOM   203  C CG2 . ILE A 1 77  ? -5.259  -2.621  -4.729  1.00 26.50  ? 83  ILE A CG2 1 
ATOM   204  C CD1 . ILE A 1 77  ? -5.637  -3.111  -7.749  1.00 29.33  ? 83  ILE A CD1 1 
ATOM   205  N N   . ILE A 1 78  ? -4.433  -4.577  -2.158  1.00 39.73  ? 84  ILE A N   1 
ATOM   206  C CA  . ILE A 1 78  ? -4.643  -4.354  -0.722  1.00 35.12  ? 84  ILE A CA  1 
ATOM   207  C C   . ILE A 1 78  ? -5.189  -2.942  -0.484  1.00 34.29  ? 84  ILE A C   1 
ATOM   208  O O   . ILE A 1 78  ? -4.765  -1.982  -1.146  1.00 44.34  ? 84  ILE A O   1 
ATOM   209  C CB  . ILE A 1 78  ? -3.327  -4.557  0.036   1.00 34.64  ? 84  ILE A CB  1 
ATOM   210  C CG1 . ILE A 1 78  ? -2.842  -5.993  -0.142  1.00 35.42  ? 84  ILE A CG1 1 
ATOM   211  C CG2 . ILE A 1 78  ? -3.512  -4.256  1.512   1.00 33.37  ? 84  ILE A CG2 1 
ATOM   212  C CD1 . ILE A 1 78  ? -1.402  -6.225  0.325   1.00 38.34  ? 84  ILE A CD1 1 
ATOM   213  N N   . TYR A 1 79  ? -6.115  -2.808  0.453   1.00 33.12  ? 85  TYR A N   1 
ATOM   214  C CA  . TYR A 1 79  ? -6.712  -1.495  0.726   1.00 34.58  ? 85  TYR A CA  1 
ATOM   215  C C   . TYR A 1 79  ? -6.698  -1.164  2.224   1.00 37.79  ? 85  TYR A C   1 
ATOM   216  O O   . TYR A 1 79  ? -6.493  -2.038  3.065   1.00 34.67  ? 85  TYR A O   1 
ATOM   217  C CB  . TYR A 1 79  ? -8.149  -1.417  0.180   1.00 34.12  ? 85  TYR A CB  1 
ATOM   218  C CG  . TYR A 1 79  ? -9.125  -2.357  0.797   1.00 37.92  ? 85  TYR A CG  1 
ATOM   219  C CD1 . TYR A 1 79  ? -9.230  -3.678  0.360   1.00 42.02  ? 85  TYR A CD1 1 
ATOM   220  C CD2 . TYR A 1 79  ? -9.954  -1.939  1.835   1.00 45.84  ? 85  TYR A CD2 1 
ATOM   221  C CE1 . TYR A 1 79  ? -10.147 -4.571  0.933   1.00 45.19  ? 85  TYR A CE1 1 
ATOM   222  C CE2 . TYR A 1 79  ? -10.862 -2.825  2.445   1.00 50.49  ? 85  TYR A CE2 1 
ATOM   223  C CZ  . TYR A 1 79  ? -10.964 -4.127  1.976   1.00 49.49  ? 85  TYR A CZ  1 
ATOM   224  O OH  . TYR A 1 79  ? -11.859 -4.981  2.575   1.00 48.12  ? 85  TYR A OH  1 
ATOM   225  N N   . PHE A 1 80  ? -6.898  0.124   2.535   1.00 36.84  ? 86  PHE A N   1 
ATOM   226  C CA  . PHE A 1 80  ? -6.762  0.649   3.884   1.00 32.23  ? 86  PHE A CA  1 
ATOM   227  C C   . PHE A 1 80  ? -7.910  1.629   4.157   1.00 37.38  ? 86  PHE A C   1 
ATOM   228  O O   . PHE A 1 80  ? -8.040  2.681   3.485   1.00 42.26  ? 86  PHE A O   1 
ATOM   229  C CB  . PHE A 1 80  ? -5.401  1.359   4.041   1.00 31.05  ? 86  PHE A CB  1 
ATOM   230  C CG  . PHE A 1 80  ? -4.221  0.491   3.696   1.00 31.17  ? 86  PHE A CG  1 
ATOM   231  C CD1 . PHE A 1 80  ? -3.825  0.303   2.374   1.00 27.74  ? 86  PHE A CD1 1 
ATOM   232  C CD2 . PHE A 1 80  ? -3.488  -0.132  4.698   1.00 30.87  ? 86  PHE A CD2 1 
ATOM   233  C CE1 . PHE A 1 80  ? -2.736  -0.526  2.062   1.00 25.86  ? 86  PHE A CE1 1 
ATOM   234  C CE2 . PHE A 1 80  ? -2.402  -0.968  4.391   1.00 28.32  ? 86  PHE A CE2 1 
ATOM   235  C CZ  . PHE A 1 80  ? -2.019  -1.158  3.058   1.00 27.60  ? 86  PHE A CZ  1 
ATOM   236  N N   . ASP A 1 81  ? -8.754  1.308   5.136   1.00 29.70  ? 87  ASP A N   1 
ATOM   237  C CA  . ASP A 1 81  ? -10.025 2.023   5.291   1.00 31.17  ? 87  ASP A CA  1 
ATOM   238  C C   . ASP A 1 81  ? -9.932  3.321   6.079   1.00 36.96  ? 87  ASP A C   1 
ATOM   239  O O   . ASP A 1 81  ? -10.716 4.265   5.877   1.00 46.48  ? 87  ASP A O   1 
ATOM   240  C CB  . ASP A 1 81  ? -11.057 1.140   5.959   1.00 28.32  ? 87  ASP A CB  1 
ATOM   241  C CG  . ASP A 1 81  ? -10.650 0.695   7.318   1.00 33.71  ? 87  ASP A CG  1 
ATOM   242  O OD1 . ASP A 1 81  ? -9.772  -0.195  7.450   1.00 37.67  ? 87  ASP A OD1 1 
ATOM   243  O OD2 . ASP A 1 81  ? -11.175 1.273   8.286   1.00 36.93  ? 87  ASP A OD2 1 
ATOM   244  N N   . GLN A 1 82  ? -8.981  3.401   6.995   1.00 40.26  ? 88  GLN A N   1 
ATOM   245  C CA  . GLN A 1 82  ? -8.865  4.615   7.854   1.00 43.24  ? 88  GLN A CA  1 
ATOM   246  C C   . GLN A 1 82  ? -7.834  5.576   7.258   1.00 43.14  ? 88  GLN A C   1 
ATOM   247  O O   . GLN A 1 82  ? -6.622  5.293   7.253   1.00 40.60  ? 88  GLN A O   1 
ATOM   248  C CB  . GLN A 1 82  ? -8.462  4.219   9.261   1.00 47.26  ? 88  GLN A CB  1 
ATOM   249  C CG  . GLN A 1 82  ? -8.163  5.414   10.165  1.00 55.23  ? 88  GLN A CG  1 
ATOM   250  C CD  . GLN A 1 82  ? -8.355  5.062   11.625  1.00 63.74  ? 88  GLN A CD  1 
ATOM   251  O OE1 . GLN A 1 82  ? -7.408  4.795   12.344  1.00 61.29  ? 88  GLN A OE1 1 
ATOM   252  N NE2 . GLN A 1 82  ? -9.603  4.982   12.047  1.00 84.53  ? 88  GLN A NE2 1 
ATOM   253  N N   . ILE A 1 83  ? -8.317  6.705   6.752   1.00 38.99  ? 89  ILE A N   1 
ATOM   254  C CA  . ILE A 1 83  ? -7.454  7.699   6.115   1.00 32.63  ? 89  ILE A CA  1 
ATOM   255  C C   . ILE A 1 83  ? -6.997  8.735   7.133   1.00 34.88  ? 89  ILE A C   1 
ATOM   256  O O   . ILE A 1 83  ? -7.782  9.560   7.564   1.00 44.05  ? 89  ILE A O   1 
ATOM   257  C CB  . ILE A 1 83  ? -8.159  8.395   4.947   1.00 32.36  ? 89  ILE A CB  1 
ATOM   258  C CG1 . ILE A 1 83  ? -8.866  7.381   4.051   1.00 31.72  ? 89  ILE A CG1 1 
ATOM   259  C CG2 . ILE A 1 83  ? -7.195  9.243   4.149   1.00 31.82  ? 89  ILE A CG2 1 
ATOM   260  C CD1 . ILE A 1 83  ? -7.990  6.328   3.473   1.00 33.92  ? 89  ILE A CD1 1 
ATOM   261  N N   . LEU A 1 84  ? -5.712  8.704   7.479   1.00 35.32  ? 90  LEU A N   1 
ATOM   262  C CA  . LEU A 1 84  ? -5.138  9.623   8.446   1.00 36.52  ? 90  LEU A CA  1 
ATOM   263  C C   . LEU A 1 84  ? -4.789  10.929  7.797   1.00 36.68  ? 90  LEU A C   1 
ATOM   264  O O   . LEU A 1 84  ? -4.930  11.960  8.433   1.00 38.81  ? 90  LEU A O   1 
ATOM   265  C CB  . LEU A 1 84  ? -3.860  8.987   9.076   1.00 40.95  ? 90  LEU A CB  1 
ATOM   266  C CG  . LEU A 1 84  ? -4.088  7.629   9.766   1.00 39.92  ? 90  LEU A CG  1 
ATOM   267  C CD1 . LEU A 1 84  ? -2.845  7.182   10.457  1.00 32.74  ? 90  LEU A CD1 1 
ATOM   268  C CD2 . LEU A 1 84  ? -5.221  7.768   10.775  1.00 33.49  ? 90  LEU A CD2 1 
ATOM   269  N N   . VAL A 1 85  ? -4.256  10.851  6.564   1.00 35.91  ? 91  VAL A N   1 
ATOM   270  C CA  . VAL A 1 85  ? -3.824  12.012  5.809   1.00 32.37  ? 91  VAL A CA  1 
ATOM   271  C C   . VAL A 1 85  ? -4.195  11.773  4.334   1.00 38.38  ? 91  VAL A C   1 
ATOM   272  O O   . VAL A 1 85  ? -4.038  10.631  3.826   1.00 35.05  ? 91  VAL A O   1 
ATOM   273  C CB  . VAL A 1 85  ? -2.307  12.215  5.903   1.00 34.09  ? 91  VAL A CB  1 
ATOM   274  C CG1 . VAL A 1 85  ? -1.807  13.255  4.885   1.00 33.74  ? 91  VAL A CG1 1 
ATOM   275  C CG2 . VAL A 1 85  ? -1.887  12.602  7.292   1.00 27.55  ? 91  VAL A CG2 1 
ATOM   276  N N   . ASN A 1 86  ? -4.699  12.831  3.650   1.00 30.74  ? 92  ASN A N   1 
ATOM   277  C CA  . ASN A 1 86  ? -4.912  12.738  2.225   1.00 30.20  ? 92  ASN A CA  1 
ATOM   278  C C   . ASN A 1 86  ? -4.955  14.128  1.586   1.00 32.16  ? 92  ASN A C   1 
ATOM   279  O O   . ASN A 1 86  ? -5.962  14.554  1.014   1.00 36.22  ? 92  ASN A O   1 
ATOM   280  C CB  . ASN A 1 86  ? -6.175  11.938  1.888   1.00 30.07  ? 92  ASN A CB  1 
ATOM   281  C CG  . ASN A 1 86  ? -6.217  11.512  0.414   1.00 34.83  ? 92  ASN A CG  1 
ATOM   282  O OD1 . ASN A 1 86  ? -5.267  11.688  -0.369  1.00 42.93  ? 92  ASN A OD1 1 
ATOM   283  N ND2 . ASN A 1 86  ? -7.301  10.922  0.046   1.00 33.32  ? 92  ASN A ND2 1 
ATOM   284  N N   . VAL A 1 87  ? -3.837  14.832  1.673   1.00 31.62  ? 93  VAL A N   1 
ATOM   285  C CA  . VAL A 1 87  ? -3.732  16.172  1.163   1.00 28.40  ? 93  VAL A CA  1 
ATOM   286  C C   . VAL A 1 87  ? -3.675  16.151  -0.349  1.00 33.66  ? 93  VAL A C   1 
ATOM   287  O O   . VAL A 1 87  ? -2.725  15.655  -0.949  1.00 43.56  ? 93  VAL A O   1 
ATOM   288  C CB  . VAL A 1 87  ? -2.519  16.909  1.738   1.00 29.33  ? 93  VAL A CB  1 
ATOM   289  C CG1 . VAL A 1 87  ? -2.376  18.302  1.111   1.00 25.53  ? 93  VAL A CG1 1 
ATOM   290  C CG2 . VAL A 1 87  ? -2.621  16.994  3.254   1.00 25.40  ? 93  VAL A CG2 1 
ATOM   291  N N   . GLY A 1 88  ? -4.698  16.723  -0.971  1.00 33.12  ? 94  GLY A N   1 
ATOM   292  C CA  . GLY A 1 88  ? -4.772  16.756  -2.427  1.00 32.87  ? 94  GLY A CA  1 
ATOM   293  C C   . GLY A 1 88  ? -5.789  15.742  -2.903  1.00 36.93  ? 94  GLY A C   1 
ATOM   294  O O   . GLY A 1 88  ? -6.149  15.748  -4.071  1.00 45.17  ? 94  GLY A O   1 
ATOM   295  N N   . ASN A 1 89  ? -6.231  14.870  -1.997  1.00 36.95  ? 95  ASN A N   1 
ATOM   296  C CA  . ASN A 1 89  ? -7.178  13.809  -2.322  1.00 39.40  ? 95  ASN A CA  1 
ATOM   297  C C   . ASN A 1 89  ? -6.768  12.940  -3.511  1.00 42.33  ? 95  ASN A C   1 
ATOM   298  O O   . ASN A 1 89  ? -7.627  12.485  -4.254  1.00 47.87  ? 95  ASN A O   1 
ATOM   299  C CB  . ASN A 1 89  ? -8.544  14.425  -2.583  1.00 40.57  ? 95  ASN A CB  1 
ATOM   300  C CG  . ASN A 1 89  ? -9.124  15.077  -1.367  1.00 48.70  ? 95  ASN A CG  1 
ATOM   301  O OD1 . ASN A 1 89  ? -9.007  14.576  -0.235  1.00 66.76  ? 95  ASN A OD1 1 
ATOM   302  N ND2 . ASN A 1 89  ? -9.741  16.213  -1.579  1.00 56.34  ? 95  ASN A ND2 1 
ATOM   303  N N   . PHE A 1 90  ? -5.463  12.690  -3.663  1.00 41.52  ? 96  PHE A N   1 
ATOM   304  C CA  . PHE A 1 90  ? -4.964  11.901  -4.786  1.00 34.10  ? 96  PHE A CA  1 
ATOM   305  C C   . PHE A 1 90  ? -4.826  10.452  -4.421  1.00 33.35  ? 96  PHE A C   1 
ATOM   306  O O   . PHE A 1 90  ? -4.387  9.648   -5.224  1.00 39.98  ? 96  PHE A O   1 
ATOM   307  C CB  . PHE A 1 90  ? -3.599  12.439  -5.249  1.00 35.07  ? 96  PHE A CB  1 
ATOM   308  C CG  . PHE A 1 90  ? -3.656  13.873  -5.688  1.00 35.28  ? 96  PHE A CG  1 
ATOM   309  C CD1 . PHE A 1 90  ? -4.395  14.226  -6.824  1.00 36.17  ? 96  PHE A CD1 1 
ATOM   310  C CD2 . PHE A 1 90  ? -2.988  14.867  -4.976  1.00 38.94  ? 96  PHE A CD2 1 
ATOM   311  C CE1 . PHE A 1 90  ? -4.440  15.548  -7.245  1.00 34.51  ? 96  PHE A CE1 1 
ATOM   312  C CE2 . PHE A 1 90  ? -3.033  16.182  -5.382  1.00 39.83  ? 96  PHE A CE2 1 
ATOM   313  C CZ  . PHE A 1 90  ? -3.769  16.522  -6.519  1.00 37.90  ? 96  PHE A CZ  1 
ATOM   314  N N   . PHE A 1 91  ? -5.151  10.109  -3.177  1.00 35.45  ? 97  PHE A N   1 
ATOM   315  C CA  . PHE A 1 91  ? -5.199  8.708   -2.771  1.00 36.92  ? 97  PHE A CA  1 
ATOM   316  C C   . PHE A 1 91  ? -6.682  8.339   -2.786  1.00 45.03  ? 97  PHE A C   1 
ATOM   317  O O   . PHE A 1 91  ? -7.508  8.883   -2.031  1.00 49.33  ? 97  PHE A O   1 
ATOM   318  C CB  . PHE A 1 91  ? -4.641  8.507   -1.364  1.00 32.61  ? 97  PHE A CB  1 
ATOM   319  C CG  . PHE A 1 91  ? -4.646  7.061   -0.919  1.00 30.80  ? 97  PHE A CG  1 
ATOM   320  C CD1 . PHE A 1 91  ? -3.750  6.160   -1.475  1.00 31.48  ? 97  PHE A CD1 1 
ATOM   321  C CD2 . PHE A 1 91  ? -5.508  6.617   0.071   1.00 28.63  ? 97  PHE A CD2 1 
ATOM   322  C CE1 . PHE A 1 91  ? -3.724  4.827   -1.054  1.00 30.70  ? 97  PHE A CE1 1 
ATOM   323  C CE2 . PHE A 1 91  ? -5.456  5.293   0.539   1.00 28.00  ? 97  PHE A CE2 1 
ATOM   324  C CZ  . PHE A 1 91  ? -4.578  4.386   -0.039  1.00 28.27  ? 97  PHE A CZ  1 
ATOM   325  N N   . THR A 1 92  ? -7.031  7.432   -3.675  1.00 40.02  ? 98  THR A N   1 
ATOM   326  C CA  . THR A 1 92  ? -8.444  7.127   -3.907  1.00 39.07  ? 98  THR A CA  1 
ATOM   327  C C   . THR A 1 92  ? -8.693  5.626   -3.734  1.00 36.50  ? 98  THR A C   1 
ATOM   328  O O   . THR A 1 92  ? -7.756  4.796   -3.755  1.00 34.19  ? 98  THR A O   1 
ATOM   329  C CB  . THR A 1 92  ? -8.856  7.585   -5.327  1.00 32.63  ? 98  THR A CB  1 
ATOM   330  O OG1 . THR A 1 92  ? -10.261 7.498   -5.451  1.00 40.84  ? 98  THR A OG1 1 
ATOM   331  C CG2 . THR A 1 92  ? -8.220  6.729   -6.379  1.00 28.01  ? 98  THR A CG2 1 
ATOM   332  N N   . LEU A 1 93  ? -9.955  5.287   -3.566  1.00 35.22  ? 99  LEU A N   1 
ATOM   333  C CA  . LEU A 1 93  ? -10.438 3.896   -3.455  1.00 34.61  ? 99  LEU A CA  1 
ATOM   334  C C   . LEU A 1 93  ? -9.757  3.140   -2.351  1.00 36.89  ? 99  LEU A C   1 
ATOM   335  O O   . LEU A 1 93  ? -9.667  1.904   -2.405  1.00 34.91  ? 99  LEU A O   1 
ATOM   336  C CB  . LEU A 1 93  ? -10.222 3.213   -4.783  1.00 35.84  ? 99  LEU A CB  1 
ATOM   337  C CG  . LEU A 1 93  ? -11.367 2.488   -5.434  1.00 40.60  ? 99  LEU A CG  1 
ATOM   338  C CD1 . LEU A 1 93  ? -12.594 3.383   -5.401  1.00 36.75  ? 99  LEU A CD1 1 
ATOM   339  C CD2 . LEU A 1 93  ? -10.938 2.163   -6.886  1.00 42.19  ? 99  LEU A CD2 1 
ATOM   340  N N   . GLU A 1 94  ? -9.246  3.888   -1.362  1.00 39.72  ? 100 GLU A N   1 
ATOM   341  C CA  . GLU A 1 94  ? -8.587  3.266   -0.198  1.00 41.77  ? 100 GLU A CA  1 
ATOM   342  C C   . GLU A 1 94  ? -7.363  2.435   -0.537  1.00 38.48  ? 100 GLU A C   1 
ATOM   343  O O   . GLU A 1 94  ? -6.940  1.621   0.278   1.00 48.90  ? 100 GLU A O   1 
ATOM   344  C CB  . GLU A 1 94  ? -9.603  2.376   0.593   1.00 38.51  ? 100 GLU A CB  1 
ATOM   345  C CG  . GLU A 1 94  ? -10.839 3.162   1.003   1.00 49.57  ? 100 GLU A CG  1 
ATOM   346  C CD  . GLU A 1 94  ? -11.710 2.477   2.037   1.00 52.52  ? 100 GLU A CD  1 
ATOM   347  O OE1 . GLU A 1 94  ? -12.298 3.209   2.879   1.00 67.35  ? 100 GLU A OE1 1 
ATOM   348  O OE2 . GLU A 1 94  ? -11.789 1.240   2.032   1.00 44.31  ? 100 GLU A OE2 1 
ATOM   349  N N   . SER A 1 95  ? -6.783  2.633   -1.717  1.00 32.64  ? 101 SER A N   1 
ATOM   350  C CA  . SER A 1 95  ? -5.785  1.659   -2.174  1.00 39.13  ? 101 SER A CA  1 
ATOM   351  C C   . SER A 1 95  ? -4.713  2.211   -3.118  1.00 36.27  ? 101 SER A C   1 
ATOM   352  O O   . SER A 1 95  ? -3.571  1.759   -3.090  1.00 44.13  ? 101 SER A O   1 
ATOM   353  C CB  . SER A 1 95  ? -6.485  0.471   -2.855  1.00 38.22  ? 101 SER A CB  1 
ATOM   354  O OG  . SER A 1 95  ? -7.444  0.977   -3.802  1.00 41.24  ? 101 SER A OG  1 
ATOM   355  N N   . VAL A 1 96  ? -5.096  3.148   -3.971  1.00 32.41  ? 102 VAL A N   1 
ATOM   356  C CA  . VAL A 1 96  ? -4.217  3.565   -5.054  1.00 34.44  ? 102 VAL A CA  1 
ATOM   357  C C   . VAL A 1 96  ? -3.981  5.044   -5.070  1.00 32.86  ? 102 VAL A C   1 
ATOM   358  O O   . VAL A 1 96  ? -4.907  5.828   -4.935  1.00 37.55  ? 102 VAL A O   1 
ATOM   359  C CB  . VAL A 1 96  ? -4.690  3.054   -6.468  1.00 34.82  ? 102 VAL A CB  1 
ATOM   360  C CG1 . VAL A 1 96  ? -6.080  2.582   -6.396  1.00 36.33  ? 102 VAL A CG1 1 
ATOM   361  C CG2 . VAL A 1 96  ? -4.536  4.128   -7.526  1.00 30.07  ? 102 VAL A CG2 1 
ATOM   362  N N   . PHE A 1 97  ? -2.706  5.429   -5.191  1.00 35.46  ? 103 PHE A N   1 
ATOM   363  C CA  . PHE A 1 97  ? -2.313  6.823   -5.250  1.00 31.48  ? 103 PHE A CA  1 
ATOM   364  C C   . PHE A 1 97  ? -2.062  7.231   -6.696  1.00 33.72  ? 103 PHE A C   1 
ATOM   365  O O   . PHE A 1 97  ? -1.398  6.512   -7.450  1.00 39.40  ? 103 PHE A O   1 
ATOM   366  C CB  . PHE A 1 97  ? -1.069  7.027   -4.421  1.00 29.10  ? 103 PHE A CB  1 
ATOM   367  C CG  . PHE A 1 97  ? -0.401  8.368   -4.649  1.00 31.08  ? 103 PHE A CG  1 
ATOM   368  C CD1 . PHE A 1 97  ? -0.891  9.535   -4.029  1.00 32.35  ? 103 PHE A CD1 1 
ATOM   369  C CD2 . PHE A 1 97  ? 0.698   8.465   -5.487  1.00 29.63  ? 103 PHE A CD2 1 
ATOM   370  C CE1 . PHE A 1 97  ? -0.270  10.738  -4.247  1.00 35.35  ? 103 PHE A CE1 1 
ATOM   371  C CE2 . PHE A 1 97  ? 1.302   9.681   -5.726  1.00 29.64  ? 103 PHE A CE2 1 
ATOM   372  C CZ  . PHE A 1 97  ? 0.831   10.804  -5.120  1.00 32.61  ? 103 PHE A CZ  1 
ATOM   373  N N   . VAL A 1 98  ? -2.607  8.372   -7.090  1.00 36.37  ? 104 VAL A N   1 
ATOM   374  C CA  . VAL A 1 98  ? -2.412  8.897   -8.452  1.00 38.74  ? 104 VAL A CA  1 
ATOM   375  C C   . VAL A 1 98  ? -1.593  10.171  -8.427  1.00 37.22  ? 104 VAL A C   1 
ATOM   376  O O   . VAL A 1 98  ? -2.063  11.187  -7.952  1.00 41.34  ? 104 VAL A O   1 
ATOM   377  C CB  . VAL A 1 98  ? -3.771  9.161   -9.172  1.00 33.75  ? 104 VAL A CB  1 
ATOM   378  C CG1 . VAL A 1 98  ? -3.564  9.502   -10.624 1.00 29.56  ? 104 VAL A CG1 1 
ATOM   379  C CG2 . VAL A 1 98  ? -4.646  7.941   -9.067  1.00 28.35  ? 104 VAL A CG2 1 
ATOM   380  N N   . ALA A 1 99  ? -0.365  10.091  -8.928  1.00 37.56  ? 105 ALA A N   1 
ATOM   381  C CA  . ALA A 1 99  ? 0.567   11.211  -8.905  1.00 36.60  ? 105 ALA A CA  1 
ATOM   382  C C   . ALA A 1 99  ? -0.004  12.424  -9.642  1.00 39.49  ? 105 ALA A C   1 
ATOM   383  O O   . ALA A 1 99  ? -0.359  12.353  -10.828 1.00 42.97  ? 105 ALA A O   1 
ATOM   384  C CB  . ALA A 1 99  ? 1.900   10.798  -9.529  1.00 37.36  ? 105 ALA A CB  1 
ATOM   385  N N   . PRO A 1 100 ? -0.107  13.555  -8.939  1.00 40.39  ? 106 PRO A N   1 
ATOM   386  C CA  . PRO A 1 100 ? -0.698  14.780  -9.520  1.00 40.21  ? 106 PRO A CA  1 
ATOM   387  C C   . PRO A 1 100 ? 0.285   15.501  -10.457 1.00 44.39  ? 106 PRO A C   1 
ATOM   388  O O   . PRO A 1 100 ? -0.140  16.330  -11.269 1.00 47.70  ? 106 PRO A O   1 
ATOM   389  C CB  . PRO A 1 100 ? -0.999  15.631  -8.292  1.00 33.75  ? 106 PRO A CB  1 
ATOM   390  C CG  . PRO A 1 100 ? 0.013   15.167  -7.264  1.00 38.37  ? 106 PRO A CG  1 
ATOM   391  C CD  . PRO A 1 100 ? 0.197   13.704  -7.506  1.00 35.60  ? 106 PRO A CD  1 
ATOM   392  N N   . ARG A 1 101 ? 1.572   15.215  -10.331 1.00 45.13  ? 107 ARG A N   1 
ATOM   393  C CA  . ARG A 1 101 ? 2.578   15.914  -11.123 1.00 43.93  ? 107 ARG A CA  1 
ATOM   394  C C   . ARG A 1 101 ? 3.900   15.169  -11.149 1.00 42.87  ? 107 ARG A C   1 
ATOM   395  O O   . ARG A 1 101 ? 4.127   14.254  -10.370 1.00 50.42  ? 107 ARG A O   1 
ATOM   396  C CB  . ARG A 1 101 ? 2.812   17.329  -10.573 1.00 38.27  ? 107 ARG A CB  1 
ATOM   397  C CG  . ARG A 1 101 ? 3.373   17.391  -9.177  1.00 36.46  ? 107 ARG A CG  1 
ATOM   398  C CD  . ARG A 1 101 ? 3.366   18.841  -8.686  1.00 41.27  ? 107 ARG A CD  1 
ATOM   399  N NE  . ARG A 1 101 ? 4.387   19.642  -9.360  1.00 51.06  ? 107 ARG A NE  1 
ATOM   400  C CZ  . ARG A 1 101 ? 4.633   20.925  -9.079  1.00 49.32  ? 107 ARG A CZ  1 
ATOM   401  N NH1 . ARG A 1 101 ? 3.935   21.543  -8.155  1.00 45.75  ? 107 ARG A NH1 1 
ATOM   402  N NH2 . ARG A 1 101 ? 5.569   21.598  -9.723  1.00 52.34  ? 107 ARG A NH2 1 
ATOM   403  N N   . LYS A 1 102 ? 4.770   15.571  -12.065 1.00 42.86  ? 108 LYS A N   1 
ATOM   404  C CA  . LYS A 1 102 ? 6.069   14.947  -12.237 1.00 41.15  ? 108 LYS A CA  1 
ATOM   405  C C   . LYS A 1 102 ? 6.945   15.256  -11.021 1.00 43.58  ? 108 LYS A C   1 
ATOM   406  O O   . LYS A 1 102 ? 7.071   16.403  -10.596 1.00 47.06  ? 108 LYS A O   1 
ATOM   407  C CB  . LYS A 1 102 ? 6.707   15.449  -13.521 1.00 40.34  ? 108 LYS A CB  1 
ATOM   408  C CG  . LYS A 1 102 ? 8.124   14.972  -13.761 1.00 49.39  ? 108 LYS A CG  1 
ATOM   409  C CD  . LYS A 1 102 ? 8.462   14.911  -15.257 1.00 49.76  ? 108 LYS A CD  1 
ATOM   410  C CE  . LYS A 1 102 ? 8.378   16.287  -15.890 1.00 74.24  ? 108 LYS A CE  1 
ATOM   411  N NZ  . LYS A 1 102 ? 9.714   16.933  -16.125 1.00 84.71  ? 108 LYS A NZ  1 
ATOM   412  N N   . GLY A 1 103 ? 7.539   14.222  -10.444 1.00 40.96  ? 109 GLY A N   1 
ATOM   413  C CA  . GLY A 1 103 ? 8.426   14.447  -9.315  1.00 35.43  ? 109 GLY A CA  1 
ATOM   414  C C   . GLY A 1 103 ? 8.862   13.179  -8.607  1.00 36.13  ? 109 GLY A C   1 
ATOM   415  O O   . GLY A 1 103 ? 8.529   12.049  -9.024  1.00 36.55  ? 109 GLY A O   1 
ATOM   416  N N   . ILE A 1 104 ? 9.627   13.365  -7.544  1.00 31.63  ? 110 ILE A N   1 
ATOM   417  C CA  . ILE A 1 104 ? 10.085  12.262  -6.708  1.00 32.67  ? 110 ILE A CA  1 
ATOM   418  C C   . ILE A 1 104 ? 9.139   12.060  -5.563  1.00 32.21  ? 110 ILE A C   1 
ATOM   419  O O   . ILE A 1 104 ? 8.804   13.003  -4.848  1.00 33.09  ? 110 ILE A O   1 
ATOM   420  C CB  . ILE A 1 104 ? 11.521  12.513  -6.172  1.00 31.84  ? 110 ILE A CB  1 
ATOM   421  C CG1 . ILE A 1 104 ? 12.496  12.641  -7.357  1.00 29.93  ? 110 ILE A CG1 1 
ATOM   422  C CG2 . ILE A 1 104 ? 11.953  11.430  -5.215  1.00 32.55  ? 110 ILE A CG2 1 
ATOM   423  C CD1 . ILE A 1 104 ? 12.499  11.472  -8.286  1.00 31.07  ? 110 ILE A CD1 1 
ATOM   424  N N   . TYR A 1 105 ? 8.707   10.818  -5.379  1.00 35.18  ? 111 TYR A N   1 
ATOM   425  C CA  . TYR A 1 105 ? 7.715   10.510  -4.323  1.00 35.54  ? 111 TYR A CA  1 
ATOM   426  C C   . TYR A 1 105 ? 8.229   9.420   -3.413  1.00 32.85  ? 111 TYR A C   1 
ATOM   427  O O   . TYR A 1 105 ? 8.777   8.414   -3.874  1.00 38.80  ? 111 TYR A O   1 
ATOM   428  C CB  . TYR A 1 105 ? 6.394   10.050  -4.932  1.00 33.71  ? 111 TYR A CB  1 
ATOM   429  C CG  . TYR A 1 105 ? 5.664   11.098  -5.724  1.00 36.53  ? 111 TYR A CG  1 
ATOM   430  C CD1 . TYR A 1 105 ? 6.096   11.457  -7.013  1.00 34.47  ? 111 TYR A CD1 1 
ATOM   431  C CD2 . TYR A 1 105 ? 4.498   11.704  -5.210  1.00 34.80  ? 111 TYR A CD2 1 
ATOM   432  C CE1 . TYR A 1 105 ? 5.404   12.411  -7.751  1.00 40.24  ? 111 TYR A CE1 1 
ATOM   433  C CE2 . TYR A 1 105 ? 3.811   12.662  -5.940  1.00 34.05  ? 111 TYR A CE2 1 
ATOM   434  C CZ  . TYR A 1 105 ? 4.253   13.004  -7.204  1.00 38.99  ? 111 TYR A CZ  1 
ATOM   435  O OH  . TYR A 1 105 ? 3.569   13.948  -7.920  1.00 38.71  ? 111 TYR A OH  1 
ATOM   436  N N   . SER A 1 106 ? 8.082   9.632   -2.115  1.00 30.63  ? 112 SER A N   1 
ATOM   437  C CA  . SER A 1 106 ? 8.402   8.596   -1.138  1.00 31.13  ? 112 SER A CA  1 
ATOM   438  C C   . SER A 1 106 ? 7.176   7.697   -0.931  1.00 30.48  ? 112 SER A C   1 
ATOM   439  O O   . SER A 1 106 ? 6.060   8.195   -0.832  1.00 35.28  ? 112 SER A O   1 
ATOM   440  C CB  . SER A 1 106 ? 8.856   9.235   0.173   1.00 28.94  ? 112 SER A CB  1 
ATOM   441  O OG  . SER A 1 106 ? 9.082   8.229   1.150   1.00 33.11  ? 112 SER A OG  1 
ATOM   442  N N   . PHE A 1 107 ? 7.396   6.390   -0.839  1.00 33.62  ? 113 PHE A N   1 
ATOM   443  C CA  . PHE A 1 107 ? 6.322   5.439   -0.441  1.00 33.23  ? 113 PHE A CA  1 
ATOM   444  C C   . PHE A 1 107 ? 6.844   4.446   0.591   1.00 35.02  ? 113 PHE A C   1 
ATOM   445  O O   . PHE A 1 107 ? 7.971   3.942   0.472   1.00 40.55  ? 113 PHE A O   1 
ATOM   446  C CB  . PHE A 1 107 ? 5.815   4.650   -1.657  1.00 28.68  ? 113 PHE A CB  1 
ATOM   447  C CG  . PHE A 1 107 ? 5.164   5.491   -2.686  1.00 31.24  ? 113 PHE A CG  1 
ATOM   448  C CD1 . PHE A 1 107 ? 3.828   5.866   -2.526  1.00 31.73  ? 113 PHE A CD1 1 
ATOM   449  C CD2 . PHE A 1 107 ? 5.873   5.951   -3.803  1.00 30.62  ? 113 PHE A CD2 1 
ATOM   450  C CE1 . PHE A 1 107 ? 3.212   6.660   -3.458  1.00 32.34  ? 113 PHE A CE1 1 
ATOM   451  C CE2 . PHE A 1 107 ? 5.251   6.770   -4.744  1.00 30.26  ? 113 PHE A CE2 1 
ATOM   452  C CZ  . PHE A 1 107 ? 3.925   7.117   -4.589  1.00 31.50  ? 113 PHE A CZ  1 
ATOM   453  N N   . SER A 1 108 ? 6.012   4.114   1.561   1.00 30.87  ? 114 SER A N   1 
ATOM   454  C CA  . SER A 1 108 ? 6.338   3.044   2.499   1.00 33.53  ? 114 SER A CA  1 
ATOM   455  C C   . SER A 1 108 ? 5.079   2.268   2.910   1.00 34.59  ? 114 SER A C   1 
ATOM   456  O O   . SER A 1 108 ? 3.990   2.866   3.085   1.00 36.21  ? 114 SER A O   1 
ATOM   457  C CB  . SER A 1 108 ? 7.061   3.628   3.745   1.00 32.01  ? 114 SER A CB  1 
ATOM   458  O OG  . SER A 1 108 ? 6.205   4.506   4.447   1.00 38.52  ? 114 SER A OG  1 
ATOM   459  N N   . PHE A 1 109 ? 5.243   0.967   3.101   1.00 32.95  ? 115 PHE A N   1 
ATOM   460  C CA  . PHE A 1 109 ? 4.142   0.107   3.520   1.00 35.26  ? 115 PHE A CA  1 
ATOM   461  C C   . PHE A 1 109 ? 4.573   -0.932  4.552   1.00 37.71  ? 115 PHE A C   1 
ATOM   462  O O   . PHE A 1 109 ? 5.723   -1.382  4.616   1.00 37.92  ? 115 PHE A O   1 
ATOM   463  C CB  . PHE A 1 109 ? 3.510   -0.617  2.308   1.00 30.24  ? 115 PHE A CB  1 
ATOM   464  C CG  . PHE A 1 109 ? 4.414   -1.601  1.650   1.00 31.01  ? 115 PHE A CG  1 
ATOM   465  C CD1 . PHE A 1 109 ? 5.308   -1.192  0.623   1.00 31.52  ? 115 PHE A CD1 1 
ATOM   466  C CD2 . PHE A 1 109 ? 4.401   -2.932  2.032   1.00 28.59  ? 115 PHE A CD2 1 
ATOM   467  C CE1 . PHE A 1 109 ? 6.169   -2.126  -0.008  1.00 33.16  ? 115 PHE A CE1 1 
ATOM   468  C CE2 . PHE A 1 109 ? 5.248   -3.868  1.384   1.00 34.38  ? 115 PHE A CE2 1 
ATOM   469  C CZ  . PHE A 1 109 ? 6.140   -3.471  0.355   1.00 28.03  ? 115 PHE A CZ  1 
ATOM   470  N N   . HIS A 1 110 ? 3.593   -1.342  5.335   1.00 42.00  ? 116 HIS A N   1 
ATOM   471  C CA  . HIS A 1 110 ? 3.773   -2.278  6.438   1.00 37.63  ? 116 HIS A CA  1 
ATOM   472  C C   . HIS A 1 110 ? 2.506   -3.139  6.530   1.00 33.88  ? 116 HIS A C   1 
ATOM   473  O O   . HIS A 1 110 ? 1.541   -2.779  7.180   1.00 34.96  ? 116 HIS A O   1 
ATOM   474  C CB  . HIS A 1 110 ? 4.010   -1.469  7.708   1.00 41.79  ? 116 HIS A CB  1 
ATOM   475  C CG  . HIS A 1 110 ? 4.201   -2.299  8.937   1.00 57.82  ? 116 HIS A CG  1 
ATOM   476  N ND1 . HIS A 1 110 ? 5.439   -2.665  9.380   1.00 69.57  ? 116 HIS A ND1 1 
ATOM   477  C CD2 . HIS A 1 110 ? 3.265   -2.837  9.844   1.00 59.93  ? 116 HIS A CD2 1 
ATOM   478  C CE1 . HIS A 1 110 ? 5.292   -3.405  10.512  1.00 77.65  ? 116 HIS A CE1 1 
ATOM   479  N NE2 . HIS A 1 110 ? 3.962   -3.505  10.793  1.00 67.24  ? 116 HIS A NE2 1 
ATOM   480  N N   . VAL A 1 111 ? 2.492   -4.271  5.824   1.00 29.14  ? 117 VAL A N   1 
ATOM   481  C CA  . VAL A 1 111 ? 1.331   -5.172  5.811   1.00 29.09  ? 117 VAL A CA  1 
ATOM   482  C C   . VAL A 1 111 ? 1.487   -6.328  6.815   1.00 36.33  ? 117 VAL A C   1 
ATOM   483  O O   . VAL A 1 111 ? 2.444   -7.120  6.716   1.00 39.40  ? 117 VAL A O   1 
ATOM   484  C CB  . VAL A 1 111 ? 1.137   -5.788  4.433   1.00 31.50  ? 117 VAL A CB  1 
ATOM   485  C CG1 . VAL A 1 111 ? -0.004  -6.823  4.485   1.00 31.95  ? 117 VAL A CG1 1 
ATOM   486  C CG2 . VAL A 1 111 ? 0.858   -4.689  3.397   1.00 26.32  ? 117 VAL A CG2 1 
ATOM   487  N N   . ILE A 1 112 ? 0.587   -6.414  7.780   1.00 39.28  ? 118 ILE A N   1 
ATOM   488  C CA  . ILE A 1 112 ? 0.715   -7.400  8.857   1.00 51.15  ? 118 ILE A CA  1 
ATOM   489  C C   . ILE A 1 112 ? -0.186  -8.603  8.660   1.00 59.51  ? 118 ILE A C   1 
ATOM   490  O O   . ILE A 1 112 ? -1.400  -8.441  8.571   1.00 63.50  ? 118 ILE A O   1 
ATOM   491  C CB  . ILE A 1 112 ? 0.317   -6.803  10.220  1.00 48.53  ? 118 ILE A CB  1 
ATOM   492  C CG1 . ILE A 1 112 ? 0.925   -5.429  10.375  1.00 56.75  ? 118 ILE A CG1 1 
ATOM   493  C CG2 . ILE A 1 112 ? 0.771   -7.743  11.327  1.00 51.76  ? 118 ILE A CG2 1 
ATOM   494  C CD1 . ILE A 1 112 ? 0.723   -4.819  11.750  1.00 64.11  ? 118 ILE A CD1 1 
ATOM   495  N N   . LYS A 1 113 ? 0.386   -9.805  8.621   1.00 73.70  ? 119 LYS A N   1 
ATOM   496  C CA  . LYS A 1 113 ? -0.454  -11.003 8.608   1.00 83.90  ? 119 LYS A CA  1 
ATOM   497  C C   . LYS A 1 113 ? -0.767  -11.416 10.045  1.00 92.47  ? 119 LYS A C   1 
ATOM   498  O O   . LYS A 1 113 ? 0.156   -11.731 10.812  1.00 99.30  ? 119 LYS A O   1 
ATOM   499  C CB  . LYS A 1 113 ? 0.196   -12.137 7.809   1.00 87.98  ? 119 LYS A CB  1 
ATOM   500  C CG  . LYS A 1 113 ? 1.575   -12.601 8.269   1.00 86.84  ? 119 LYS A CG  1 
ATOM   501  C CD  . LYS A 1 113 ? 1.969   -13.896 7.557   1.00 85.31  ? 119 LYS A CD  1 
ATOM   502  C CE  . LYS A 1 113 ? 3.293   -14.442 8.109   1.00 94.73  ? 119 LYS A CE  1 
ATOM   503  N NZ  . LYS A 1 113 ? 3.256   -14.719 9.587   1.00 105.48 ? 119 LYS A NZ  1 
ATOM   504  N N   . VAL A 1 114 ? -2.051  -11.375 10.401  1.00 95.65  ? 120 VAL A N   1 
ATOM   505  C CA  . VAL A 1 114 ? -2.496  -11.652 11.776  1.00 125.28 ? 120 VAL A CA  1 
ATOM   506  C C   . VAL A 1 114 ? -1.940  -12.980 12.294  1.00 131.95 ? 120 VAL A C   1 
ATOM   507  O O   . VAL A 1 114 ? -1.495  -13.085 13.448  1.00 125.30 ? 120 VAL A O   1 
ATOM   508  C CB  . VAL A 1 114 ? -4.033  -11.671 11.888  1.00 128.80 ? 120 VAL A CB  1 
ATOM   509  C CG1 . VAL A 1 114 ? -4.462  -12.244 13.236  1.00 124.87 ? 120 VAL A CG1 1 
ATOM   510  C CG2 . VAL A 1 114 ? -4.599  -10.258 11.725  1.00 139.45 ? 120 VAL A CG2 1 
ATOM   511  N N   . TYR A 1 115 ? -1.956  -13.978 11.419  1.00 123.15 ? 121 TYR A N   1 
ATOM   512  C CA  . TYR A 1 115 ? -1.443  -15.306 11.730  1.00 132.54 ? 121 TYR A CA  1 
ATOM   513  C C   . TYR A 1 115 ? -0.721  -15.820 10.493  1.00 138.57 ? 121 TYR A C   1 
ATOM   514  O O   . TYR A 1 115 ? -0.774  -15.168 9.444   1.00 168.44 ? 121 TYR A O   1 
ATOM   515  C CB  . TYR A 1 115 ? -2.610  -16.197 12.147  1.00 142.66 ? 121 TYR A CB  1 
ATOM   516  C CG  . TYR A 1 115 ? -2.329  -17.680 12.210  1.00 150.06 ? 121 TYR A CG  1 
ATOM   517  C CD1 . TYR A 1 115 ? -1.435  -18.214 13.147  1.00 150.15 ? 121 TYR A CD1 1 
ATOM   518  C CD2 . TYR A 1 115 ? -2.980  -18.554 11.340  1.00 146.83 ? 121 TYR A CD2 1 
ATOM   519  C CE1 . TYR A 1 115 ? -1.185  -19.570 13.200  1.00 154.58 ? 121 TYR A CE1 1 
ATOM   520  C CE2 . TYR A 1 115 ? -2.744  -19.915 11.387  1.00 150.49 ? 121 TYR A CE2 1 
ATOM   521  C CZ  . TYR A 1 115 ? -1.848  -20.415 12.313  1.00 155.13 ? 121 TYR A CZ  1 
ATOM   522  O OH  . TYR A 1 115 ? -1.623  -21.764 12.349  1.00 135.40 ? 121 TYR A OH  1 
ATOM   523  N N   . GLN A 1 116 ? -0.016  -16.947 10.592  1.00 130.85 ? 122 GLN A N   1 
ATOM   524  C CA  . GLN A 1 116 ? 0.659   -17.500 9.418   1.00 133.04 ? 122 GLN A CA  1 
ATOM   525  C C   . GLN A 1 116 ? -0.364  -17.767 8.321   1.00 143.90 ? 122 GLN A C   1 
ATOM   526  O O   . GLN A 1 116 ? -1.528  -18.096 8.598   1.00 143.59 ? 122 GLN A O   1 
ATOM   527  C CB  . GLN A 1 116 ? 1.423   -18.762 9.752   1.00 130.85 ? 122 GLN A CB  1 
ATOM   528  C CG  . GLN A 1 116 ? 0.570   -19.968 10.096  1.00 134.51 ? 122 GLN A CG  1 
ATOM   529  C CD  . GLN A 1 116 ? 0.586   -21.041 9.011   1.00 131.36 ? 122 GLN A CD  1 
ATOM   530  O OE1 . GLN A 1 116 ? 1.293   -20.928 8.012   1.00 124.41 ? 122 GLN A OE1 1 
ATOM   531  N NE2 . GLN A 1 116 ? -0.202  -22.080 9.207   1.00 121.10 ? 122 GLN A NE2 1 
ATOM   532  N N   . SER A 1 117 ? 0.080   -17.629 7.076   1.00 136.77 ? 123 SER A N   1 
ATOM   533  C CA  . SER A 1 117 ? -0.835  -17.506 5.941   1.00 143.18 ? 123 SER A CA  1 
ATOM   534  C C   . SER A 1 117 ? -1.026  -18.713 4.992   1.00 155.70 ? 123 SER A C   1 
ATOM   535  O O   . SER A 1 117 ? -2.157  -18.944 4.575   1.00 159.93 ? 123 SER A O   1 
ATOM   536  C CB  . SER A 1 117 ? -0.452  -16.281 5.113   1.00 125.14 ? 123 SER A CB  1 
ATOM   537  O OG  . SER A 1 117 ? -1.401  -16.042 4.085   1.00 96.94  ? 123 SER A OG  1 
ATOM   538  N N   . GLN A 1 118 ? 0.003   -19.492 4.633   1.00 158.00 ? 124 GLN A N   1 
ATOM   539  C CA  . GLN A 1 118 ? 1.333   -19.583 5.249   1.00 151.27 ? 124 GLN A CA  1 
ATOM   540  C C   . GLN A 1 118 ? 2.225   -18.347 5.091   1.00 134.64 ? 124 GLN A C   1 
ATOM   541  O O   . GLN A 1 118 ? 2.586   -17.714 6.076   1.00 131.75 ? 124 GLN A O   1 
ATOM   542  C CB  . GLN A 1 118 ? 2.055   -20.822 4.704   1.00 156.80 ? 124 GLN A CB  1 
ATOM   543  C CG  . GLN A 1 118 ? 3.291   -21.241 5.489   1.00 156.32 ? 124 GLN A CG  1 
ATOM   544  C CD  . GLN A 1 118 ? 3.595   -22.715 5.336   1.00 142.59 ? 124 GLN A CD  1 
ATOM   545  O OE1 . GLN A 1 118 ? 2.759   -23.489 4.871   1.00 131.57 ? 124 GLN A OE1 1 
ATOM   546  N NE2 . GLN A 1 118 ? 4.790   -23.111 5.725   1.00 131.43 ? 124 GLN A NE2 1 
ATOM   547  N N   . THR A 1 119 ? 2.586   -18.026 3.855   1.00 106.16 ? 125 THR A N   1 
ATOM   548  C CA  . THR A 1 119 ? 3.422   -16.886 3.596   1.00 87.60  ? 125 THR A CA  1 
ATOM   549  C C   . THR A 1 119 ? 2.681   -15.870 2.727   1.00 81.92  ? 125 THR A C   1 
ATOM   550  O O   . THR A 1 119 ? 1.751   -16.223 1.992   1.00 75.58  ? 125 THR A O   1 
ATOM   551  C CB  . THR A 1 119 ? 4.744   -17.299 2.906   1.00 88.52  ? 125 THR A CB  1 
ATOM   552  O OG1 . THR A 1 119 ? 4.558   -17.386 1.496   1.00 96.54  ? 125 THR A OG1 1 
ATOM   553  C CG2 . THR A 1 119 ? 5.246   -18.631 3.424   1.00 92.99  ? 125 THR A CG2 1 
ATOM   554  N N   . ILE A 1 120 ? 3.096   -14.603 2.818   1.00 60.57  ? 126 ILE A N   1 
ATOM   555  C CA  . ILE A 1 120 ? 2.631   -13.588 1.879   1.00 54.13  ? 126 ILE A CA  1 
ATOM   556  C C   . ILE A 1 120 ? 3.774   -12.826 1.237   1.00 51.48  ? 126 ILE A C   1 
ATOM   557  O O   . ILE A 1 120 ? 4.825   -12.578 1.873   1.00 56.81  ? 126 ILE A O   1 
ATOM   558  C CB  . ILE A 1 120 ? 1.668   -12.582 2.531   1.00 47.70  ? 126 ILE A CB  1 
ATOM   559  C CG1 . ILE A 1 120 ? 2.402   -11.758 3.575   1.00 45.37  ? 126 ILE A CG1 1 
ATOM   560  C CG2 . ILE A 1 120 ? 0.423   -13.301 3.108   1.00 52.37  ? 126 ILE A CG2 1 
ATOM   561  C CD1 . ILE A 1 120 ? 1.662   -10.510 3.974   1.00 45.31  ? 126 ILE A CD1 1 
ATOM   562  N N   . GLN A 1 121 ? 3.577   -12.482 -0.033  1.00 42.72  ? 127 GLN A N   1 
ATOM   563  C CA  . GLN A 1 121 ? 4.464   -11.566 -0.714  1.00 45.72  ? 127 GLN A CA  1 
ATOM   564  C C   . GLN A 1 121 ? 3.664   -10.356 -1.151  1.00 45.17  ? 127 GLN A C   1 
ATOM   565  O O   . GLN A 1 121 ? 2.698   -10.486 -1.908  1.00 54.20  ? 127 GLN A O   1 
ATOM   566  C CB  . GLN A 1 121 ? 5.140   -12.214 -1.908  1.00 45.44  ? 127 GLN A CB  1 
ATOM   567  C CG  . GLN A 1 121 ? 5.920   -11.239 -2.779  1.00 42.76  ? 127 GLN A CG  1 
ATOM   568  C CD  . GLN A 1 121 ? 6.461   -11.904 -4.025  1.00 48.57  ? 127 GLN A CD  1 
ATOM   569  O OE1 . GLN A 1 121 ? 6.586   -13.141 -4.087  1.00 63.71  ? 127 GLN A OE1 1 
ATOM   570  N NE2 . GLN A 1 121 ? 6.755   -11.109 -5.036  1.00 42.44  ? 127 GLN A NE2 1 
ATOM   571  N N   . VAL A 1 122 ? 4.056   -9.171  -0.667  1.00 39.18  ? 128 VAL A N   1 
ATOM   572  C CA  . VAL A 1 122 ? 3.377   -7.929  -1.080  1.00 33.51  ? 128 VAL A CA  1 
ATOM   573  C C   . VAL A 1 122 ? 4.261   -7.198  -2.087  1.00 37.76  ? 128 VAL A C   1 
ATOM   574  O O   . VAL A 1 122 ? 5.475   -7.047  -1.893  1.00 44.21  ? 128 VAL A O   1 
ATOM   575  C CB  . VAL A 1 122 ? 3.120   -7.033  0.123   1.00 31.94  ? 128 VAL A CB  1 
ATOM   576  C CG1 . VAL A 1 122 ? 2.681   -5.655  -0.338  1.00 31.84  ? 128 VAL A CG1 1 
ATOM   577  C CG2 . VAL A 1 122 ? 2.088   -7.676  1.070   1.00 29.68  ? 128 VAL A CG2 1 
ATOM   578  N N   . ASN A 1 123 ? 3.664   -6.741  -3.164  1.00 39.11  ? 129 ASN A N   1 
ATOM   579  C CA  . ASN A 1 123 ? 4.366   -5.979  -4.199  1.00 37.10  ? 129 ASN A CA  1 
ATOM   580  C C   . ASN A 1 123 ? 3.901   -4.543  -4.262  1.00 40.18  ? 129 ASN A C   1 
ATOM   581  O O   . ASN A 1 123 ? 2.692   -4.253  -4.258  1.00 50.07  ? 129 ASN A O   1 
ATOM   582  C CB  . ASN A 1 123 ? 4.139   -6.623  -5.586  1.00 43.31  ? 129 ASN A CB  1 
ATOM   583  C CG  . ASN A 1 123 ? 5.115   -7.749  -5.872  1.00 47.79  ? 129 ASN A CG  1 
ATOM   584  O OD1 . ASN A 1 123 ? 5.946   -8.118  -5.020  1.00 51.63  ? 129 ASN A OD1 1 
ATOM   585  N ND2 . ASN A 1 123 ? 5.038   -8.277  -7.077  1.00 42.85  ? 129 ASN A ND2 1 
ATOM   586  N N   . LEU A 1 124 ? 4.853   -3.628  -4.372  1.00 38.11  ? 130 LEU A N   1 
ATOM   587  C CA  . LEU A 1 124 ? 4.534   -2.233  -4.634  1.00 33.86  ? 130 LEU A CA  1 
ATOM   588  C C   . LEU A 1 124 ? 4.437   -2.090  -6.123  1.00 36.19  ? 130 LEU A C   1 
ATOM   589  O O   . LEU A 1 124 ? 5.432   -2.305  -6.857  1.00 39.77  ? 130 LEU A O   1 
ATOM   590  C CB  . LEU A 1 124 ? 5.615   -1.292  -4.070  1.00 34.62  ? 130 LEU A CB  1 
ATOM   591  C CG  . LEU A 1 124 ? 5.262   0.203   -4.345  1.00 34.17  ? 130 LEU A CG  1 
ATOM   592  C CD1 . LEU A 1 124 ? 4.054   0.580   -3.528  1.00 34.75  ? 130 LEU A CD1 1 
ATOM   593  C CD2 . LEU A 1 124 ? 6.364   1.136   -3.917  1.00 30.73  ? 130 LEU A CD2 1 
ATOM   594  N N   . MET A 1 125 ? 3.242   -1.708  -6.580  1.00 34.81  ? 131 MET A N   1 
ATOM   595  C CA  . MET A 1 125 ? 2.965   -1.634  -8.015  1.00 34.49  ? 131 MET A CA  1 
ATOM   596  C C   . MET A 1 125 ? 3.011   -0.203  -8.537  1.00 36.48  ? 131 MET A C   1 
ATOM   597  O O   . MET A 1 125 ? 2.500   0.714   -7.902  1.00 45.29  ? 131 MET A O   1 
ATOM   598  C CB  . MET A 1 125 ? 1.604   -2.248  -8.299  1.00 31.43  ? 131 MET A CB  1 
ATOM   599  C CG  . MET A 1 125 ? 1.402   -3.647  -7.730  1.00 34.13  ? 131 MET A CG  1 
ATOM   600  S SD  . MET A 1 125 ? 2.345   -4.914  -8.574  1.00 43.45  ? 131 MET A SD  1 
ATOM   601  C CE  . MET A 1 125 ? 1.753   -4.789  -10.211 1.00 35.90  ? 131 MET A CE  1 
ATOM   602  N N   . LEU A 1 126 ? 3.633   -0.046  -9.701  1.00 37.14  ? 132 LEU A N   1 
ATOM   603  C CA  . LEU A 1 126 ? 3.575   1.175   -10.484 1.00 38.53  ? 132 LEU A CA  1 
ATOM   604  C C   . LEU A 1 126 ? 3.017   0.868   -11.891 1.00 38.51  ? 132 LEU A C   1 
ATOM   605  O O   . LEU A 1 126 ? 3.693   0.237   -12.695 1.00 40.45  ? 132 LEU A O   1 
ATOM   606  C CB  . LEU A 1 126 ? 4.986   1.768   -10.595 1.00 33.83  ? 132 LEU A CB  1 
ATOM   607  C CG  . LEU A 1 126 ? 5.228   2.860   -11.663 1.00 30.95  ? 132 LEU A CG  1 
ATOM   608  C CD1 . LEU A 1 126 ? 4.210   3.982   -11.561 1.00 37.86  ? 132 LEU A CD1 1 
ATOM   609  C CD2 . LEU A 1 126 ? 6.591   3.472   -11.511 1.00 27.46  ? 132 LEU A CD2 1 
ATOM   610  N N   . ASN A 1 127 ? 1.794   1.300   -12.165 1.00 33.26  ? 133 ASN A N   1 
ATOM   611  C CA  . ASN A 1 127 ? 1.179   1.102   -13.488 1.00 31.97  ? 133 ASN A CA  1 
ATOM   612  C C   . ASN A 1 127 ? 1.182   -0.342  -13.970 1.00 34.29  ? 133 ASN A C   1 
ATOM   613  O O   . ASN A 1 127 ? 1.521   -0.615  -15.150 1.00 43.94  ? 133 ASN A O   1 
ATOM   614  C CB  . ASN A 1 127 ? 1.823   1.982   -14.559 1.00 24.90  ? 133 ASN A CB  1 
ATOM   615  C CG  . ASN A 1 127 ? 1.566   3.437   -14.320 1.00 31.06  ? 133 ASN A CG  1 
ATOM   616  O OD1 . ASN A 1 127 ? 0.557   3.807   -13.709 1.00 38.35  ? 133 ASN A OD1 1 
ATOM   617  N ND2 . ASN A 1 127 ? 2.495   4.291   -14.739 1.00 29.69  ? 133 ASN A ND2 1 
ATOM   618  N N   . GLY A 1 128 ? 0.839   -1.255  -13.066 1.00 32.11  ? 134 GLY A N   1 
ATOM   619  C CA  . GLY A 1 128 ? 0.704   -2.657  -13.433 1.00 37.21  ? 134 GLY A CA  1 
ATOM   620  C C   . GLY A 1 128 ? 1.983   -3.492  -13.370 1.00 41.99  ? 134 GLY A C   1 
ATOM   621  O O   . GLY A 1 128 ? 1.922   -4.698  -13.519 1.00 46.26  ? 134 GLY A O   1 
ATOM   622  N N   . LYS A 1 129 ? 3.130   -2.855  -13.141 1.00 43.15  ? 135 LYS A N   1 
ATOM   623  C CA  . LYS A 1 129 ? 4.387   -3.599  -12.970 1.00 51.80  ? 135 LYS A CA  1 
ATOM   624  C C   . LYS A 1 129 ? 4.892   -3.534  -11.535 1.00 45.81  ? 135 LYS A C   1 
ATOM   625  O O   . LYS A 1 129 ? 4.902   -2.471  -10.922 1.00 52.95  ? 135 LYS A O   1 
ATOM   626  C CB  . LYS A 1 129 ? 5.468   -3.104  -13.947 1.00 53.08  ? 135 LYS A CB  1 
ATOM   627  C CG  . LYS A 1 129 ? 5.112   -3.279  -15.418 1.00 71.45  ? 135 LYS A CG  1 
ATOM   628  C CD  . LYS A 1 129 ? 4.449   -4.627  -15.705 1.00 97.99  ? 135 LYS A CD  1 
ATOM   629  C CE  . LYS A 1 129 ? 5.444   -5.815  -15.763 1.00 92.23  ? 135 LYS A CE  1 
ATOM   630  N NZ  . LYS A 1 129 ? 4.745   -7.148  -15.765 1.00 69.55  ? 135 LYS A NZ  1 
ATOM   631  N N   . PRO A 1 130 ? 5.306   -4.678  -10.987 1.00 44.89  ? 136 PRO A N   1 
ATOM   632  C CA  . PRO A 1 130 ? 5.923   -4.746  -9.636  1.00 43.06  ? 136 PRO A CA  1 
ATOM   633  C C   . PRO A 1 130 ? 7.255   -3.987  -9.626  1.00 41.33  ? 136 PRO A C   1 
ATOM   634  O O   . PRO A 1 130 ? 8.036   -4.086  -10.554 1.00 44.41  ? 136 PRO A O   1 
ATOM   635  C CB  . PRO A 1 130 ? 6.177   -6.234  -9.426  1.00 33.61  ? 136 PRO A CB  1 
ATOM   636  C CG  . PRO A 1 130 ? 5.254   -6.909  -10.378 1.00 41.30  ? 136 PRO A CG  1 
ATOM   637  C CD  . PRO A 1 130 ? 5.171   -6.010  -11.593 1.00 42.40  ? 136 PRO A CD  1 
ATOM   638  N N   . VAL A 1 131 ? 7.485   -3.218  -8.588  1.00 40.20  ? 137 VAL A N   1 
ATOM   639  C CA  . VAL A 1 131 ? 8.680   -2.386  -8.494  1.00 35.64  ? 137 VAL A CA  1 
ATOM   640  C C   . VAL A 1 131 ? 9.488   -2.809  -7.279  1.00 38.70  ? 137 VAL A C   1 
ATOM   641  O O   . VAL A 1 131 ? 10.700  -2.876  -7.366  1.00 42.25  ? 137 VAL A O   1 
ATOM   642  C CB  . VAL A 1 131 ? 8.303   -0.893  -8.319  1.00 37.26  ? 137 VAL A CB  1 
ATOM   643  C CG1 . VAL A 1 131 ? 9.539   -0.096  -7.984  1.00 44.31  ? 137 VAL A CG1 1 
ATOM   644  C CG2 . VAL A 1 131 ? 7.743   -0.384  -9.627  1.00 42.49  ? 137 VAL A CG2 1 
ATOM   645  N N   . ILE A 1 132 ? 8.814   -3.101  -6.168  1.00 33.07  ? 138 ILE A N   1 
ATOM   646  C CA  . ILE A 1 132 ? 9.463   -3.450  -4.914  1.00 35.55  ? 138 ILE A CA  1 
ATOM   647  C C   . ILE A 1 132 ? 8.674   -4.616  -4.326  1.00 35.11  ? 138 ILE A C   1 
ATOM   648  O O   . ILE A 1 132 ? 7.478   -4.751  -4.556  1.00 39.25  ? 138 ILE A O   1 
ATOM   649  C CB  . ILE A 1 132 ? 9.415   -2.219  -3.944  1.00 42.53  ? 138 ILE A CB  1 
ATOM   650  C CG1 . ILE A 1 132 ? 10.310  -1.130  -4.452  1.00 51.34  ? 138 ILE A CG1 1 
ATOM   651  C CG2 . ILE A 1 132 ? 9.761   -2.531  -2.515  1.00 43.03  ? 138 ILE A CG2 1 
ATOM   652  C CD1 . ILE A 1 132 ? 11.743  -1.536  -4.564  1.00 54.34  ? 138 ILE A CD1 1 
ATOM   653  N N   . SER A 1 133 ? 9.332   -5.464  -3.545  1.00 38.72  ? 139 SER A N   1 
ATOM   654  C CA  . SER A 1 133 ? 8.662   -6.633  -2.950  1.00 36.62  ? 139 SER A CA  1 
ATOM   655  C C   . SER A 1 133 ? 9.004   -6.750  -1.457  1.00 40.90  ? 139 SER A C   1 
ATOM   656  O O   . SER A 1 133 ? 10.055  -6.296  -1.002  1.00 48.25  ? 139 SER A O   1 
ATOM   657  C CB  . SER A 1 133 ? 9.082   -7.894  -3.681  1.00 34.04  ? 139 SER A CB  1 
ATOM   658  O OG  . SER A 1 133 ? 8.838   -7.753  -5.051  1.00 39.05  ? 139 SER A OG  1 
ATOM   659  N N   . ALA A 1 134 ? 8.109   -7.359  -0.696  1.00 40.09  ? 140 ALA A N   1 
ATOM   660  C CA  . ALA A 1 134 ? 8.357   -7.619  0.725   1.00 36.94  ? 140 ALA A CA  1 
ATOM   661  C C   . ALA A 1 134 ? 7.697   -8.952  1.103   1.00 40.03  ? 140 ALA A C   1 
ATOM   662  O O   . ALA A 1 134 ? 6.746   -9.417  0.437   1.00 34.45  ? 140 ALA A O   1 
ATOM   663  C CB  . ALA A 1 134 ? 7.779   -6.522  1.564   1.00 36.05  ? 140 ALA A CB  1 
ATOM   664  N N   . PHE A 1 135 ? 8.206   -9.564  2.181   1.00 38.62  ? 141 PHE A N   1 
ATOM   665  C CA  . PHE A 1 135 ? 7.801   -10.912 2.541   1.00 35.98  ? 141 PHE A CA  1 
ATOM   666  C C   . PHE A 1 135 ? 7.474   -11.074 3.988   1.00 39.27  ? 141 PHE A C   1 
ATOM   667  O O   . PHE A 1 135 ? 8.082   -10.438 4.869   1.00 49.95  ? 141 PHE A O   1 
ATOM   668  C CB  . PHE A 1 135 ? 8.889   -11.893 2.152   1.00 35.32  ? 141 PHE A CB  1 
ATOM   669  C CG  . PHE A 1 135 ? 9.257   -11.853 0.696   1.00 38.29  ? 141 PHE A CG  1 
ATOM   670  C CD1 . PHE A 1 135 ? 10.196  -10.924 0.238   1.00 40.45  ? 141 PHE A CD1 1 
ATOM   671  C CD2 . PHE A 1 135 ? 8.664   -12.713 -0.212  1.00 38.11  ? 141 PHE A CD2 1 
ATOM   672  C CE1 . PHE A 1 135 ? 10.517  -10.851 -1.109  1.00 46.97  ? 141 PHE A CE1 1 
ATOM   673  C CE2 . PHE A 1 135 ? 9.008   -12.663 -1.578  1.00 41.86  ? 141 PHE A CE2 1 
ATOM   674  C CZ  . PHE A 1 135 ? 9.940   -11.736 -2.020  1.00 43.90  ? 141 PHE A CZ  1 
ATOM   675  N N   . ALA A 1 136 ? 6.492   -11.932 4.246   1.00 45.69  ? 142 ALA A N   1 
ATOM   676  C CA  . ALA A 1 136 ? 6.201   -12.398 5.605   1.00 50.64  ? 142 ALA A CA  1 
ATOM   677  C C   . ALA A 1 136 ? 5.993   -13.896 5.523   1.00 63.37  ? 142 ALA A C   1 
ATOM   678  O O   . ALA A 1 136 ? 5.094   -14.352 4.827   1.00 54.50  ? 142 ALA A O   1 
ATOM   679  C CB  . ALA A 1 136 ? 4.986   -11.691 6.201   1.00 47.88  ? 142 ALA A CB  1 
ATOM   680  N N   . GLY A 1 137 ? 6.818   -14.673 6.223   1.00 87.32  ? 143 GLY A N   1 
ATOM   681  C CA  . GLY A 1 137 ? 6.989   -16.090 5.868   1.00 103.74 ? 143 GLY A CA  1 
ATOM   682  C C   . GLY A 1 137 ? 6.636   -17.207 6.828   1.00 108.47 ? 143 GLY A C   1 
ATOM   683  O O   . GLY A 1 137 ? 5.857   -18.083 6.497   1.00 127.71 ? 143 GLY A O   1 
ATOM   684  N N   . ASP A 1 138 ? 7.219   -17.200 8.014   1.00 128.05 ? 144 ASP A N   1 
ATOM   685  C CA  . ASP A 1 138 ? 7.240   -18.399 8.850   1.00 138.56 ? 144 ASP A CA  1 
ATOM   686  C C   . ASP A 1 138 ? 5.889   -18.851 9.395   1.00 141.02 ? 144 ASP A C   1 
ATOM   687  O O   . ASP A 1 138 ? 5.080   -18.035 9.816   1.00 142.41 ? 144 ASP A O   1 
ATOM   688  C CB  . ASP A 1 138 ? 8.239   -18.230 9.991   1.00 149.83 ? 144 ASP A CB  1 
ATOM   689  C CG  . ASP A 1 138 ? 8.553   -19.539 10.689  1.00 164.81 ? 144 ASP A CG  1 
ATOM   690  O OD1 . ASP A 1 138 ? 8.179   -20.618 10.170  1.00 162.23 ? 144 ASP A OD1 1 
ATOM   691  O OD2 . ASP A 1 138 ? 9.181   -19.486 11.762  1.00 169.50 ? 144 ASP A OD2 1 
ATOM   692  N N   . LYS A 1 139 ? 5.689   -20.168 9.403   1.00 142.39 ? 145 LYS A N   1 
ATOM   693  C CA  . LYS A 1 139 ? 4.486   -20.804 9.940   1.00 154.04 ? 145 LYS A CA  1 
ATOM   694  C C   . LYS A 1 139 ? 4.267   -20.524 11.434  1.00 155.41 ? 145 LYS A C   1 
ATOM   695  O O   . LYS A 1 139 ? 3.155   -20.217 11.864  1.00 149.95 ? 145 LYS A O   1 
ATOM   696  C CB  . LYS A 1 139 ? 4.561   -22.317 9.728   1.00 151.38 ? 145 LYS A CB  1 
ATOM   697  C CG  . LYS A 1 139 ? 3.376   -22.920 8.978   1.00 141.21 ? 145 LYS A CG  1 
ATOM   698  C CD  . LYS A 1 139 ? 3.474   -24.437 8.890   1.00 121.65 ? 145 LYS A CD  1 
ATOM   699  C CE  . LYS A 1 139 ? 2.341   -25.001 8.049   1.00 119.19 ? 145 LYS A CE  1 
ATOM   700  N NZ  . LYS A 1 139 ? 2.450   -26.476 7.882   1.00 112.82 ? 145 LYS A NZ  1 
ATOM   701  N N   . ASP A 1 140 ? 5.326   -20.646 12.228  1.00 150.45 ? 146 ASP A N   1 
ATOM   702  C CA  . ASP A 1 140 ? 5.203   -20.501 13.670  1.00 149.17 ? 146 ASP A CA  1 
ATOM   703  C C   . ASP A 1 140 ? 5.090   -19.044 14.116  1.00 145.50 ? 146 ASP A C   1 
ATOM   704  O O   . ASP A 1 140 ? 4.518   -18.755 15.164  1.00 136.46 ? 146 ASP A O   1 
ATOM   705  C CB  . ASP A 1 140 ? 6.394   -21.159 14.369  1.00 146.34 ? 146 ASP A CB  1 
ATOM   706  C CG  . ASP A 1 140 ? 5.995   -22.320 15.253  1.00 148.43 ? 146 ASP A CG  1 
ATOM   707  O OD1 . ASP A 1 140 ? 4.793   -22.441 15.570  1.00 148.05 ? 146 ASP A OD1 1 
ATOM   708  O OD2 . ASP A 1 140 ? 6.890   -23.098 15.652  1.00 132.60 ? 146 ASP A OD2 1 
ATOM   709  N N   . VAL A 1 141 ? 5.636   -18.132 13.316  1.00 145.77 ? 147 VAL A N   1 
ATOM   710  C CA  . VAL A 1 141 ? 5.736   -16.741 13.728  1.00 141.53 ? 147 VAL A CA  1 
ATOM   711  C C   . VAL A 1 141 ? 4.476   -15.935 13.435  1.00 137.68 ? 147 VAL A C   1 
ATOM   712  O O   . VAL A 1 141 ? 4.048   -15.813 12.286  1.00 150.50 ? 147 VAL A O   1 
ATOM   713  C CB  . VAL A 1 141 ? 6.940   -16.032 13.082  1.00 146.24 ? 147 VAL A CB  1 
ATOM   714  C CG1 . VAL A 1 141 ? 6.985   -14.568 13.514  1.00 138.75 ? 147 VAL A CG1 1 
ATOM   715  C CG2 . VAL A 1 141 ? 8.233   -16.747 13.436  1.00 142.35 ? 147 VAL A CG2 1 
ATOM   716  N N   . THR A 1 142 ? 3.888   -15.383 14.497  1.00 124.61 ? 148 THR A N   1 
ATOM   717  C CA  . THR A 1 142 ? 2.825   -14.382 14.382  1.00 119.49 ? 148 THR A CA  1 
ATOM   718  C C   . THR A 1 142 ? 2.983   -13.388 15.532  1.00 121.45 ? 148 THR A C   1 
ATOM   719  O O   . THR A 1 142 ? 3.264   -13.795 16.675  1.00 108.61 ? 148 THR A O   1 
ATOM   720  C CB  . THR A 1 142 ? 1.420   -15.022 14.474  1.00 122.84 ? 148 THR A CB  1 
ATOM   721  O OG1 . THR A 1 142 ? 0.807   -14.679 15.718  1.00 114.60 ? 148 THR A OG1 1 
ATOM   722  C CG2 . THR A 1 142 ? 1.488   -16.543 14.352  1.00 127.83 ? 148 THR A CG2 1 
ATOM   723  N N   . ARG A 1 143 ? 2.816   -12.095 15.244  1.00 112.29 ? 149 ARG A N   1 
ATOM   724  C CA  . ARG A 1 143 ? 2.514   -11.597 13.906  1.00 86.54  ? 149 ARG A CA  1 
ATOM   725  C C   . ARG A 1 143 ? 3.786   -11.269 13.153  1.00 91.58  ? 149 ARG A C   1 
ATOM   726  O O   . ARG A 1 143 ? 4.790   -10.841 13.751  1.00 92.02  ? 149 ARG A O   1 
ATOM   727  C CB  . ARG A 1 143 ? 1.694   -10.305 13.997  1.00 94.71  ? 149 ARG A CB  1 
ATOM   728  C CG  . ARG A 1 143 ? 0.332   -10.407 14.652  1.00 93.48  ? 149 ARG A CG  1 
ATOM   729  C CD  . ARG A 1 143 ? -0.242  -9.009  14.855  1.00 71.42  ? 149 ARG A CD  1 
ATOM   730  N NE  . ARG A 1 143 ? -1.487  -9.005  15.606  1.00 76.42  ? 149 ARG A NE  1 
ATOM   731  C CZ  . ARG A 1 143 ? -2.681  -8.714  15.092  1.00 90.70  ? 149 ARG A CZ  1 
ATOM   732  N NH1 . ARG A 1 143 ? -2.809  -8.353  13.807  1.00 97.14  ? 149 ARG A NH1 1 
ATOM   733  N NH2 . ARG A 1 143 ? -3.745  -8.760  15.881  1.00 80.11  ? 149 ARG A NH2 1 
ATOM   734  N N   . GLU A 1 144 ? 3.750   -11.462 11.837  1.00 86.91  ? 150 GLU A N   1 
ATOM   735  C CA  . GLU A 1 144 ? 4.869   -11.054 10.993  1.00 74.36  ? 150 GLU A CA  1 
ATOM   736  C C   . GLU A 1 144 ? 4.405   -10.019 9.964   1.00 70.60  ? 150 GLU A C   1 
ATOM   737  O O   . GLU A 1 144 ? 3.225   -10.019 9.548   1.00 67.46  ? 150 GLU A O   1 
ATOM   738  C CB  . GLU A 1 144 ? 5.520   -12.267 10.316  1.00 82.84  ? 150 GLU A CB  1 
ATOM   739  C CG  . GLU A 1 144 ? 6.928   -11.989 9.804   1.00 92.19  ? 150 GLU A CG  1 
ATOM   740  C CD  . GLU A 1 144 ? 7.522   -13.151 8.997   1.00 101.21 ? 150 GLU A CD  1 
ATOM   741  O OE1 . GLU A 1 144 ? 7.024   -14.295 9.145   1.00 104.07 ? 150 GLU A OE1 1 
ATOM   742  O OE2 . GLU A 1 144 ? 8.486   -12.914 8.209   1.00 102.01 ? 150 GLU A OE2 1 
ATOM   743  N N   . ALA A 1 145 ? 5.334   -9.149  9.554   1.00 57.94  ? 151 ALA A N   1 
ATOM   744  C CA  . ALA A 1 145 ? 5.019   -8.030  8.673   1.00 44.97  ? 151 ALA A CA  1 
ATOM   745  C C   . ALA A 1 145 ? 5.831   -8.028  7.398   1.00 43.49  ? 151 ALA A C   1 
ATOM   746  O O   . ALA A 1 145 ? 7.038   -8.277  7.406   1.00 50.61  ? 151 ALA A O   1 
ATOM   747  C CB  . ALA A 1 145 ? 5.201   -6.731  9.400   1.00 38.72  ? 151 ALA A CB  1 
ATOM   748  N N   . ALA A 1 146 ? 5.150   -7.792  6.280   1.00 39.13  ? 152 ALA A N   1 
ATOM   749  C CA  . ALA A 1 146 ? 5.828   -7.561  5.006   1.00 42.25  ? 152 ALA A CA  1 
ATOM   750  C C   . ALA A 1 146 ? 5.908   -6.033  4.837   1.00 43.45  ? 152 ALA A C   1 
ATOM   751  O O   . ALA A 1 146 ? 4.910   -5.362  4.611   1.00 44.12  ? 152 ALA A O   1 
ATOM   752  C CB  . ALA A 1 146 ? 5.089   -8.217  3.846   1.00 36.59  ? 152 ALA A CB  1 
ATOM   753  N N   . THR A 1 147 ? 7.106   -5.498  5.003   1.00 42.66  ? 153 THR A N   1 
ATOM   754  C CA  . THR A 1 147 ? 7.291   -4.074  5.043   1.00 44.39  ? 153 THR A CA  1 
ATOM   755  C C   . THR A 1 147 ? 8.407   -3.672  4.098   1.00 40.99  ? 153 THR A C   1 
ATOM   756  O O   . THR A 1 147 ? 9.376   -4.370  3.939   1.00 43.17  ? 153 THR A O   1 
ATOM   757  C CB  . THR A 1 147 ? 7.589   -3.562  6.480   1.00 48.58  ? 153 THR A CB  1 
ATOM   758  O OG1 . THR A 1 147 ? 7.725   -2.128  6.445   1.00 81.45  ? 153 THR A OG1 1 
ATOM   759  C CG2 . THR A 1 147 ? 8.847   -4.124  6.982   1.00 45.06  ? 153 THR A CG2 1 
ATOM   760  N N   . ASN A 1 148 ? 8.257   -2.524  3.455   1.00 42.85  ? 154 ASN A N   1 
ATOM   761  C CA  . ASN A 1 148 ? 9.315   -1.972  2.619   1.00 38.08  ? 154 ASN A CA  1 
ATOM   762  C C   . ASN A 1 148 ? 8.995   -0.548  2.206   1.00 39.39  ? 154 ASN A C   1 
ATOM   763  O O   . ASN A 1 148 ? 7.879   -0.054  2.438   1.00 53.57  ? 154 ASN A O   1 
ATOM   764  C CB  . ASN A 1 148 ? 9.526   -2.847  1.380   1.00 40.96  ? 154 ASN A CB  1 
ATOM   765  C CG  . ASN A 1 148 ? 10.993  -2.828  0.896   1.00 44.74  ? 154 ASN A CG  1 
ATOM   766  O OD1 . ASN A 1 148 ? 11.745  -1.880  1.147   1.00 46.67  ? 154 ASN A OD1 1 
ATOM   767  N ND2 . ASN A 1 148 ? 11.379  -3.835  0.141   1.00 30.51  ? 154 ASN A ND2 1 
ATOM   768  N N   . GLY A 1 149 ? 9.923   0.109   1.541   1.00 37.36  ? 155 GLY A N   1 
ATOM   769  C CA  . GLY A 1 149 ? 9.740   1.494   1.188   1.00 44.05  ? 155 GLY A CA  1 
ATOM   770  C C   . GLY A 1 149 ? 10.770  1.890   0.163   1.00 51.92  ? 155 GLY A C   1 
ATOM   771  O O   . GLY A 1 149 ? 11.744  1.167   -0.063  1.00 53.84  ? 155 GLY A O   1 
ATOM   772  N N   . VAL A 1 150 ? 10.564  3.055   -0.458  1.00 48.99  ? 156 VAL A N   1 
ATOM   773  C CA  . VAL A 1 150 ? 11.315  3.418   -1.621  1.00 40.22  ? 156 VAL A CA  1 
ATOM   774  C C   . VAL A 1 150 ? 10.990  4.838   -2.095  1.00 39.96  ? 156 VAL A C   1 
ATOM   775  O O   . VAL A 1 150 ? 9.896   5.354   -1.796  1.00 44.39  ? 156 VAL A O   1 
ATOM   776  C CB  . VAL A 1 150 ? 11.016  2.392   -2.748  1.00 42.85  ? 156 VAL A CB  1 
ATOM   777  C CG1 . VAL A 1 150 ? 9.554   2.480   -3.165  1.00 53.88  ? 156 VAL A CG1 1 
ATOM   778  C CG2 . VAL A 1 150 ? 11.915  2.608   -3.962  1.00 46.39  ? 156 VAL A CG2 1 
ATOM   779  N N   . LEU A 1 151 ? 11.909  5.449   -2.864  1.00 33.77  ? 157 LEU A N   1 
ATOM   780  C CA  . LEU A 1 151 ? 11.589  6.653   -3.619  1.00 34.70  ? 157 LEU A CA  1 
ATOM   781  C C   . LEU A 1 151 ? 11.341  6.268   -5.070  1.00 35.43  ? 157 LEU A C   1 
ATOM   782  O O   . LEU A 1 151 ? 11.951  5.340   -5.556  1.00 34.28  ? 157 LEU A O   1 
ATOM   783  C CB  . LEU A 1 151 ? 12.712  7.687   -3.539  1.00 29.46  ? 157 LEU A CB  1 
ATOM   784  C CG  . LEU A 1 151 ? 13.188  8.110   -2.174  1.00 26.32  ? 157 LEU A CG  1 
ATOM   785  C CD1 . LEU A 1 151 ? 14.199  9.239   -2.300  1.00 27.16  ? 157 LEU A CD1 1 
ATOM   786  C CD2 . LEU A 1 151 ? 12.015  8.461   -1.255  1.00 27.05  ? 157 LEU A CD2 1 
ATOM   787  N N   . LEU A 1 152 ? 10.420  6.979   -5.737  1.00 33.69  ? 158 LEU A N   1 
ATOM   788  C CA  . LEU A 1 152 ? 10.106  6.705   -7.130  1.00 31.94  ? 158 LEU A CA  1 
ATOM   789  C C   . LEU A 1 152 ? 10.010  7.994   -7.964  1.00 39.63  ? 158 LEU A C   1 
ATOM   790  O O   . LEU A 1 152 ? 9.520   9.049   -7.480  1.00 35.86  ? 158 LEU A O   1 
ATOM   791  C CB  . LEU A 1 152 ? 8.805   5.965   -7.217  1.00 30.77  ? 158 LEU A CB  1 
ATOM   792  C CG  . LEU A 1 152 ? 8.750   4.478   -6.851  1.00 35.14  ? 158 LEU A CG  1 
ATOM   793  C CD1 . LEU A 1 152 ? 7.319   3.934   -7.016  1.00 27.86  ? 158 LEU A CD1 1 
ATOM   794  C CD2 . LEU A 1 152 ? 9.704   3.667   -7.704  1.00 33.43  ? 158 LEU A CD2 1 
ATOM   795  N N   . TYR A 1 153 ? 10.525  7.935   -9.208  1.00 40.66  ? 159 TYR A N   1 
ATOM   796  C CA  . TYR A 1 153 ? 10.308  9.040   -10.148 1.00 41.62  ? 159 TYR A CA  1 
ATOM   797  C C   . TYR A 1 153 ? 8.953   8.802   -10.816 1.00 40.65  ? 159 TYR A C   1 
ATOM   798  O O   . TYR A 1 153 ? 8.765   7.786   -11.510 1.00 42.29  ? 159 TYR A O   1 
ATOM   799  C CB  . TYR A 1 153 ? 11.418  9.097   -11.180 1.00 44.36  ? 159 TYR A CB  1 
ATOM   800  C CG  . TYR A 1 153 ? 11.226  10.129  -12.262 1.00 55.85  ? 159 TYR A CG  1 
ATOM   801  C CD1 . TYR A 1 153 ? 10.402  9.866   -13.383 1.00 72.90  ? 159 TYR A CD1 1 
ATOM   802  C CD2 . TYR A 1 153 ? 11.912  11.333  -12.231 1.00 58.09  ? 159 TYR A CD2 1 
ATOM   803  C CE1 . TYR A 1 153 ? 10.220  10.801  -14.380 1.00 83.58  ? 159 TYR A CE1 1 
ATOM   804  C CE2 . TYR A 1 153 ? 11.762  12.274  -13.241 1.00 71.02  ? 159 TYR A CE2 1 
ATOM   805  C CZ  . TYR A 1 153 ? 10.919  11.989  -14.303 1.00 88.72  ? 159 TYR A CZ  1 
ATOM   806  O OH  . TYR A 1 153 ? 10.753  12.880  -15.319 1.00 107.22 ? 159 TYR A OH  1 
ATOM   807  N N   . LEU A 1 154 ? 8.016   9.727   -10.619 1.00 38.95  ? 160 LEU A N   1 
ATOM   808  C CA  . LEU A 1 154 ? 6.648   9.543   -11.140 1.00 35.74  ? 160 LEU A CA  1 
ATOM   809  C C   . LEU A 1 154 ? 6.248   10.639  -12.119 1.00 37.84  ? 160 LEU A C   1 
ATOM   810  O O   . LEU A 1 154 ? 6.504   11.868  -11.881 1.00 42.41  ? 160 LEU A O   1 
ATOM   811  C CB  . LEU A 1 154 ? 5.679   9.529   -9.960  1.00 32.51  ? 160 LEU A CB  1 
ATOM   812  C CG  . LEU A 1 154 ? 5.193   8.195   -9.414  1.00 32.28  ? 160 LEU A CG  1 
ATOM   813  C CD1 . LEU A 1 154 ? 6.267   7.133   -9.463  1.00 28.80  ? 160 LEU A CD1 1 
ATOM   814  C CD2 . LEU A 1 154 ? 4.628   8.360   -8.008  1.00 29.09  ? 160 LEU A CD2 1 
ATOM   815  N N   . ASP A 1 155 ? 5.622   10.215  -13.219 1.00 37.85  ? 161 ASP A N   1 
ATOM   816  C CA  . ASP A 1 155 ? 4.964   11.167  -14.144 1.00 41.00  ? 161 ASP A CA  1 
ATOM   817  C C   . ASP A 1 155 ? 3.544   11.429  -13.664 1.00 44.62  ? 161 ASP A C   1 
ATOM   818  O O   . ASP A 1 155 ? 2.986   10.631  -12.928 1.00 50.18  ? 161 ASP A O   1 
ATOM   819  C CB  . ASP A 1 155 ? 4.939   10.641  -15.552 1.00 43.86  ? 161 ASP A CB  1 
ATOM   820  C CG  . ASP A 1 155 ? 6.274   10.731  -16.229 1.00 60.83  ? 161 ASP A CG  1 
ATOM   821  O OD1 . ASP A 1 155 ? 6.876   11.841  -16.219 1.00 74.52  ? 161 ASP A OD1 1 
ATOM   822  O OD2 . ASP A 1 155 ? 6.712   9.669   -16.764 1.00 73.44  ? 161 ASP A OD2 1 
ATOM   823  N N   . LYS A 1 156 ? 2.972   12.561  -14.046 1.00 45.50  ? 162 LYS A N   1 
ATOM   824  C CA  . LYS A 1 156 ? 1.565   12.828  -13.770 1.00 45.32  ? 162 LYS A CA  1 
ATOM   825  C C   . LYS A 1 156 ? 0.701   11.671  -14.246 1.00 42.26  ? 162 LYS A C   1 
ATOM   826  O O   . LYS A 1 156 ? 0.949   11.114  -15.296 1.00 48.68  ? 162 LYS A O   1 
ATOM   827  C CB  . LYS A 1 156 ? 1.143   14.129  -14.451 1.00 47.01  ? 162 LYS A CB  1 
ATOM   828  C CG  . LYS A 1 156 ? -0.247  14.589  -14.100 1.00 55.41  ? 162 LYS A CG  1 
ATOM   829  C CD  . LYS A 1 156 ? -0.600  15.899  -14.809 1.00 57.23  ? 162 LYS A CD  1 
ATOM   830  C CE  . LYS A 1 156 ? -2.074  16.218  -14.518 1.00 62.90  ? 162 LYS A CE  1 
ATOM   831  N NZ  . LYS A 1 156 ? -2.557  17.385  -15.282 1.00 77.70  ? 162 LYS A NZ  1 
ATOM   832  N N   . GLU A 1 157 ? -0.279  11.293  -13.437 1.00 44.36  ? 163 GLU A N   1 
ATOM   833  C CA  . GLU A 1 157 ? -1.246  10.211  -13.700 1.00 42.32  ? 163 GLU A CA  1 
ATOM   834  C C   . GLU A 1 157 ? -0.692  8.823   -13.429 1.00 43.29  ? 163 GLU A C   1 
ATOM   835  O O   . GLU A 1 157 ? -1.392  7.829   -13.646 1.00 41.91  ? 163 GLU A O   1 
ATOM   836  C CB  . GLU A 1 157 ? -1.803  10.301  -15.142 1.00 47.57  ? 163 GLU A CB  1 
ATOM   837  C CG  . GLU A 1 157 ? -2.520  11.610  -15.490 1.00 61.13  ? 163 GLU A CG  1 
ATOM   838  C CD  . GLU A 1 157 ? -3.668  11.905  -14.522 1.00 82.09  ? 163 GLU A CD  1 
ATOM   839  O OE1 . GLU A 1 157 ? -4.410  10.944  -14.231 1.00 99.20  ? 163 GLU A OE1 1 
ATOM   840  O OE2 . GLU A 1 157 ? -3.829  13.054  -14.017 1.00 80.44  ? 163 GLU A OE2 1 
ATOM   841  N N   . ASP A 1 158 ? 0.559   8.726   -12.966 1.00 43.01  ? 164 ASP A N   1 
ATOM   842  C CA  . ASP A 1 158 ? 1.119   7.415   -12.590 1.00 41.78  ? 164 ASP A CA  1 
ATOM   843  C C   . ASP A 1 158 ? 0.365   6.872   -11.390 1.00 43.05  ? 164 ASP A C   1 
ATOM   844  O O   . ASP A 1 158 ? -0.032  7.650   -10.494 1.00 46.21  ? 164 ASP A O   1 
ATOM   845  C CB  . ASP A 1 158 ? 2.611   7.521   -12.283 1.00 40.07  ? 164 ASP A CB  1 
ATOM   846  C CG  . ASP A 1 158 ? 3.492   7.439   -13.542 1.00 43.16  ? 164 ASP A CG  1 
ATOM   847  O OD1 . ASP A 1 158 ? 2.956   7.102   -14.591 1.00 42.48  ? 164 ASP A OD1 1 
ATOM   848  O OD2 . ASP A 1 158 ? 4.741   7.693   -13.488 1.00 46.82  ? 164 ASP A OD2 1 
ATOM   849  N N   . LYS A 1 159 ? 0.164   5.551   -11.356 1.00 37.70  ? 165 LYS A N   1 
ATOM   850  C CA  . LYS A 1 159 ? -0.583  4.933   -10.261 1.00 33.05  ? 165 LYS A CA  1 
ATOM   851  C C   . LYS A 1 159 ? 0.267   3.995   -9.434  1.00 35.27  ? 165 LYS A C   1 
ATOM   852  O O   . LYS A 1 159 ? 0.902   3.062   -9.969  1.00 38.89  ? 165 LYS A O   1 
ATOM   853  C CB  . LYS A 1 159 ? -1.804  4.203   -10.813 1.00 35.72  ? 165 LYS A CB  1 
ATOM   854  C CG  . LYS A 1 159 ? -2.847  5.147   -11.414 1.00 47.37  ? 165 LYS A CG  1 
ATOM   855  C CD  . LYS A 1 159 ? -3.694  4.428   -12.453 1.00 52.59  ? 165 LYS A CD  1 
ATOM   856  C CE  . LYS A 1 159 ? -3.825  5.268   -13.741 1.00 74.96  ? 165 LYS A CE  1 
ATOM   857  N NZ  . LYS A 1 159 ? -4.568  6.572   -13.554 1.00 61.78  ? 165 LYS A NZ  1 
ATOM   858  N N   . VAL A 1 160 ? 0.289   4.225   -8.122  1.00 31.60  ? 166 VAL A N   1 
ATOM   859  C CA  . VAL A 1 160 ? 1.073   3.393   -7.202  1.00 27.65  ? 166 VAL A CA  1 
ATOM   860  C C   . VAL A 1 160 ? 0.156   2.760   -6.167  1.00 30.71  ? 166 VAL A C   1 
ATOM   861  O O   . VAL A 1 160 ? -0.698  3.431   -5.596  1.00 34.24  ? 166 VAL A O   1 
ATOM   862  C CB  . VAL A 1 160 ? 2.166   4.228   -6.502  1.00 30.64  ? 166 VAL A CB  1 
ATOM   863  C CG1 . VAL A 1 160 ? 2.781   3.453   -5.351  1.00 29.70  ? 166 VAL A CG1 1 
ATOM   864  C CG2 . VAL A 1 160 ? 3.215   4.716   -7.496  1.00 29.32  ? 166 VAL A CG2 1 
ATOM   865  N N   . TYR A 1 161 ? 0.306   1.459   -5.919  1.00 30.70  ? 167 TYR A N   1 
ATOM   866  C CA  . TYR A 1 161 ? -0.630  0.751   -5.055  1.00 29.08  ? 167 TYR A CA  1 
ATOM   867  C C   . TYR A 1 161 ? -0.029  -0.579  -4.598  1.00 32.02  ? 167 TYR A C   1 
ATOM   868  O O   . TYR A 1 161 ? 1.054   -0.959  -5.050  1.00 35.80  ? 167 TYR A O   1 
ATOM   869  C CB  . TYR A 1 161 ? -1.967  0.502   -5.770  1.00 28.87  ? 167 TYR A CB  1 
ATOM   870  C CG  . TYR A 1 161 ? -1.823  -0.185  -7.114  1.00 37.26  ? 167 TYR A CG  1 
ATOM   871  C CD1 . TYR A 1 161 ? -1.464  0.545   -8.251  1.00 35.16  ? 167 TYR A CD1 1 
ATOM   872  C CD2 . TYR A 1 161 ? -2.013  -1.568  -7.255  1.00 37.06  ? 167 TYR A CD2 1 
ATOM   873  C CE1 . TYR A 1 161 ? -1.317  -0.057  -9.472  1.00 41.21  ? 167 TYR A CE1 1 
ATOM   874  C CE2 . TYR A 1 161 ? -1.833  -2.180  -8.483  1.00 38.47  ? 167 TYR A CE2 1 
ATOM   875  C CZ  . TYR A 1 161 ? -1.492  -1.411  -9.591  1.00 43.00  ? 167 TYR A CZ  1 
ATOM   876  O OH  . TYR A 1 161 ? -1.288  -2.007  -10.825 1.00 56.79  ? 167 TYR A OH  1 
ATOM   877  N N   . LEU A 1 162 ? -0.698  -1.290  -3.684  1.00 32.08  ? 168 LEU A N   1 
ATOM   878  C CA  . LEU A 1 162 ? -0.094  -2.552  -3.197  1.00 30.25  ? 168 LEU A CA  1 
ATOM   879  C C   . LEU A 1 162 ? -0.896  -3.727  -3.710  1.00 35.45  ? 168 LEU A C   1 
ATOM   880  O O   . LEU A 1 162 ? -2.164  -3.778  -3.594  1.00 41.26  ? 168 LEU A O   1 
ATOM   881  C CB  . LEU A 1 162 ? -0.056  -2.609  -1.662  1.00 31.72  ? 168 LEU A CB  1 
ATOM   882  C CG  . LEU A 1 162 ? 0.654   -1.439  -0.952  1.00 32.26  ? 168 LEU A CG  1 
ATOM   883  C CD1 . LEU A 1 162 ? 0.486   -1.600  0.545   1.00 30.39  ? 168 LEU A CD1 1 
ATOM   884  C CD2 . LEU A 1 162 ? 2.077   -1.476  -1.359  1.00 32.22  ? 168 LEU A CD2 1 
ATOM   885  N N   . LYS A 1 163 ? -0.186  -4.691  -4.265  1.00 35.30  ? 169 LYS A N   1 
ATOM   886  C CA  . LYS A 1 163 ? -0.849  -5.944  -4.721  1.00 37.58  ? 169 LYS A CA  1 
ATOM   887  C C   . LYS A 1 163 ? -0.346  -7.093  -3.870  1.00 37.73  ? 169 LYS A C   1 
ATOM   888  O O   . LYS A 1 163 ? 0.810   -7.100  -3.450  1.00 38.87  ? 169 LYS A O   1 
ATOM   889  C CB  . LYS A 1 163 ? -0.594  -6.190  -6.206  1.00 34.82  ? 169 LYS A CB  1 
ATOM   890  C CG  . LYS A 1 163 ? -1.458  -7.274  -6.810  1.00 44.22  ? 169 LYS A CG  1 
ATOM   891  C CD  . LYS A 1 163 ? -1.096  -7.712  -8.227  1.00 52.82  ? 169 LYS A CD  1 
ATOM   892  C CE  . LYS A 1 163 ? -2.110  -7.183  -9.268  1.00 58.71  ? 169 LYS A CE  1 
ATOM   893  N NZ  . LYS A 1 163 ? -1.608  -7.444  -10.647 1.00 67.39  ? 169 LYS A NZ  1 
ATOM   894  N N   . LEU A 1 164 ? -1.206  -8.064  -3.616  1.00 40.90  ? 170 LEU A N   1 
ATOM   895  C CA  . LEU A 1 164 ? -0.794  -9.303  -2.924  1.00 45.44  ? 170 LEU A CA  1 
ATOM   896  C C   . LEU A 1 164 ? -0.426  -10.435 -3.908  1.00 51.60  ? 170 LEU A C   1 
ATOM   897  O O   . LEU A 1 164 ? -1.320  -11.103 -4.427  1.00 58.32  ? 170 LEU A O   1 
ATOM   898  C CB  . LEU A 1 164 ? -1.911  -9.743  -2.014  1.00 41.78  ? 170 LEU A CB  1 
ATOM   899  C CG  . LEU A 1 164 ? -1.600  -10.774 -0.970  1.00 46.59  ? 170 LEU A CG  1 
ATOM   900  C CD1 . LEU A 1 164 ? -0.462  -10.275 -0.081  1.00 56.03  ? 170 LEU A CD1 1 
ATOM   901  C CD2 . LEU A 1 164 ? -2.822  -11.039 -0.100  1.00 45.00  ? 170 LEU A CD2 1 
ATOM   902  N N   . GLU A 1 165 ? 0.874   -10.605 -4.180  1.00 44.41  ? 171 GLU A N   1 
ATOM   903  C CA  . GLU A 1 165 ? 1.347   -11.619 -5.144  1.00 49.01  ? 171 GLU A CA  1 
ATOM   904  C C   . GLU A 1 165 ? 1.103   -13.069 -4.653  1.00 54.35  ? 171 GLU A C   1 
ATOM   905  O O   . GLU A 1 165 ? 0.602   -13.897 -5.384  1.00 53.99  ? 171 GLU A O   1 
ATOM   906  C CB  . GLU A 1 165 ? 2.836   -11.493 -5.423  1.00 50.93  ? 171 GLU A CB  1 
ATOM   907  C CG  . GLU A 1 165 ? 3.162   -10.917 -6.758  1.00 70.11  ? 171 GLU A CG  1 
ATOM   908  C CD  . GLU A 1 165 ? 2.578   -11.660 -7.910  1.00 70.41  ? 171 GLU A CD  1 
ATOM   909  O OE1 . GLU A 1 165 ? 3.014   -12.792 -8.126  1.00 69.47  ? 171 GLU A OE1 1 
ATOM   910  O OE2 . GLU A 1 165 ? 1.744   -11.052 -8.626  1.00 86.22  ? 171 GLU A OE2 1 
ATOM   911  N N   . LYS A 1 166 ? 1.458   -13.351 -3.411  1.00 49.93  ? 172 LYS A N   1 
ATOM   912  C CA  . LYS A 1 166 ? 1.274   -14.654 -2.831  1.00 51.77  ? 172 LYS A CA  1 
ATOM   913  C C   . LYS A 1 166 ? 0.518   -14.555 -1.511  1.00 57.59  ? 172 LYS A C   1 
ATOM   914  O O   . LYS A 1 166 ? 0.616   -13.571 -0.790  1.00 55.71  ? 172 LYS A O   1 
ATOM   915  C CB  . LYS A 1 166 ? 2.608   -15.388 -2.621  1.00 53.24  ? 172 LYS A CB  1 
ATOM   916  C CG  . LYS A 1 166 ? 3.033   -16.191 -3.838  1.00 71.92  ? 172 LYS A CG  1 
ATOM   917  C CD  . LYS A 1 166 ? 4.440   -15.833 -4.304  1.00 86.62  ? 172 LYS A CD  1 
ATOM   918  C CE  . LYS A 1 166 ? 4.603   -16.194 -5.786  1.00 91.92  ? 172 LYS A CE  1 
ATOM   919  N NZ  . LYS A 1 166 ? 5.845   -15.616 -6.384  1.00 90.86  ? 172 LYS A NZ  1 
ATOM   920  N N   . GLY A 1 167 ? -0.239  -15.597 -1.209  1.00 61.10  ? 173 GLY A N   1 
ATOM   921  C CA  . GLY A 1 167 ? -0.970  -15.679 0.036   1.00 53.87  ? 173 GLY A CA  1 
ATOM   922  C C   . GLY A 1 167 ? -2.285  -14.946 -0.043  1.00 56.13  ? 173 GLY A C   1 
ATOM   923  O O   . GLY A 1 167 ? -2.701  -14.484 -1.103  1.00 64.44  ? 173 GLY A O   1 
ATOM   924  N N   . ASN A 1 168 ? -2.930  -14.821 1.107   1.00 57.80  ? 174 ASN A N   1 
ATOM   925  C CA  . ASN A 1 168 ? -4.139  -14.018 1.229   1.00 62.18  ? 174 ASN A CA  1 
ATOM   926  C C   . ASN A 1 168 ? -4.251  -13.439 2.648   1.00 60.82  ? 174 ASN A C   1 
ATOM   927  O O   . ASN A 1 168 ? -3.663  -13.950 3.591   1.00 60.47  ? 174 ASN A O   1 
ATOM   928  C CB  . ASN A 1 168 ? -5.369  -14.844 0.894   1.00 73.15  ? 174 ASN A CB  1 
ATOM   929  C CG  . ASN A 1 168 ? -5.415  -16.163 1.643   1.00 84.04  ? 174 ASN A CG  1 
ATOM   930  O OD1 . ASN A 1 168 ? -5.160  -16.247 2.864   1.00 68.80  ? 174 ASN A OD1 1 
ATOM   931  N ND2 . ASN A 1 168 ? -5.744  -17.221 0.898   1.00 112.30 ? 174 ASN A ND2 1 
ATOM   932  N N   . LEU A 1 169 ? -4.981  -12.349 2.781   1.00 60.46  ? 175 LEU A N   1 
ATOM   933  C CA  . LEU A 1 169 ? -5.185  -11.702 4.059   1.00 62.06  ? 175 LEU A CA  1 
ATOM   934  C C   . LEU A 1 169 ? -6.449  -12.236 4.740   1.00 67.26  ? 175 LEU A C   1 
ATOM   935  O O   . LEU A 1 169 ? -7.399  -11.492 4.968   1.00 61.72  ? 175 LEU A O   1 
ATOM   936  C CB  . LEU A 1 169 ? -5.294  -10.187 3.827   1.00 59.87  ? 175 LEU A CB  1 
ATOM   937  C CG  . LEU A 1 169 ? -3.976  -9.396  3.635   1.00 55.86  ? 175 LEU A CG  1 
ATOM   938  C CD1 . LEU A 1 169 ? -2.707  -10.231 3.713   1.00 45.71  ? 175 LEU A CD1 1 
ATOM   939  C CD2 . LEU A 1 169 ? -4.029  -8.640  2.336   1.00 55.11  ? 175 LEU A CD2 1 
ATOM   940  N N   . LEU A 1 170 ? -6.423  -13.520 5.092   1.00 78.58  ? 176 LEU A N   1 
ATOM   941  C CA  . LEU A 1 170 ? -7.621  -14.208 5.552   1.00 83.77  ? 176 LEU A CA  1 
ATOM   942  C C   . LEU A 1 170 ? -8.093  -13.777 6.935   1.00 77.58  ? 176 LEU A C   1 
ATOM   943  O O   . LEU A 1 170 ? -9.315  -13.506 7.143   1.00 73.32  ? 176 LEU A O   1 
ATOM   944  C CB  . LEU A 1 170 ? -7.412  -15.718 5.523   1.00 98.87  ? 176 LEU A CB  1 
ATOM   945  C CG  . LEU A 1 170 ? -8.520  -16.483 4.770   1.00 108.51 ? 176 LEU A CG  1 
ATOM   946  C CD1 . LEU A 1 170 ? -8.903  -15.787 3.443   1.00 89.79  ? 176 LEU A CD1 1 
ATOM   947  C CD2 . LEU A 1 170 ? -8.069  -17.936 4.594   1.00 105.04 ? 176 LEU A CD2 1 
ATOM   948  N N   . GLY A 1 171 ? -7.143  -13.711 7.870   1.00 60.11  ? 177 GLY A N   1 
ATOM   949  C CA  . GLY A 1 171 ? -7.464  -13.311 9.232   1.00 56.92  ? 177 GLY A CA  1 
ATOM   950  C C   . GLY A 1 171 ? -7.624  -11.806 9.404   1.00 65.67  ? 177 GLY A C   1 
ATOM   951  O O   . GLY A 1 171 ? -7.750  -11.314 10.527  1.00 71.82  ? 177 GLY A O   1 
ATOM   952  N N   . GLY A 1 172 ? -7.624  -11.065 8.290   1.00 58.03  ? 178 GLY A N   1 
ATOM   953  C CA  . GLY A 1 172 ? -7.569  -9.618  8.357   1.00 56.71  ? 178 GLY A CA  1 
ATOM   954  C C   . GLY A 1 172 ? -6.132  -9.135  8.327   1.00 51.60  ? 178 GLY A C   1 
ATOM   955  O O   . GLY A 1 172 ? -5.206  -9.909  8.516   1.00 52.07  ? 178 GLY A O   1 
ATOM   956  N N   . TRP A 1 173 ? -5.938  -7.854  8.034   1.00 55.13  ? 179 TRP A N   1 
ATOM   957  C CA  . TRP A 1 173 ? -4.582  -7.258  8.022   1.00 42.92  ? 179 TRP A CA  1 
ATOM   958  C C   . TRP A 1 173 ? -4.596  -5.979  8.838   1.00 44.11  ? 179 TRP A C   1 
ATOM   959  O O   . TRP A 1 173 ? -4.033  -4.967  8.451   1.00 49.23  ? 179 TRP A O   1 
ATOM   960  C CB  . TRP A 1 173 ? -4.079  -7.058  6.589   1.00 38.98  ? 179 TRP A CB  1 
ATOM   961  C CG  . TRP A 1 173 ? -4.889  -6.102  5.756   1.00 37.25  ? 179 TRP A CG  1 
ATOM   962  C CD1 . TRP A 1 173 ? -4.545  -4.809  5.361   1.00 35.67  ? 179 TRP A CD1 1 
ATOM   963  C CD2 . TRP A 1 173 ? -6.197  -6.335  5.220   1.00 39.92  ? 179 TRP A CD2 1 
ATOM   964  N NE1 . TRP A 1 173 ? -5.541  -4.256  4.615   1.00 36.80  ? 179 TRP A NE1 1 
ATOM   965  C CE2 . TRP A 1 173 ? -6.575  -5.110  4.513   1.00 40.38  ? 179 TRP A CE2 1 
ATOM   966  C CE3 . TRP A 1 173 ? -7.095  -7.406  5.260   1.00 39.24  ? 179 TRP A CE3 1 
ATOM   967  C CZ2 . TRP A 1 173 ? -7.808  -4.985  3.868   1.00 40.82  ? 179 TRP A CZ2 1 
ATOM   968  C CZ3 . TRP A 1 173 ? -8.326  -7.269  4.615   1.00 41.08  ? 179 TRP A CZ3 1 
ATOM   969  C CH2 . TRP A 1 173 ? -8.681  -6.083  3.941   1.00 40.09  ? 179 TRP A CH2 1 
ATOM   970  N N   . GLN A 1 174 ? -5.285  -6.031  9.979   1.00 50.88  ? 180 GLN A N   1 
ATOM   971  C CA  . GLN A 1 174 ? -5.372  -4.924  10.911  1.00 44.22  ? 180 GLN A CA  1 
ATOM   972  C C   . GLN A 1 174 ? -3.994  -4.398  11.342  1.00 45.28  ? 180 GLN A C   1 
ATOM   973  O O   . GLN A 1 174 ? -3.078  -5.175  11.538  1.00 51.89  ? 180 GLN A O   1 
ATOM   974  C CB  . GLN A 1 174 ? -6.172  -5.342  12.151  1.00 41.58  ? 180 GLN A CB  1 
ATOM   975  C CG  . GLN A 1 174 ? -6.616  -4.152  13.023  1.00 44.59  ? 180 GLN A CG  1 
ATOM   976  C CD  . GLN A 1 174 ? -7.304  -4.566  14.276  1.00 42.47  ? 180 GLN A CD  1 
ATOM   977  O OE1 . GLN A 1 174 ? -7.306  -5.758  14.641  1.00 51.90  ? 180 GLN A OE1 1 
ATOM   978  N NE2 . GLN A 1 174 ? -7.920  -3.610  14.930  1.00 40.05  ? 180 GLN A NE2 1 
ATOM   979  N N   . TYR A 1 175 ? -3.915  -3.073  11.497  1.00 42.52  ? 181 TYR A N   1 
ATOM   980  C CA  . TYR A 1 175 ? -2.712  -2.326  11.874  1.00 44.19  ? 181 TYR A CA  1 
ATOM   981  C C   . TYR A 1 175 ? -1.746  -2.096  10.699  1.00 40.84  ? 181 TYR A C   1 
ATOM   982  O O   . TYR A 1 175 ? -0.733  -1.451  10.858  1.00 43.81  ? 181 TYR A O   1 
ATOM   983  C CB  . TYR A 1 175 ? -1.996  -2.946  13.066  1.00 43.51  ? 181 TYR A CB  1 
ATOM   984  C CG  . TYR A 1 175 ? -2.879  -3.185  14.258  1.00 45.29  ? 181 TYR A CG  1 
ATOM   985  C CD1 . TYR A 1 175 ? -3.500  -2.106  14.945  1.00 45.14  ? 181 TYR A CD1 1 
ATOM   986  C CD2 . TYR A 1 175 ? -3.102  -4.491  14.715  1.00 45.35  ? 181 TYR A CD2 1 
ATOM   987  C CE1 . TYR A 1 175 ? -4.309  -2.329  16.035  1.00 47.05  ? 181 TYR A CE1 1 
ATOM   988  C CE2 . TYR A 1 175 ? -3.912  -4.735  15.815  1.00 47.36  ? 181 TYR A CE2 1 
ATOM   989  C CZ  . TYR A 1 175 ? -4.520  -3.667  16.463  1.00 54.66  ? 181 TYR A CZ  1 
ATOM   990  O OH  . TYR A 1 175 ? -5.322  -3.964  17.536  1.00 60.53  ? 181 TYR A OH  1 
ATOM   991  N N   . SER A 1 176 ? -2.061  -2.646  9.532   1.00 36.70  ? 182 SER A N   1 
ATOM   992  C CA  . SER A 1 176 ? -1.255  -2.414  8.340   1.00 33.60  ? 182 SER A CA  1 
ATOM   993  C C   . SER A 1 176 ? -1.318  -0.943  7.888   1.00 34.77  ? 182 SER A C   1 
ATOM   994  O O   . SER A 1 176 ? -2.338  -0.257  7.994   1.00 34.35  ? 182 SER A O   1 
ATOM   995  C CB  . SER A 1 176 ? -1.745  -3.292  7.201   1.00 34.64  ? 182 SER A CB  1 
ATOM   996  O OG  . SER A 1 176 ? -1.523  -4.659  7.506   1.00 42.69  ? 182 SER A OG  1 
ATOM   997  N N   . THR A 1 177 ? -0.200  -0.457  7.377   1.00 36.77  ? 183 THR A N   1 
ATOM   998  C CA  . THR A 1 177 ? -0.092  0.958   6.996   1.00 32.20  ? 183 THR A CA  1 
ATOM   999  C C   . THR A 1 177 ? 0.411   1.129   5.583   1.00 36.53  ? 183 THR A C   1 
ATOM   1000 O O   . THR A 1 177 ? 1.237   0.344   5.086   1.00 42.84  ? 183 THR A O   1 
ATOM   1001 C CB  . THR A 1 177 ? 0.816   1.746   7.931   1.00 30.85  ? 183 THR A CB  1 
ATOM   1002 O OG1 . THR A 1 177 ? 2.082   1.091   8.001   1.00 37.45  ? 183 THR A OG1 1 
ATOM   1003 C CG2 . THR A 1 177 ? 0.242   1.800   9.337   1.00 29.90  ? 183 THR A CG2 1 
ATOM   1004 N N   . PHE A 1 178 ? -0.100  2.160   4.924   1.00 36.28  ? 184 PHE A N   1 
ATOM   1005 C CA  . PHE A 1 178 ? 0.377   2.545   3.600   1.00 37.30  ? 184 PHE A CA  1 
ATOM   1006 C C   . PHE A 1 178 ? 0.462   4.087   3.563   1.00 38.24  ? 184 PHE A C   1 
ATOM   1007 O O   . PHE A 1 178 ? -0.530  4.792   3.792   1.00 34.83  ? 184 PHE A O   1 
ATOM   1008 C CB  . PHE A 1 178 ? -0.578  2.046   2.518   1.00 35.40  ? 184 PHE A CB  1 
ATOM   1009 C CG  . PHE A 1 178 ? -0.086  2.263   1.112   1.00 39.95  ? 184 PHE A CG  1 
ATOM   1010 C CD1 . PHE A 1 178 ? 1.279   2.379   0.855   1.00 42.48  ? 184 PHE A CD1 1 
ATOM   1011 C CD2 . PHE A 1 178 ? -0.959  2.286   0.040   1.00 35.13  ? 184 PHE A CD2 1 
ATOM   1012 C CE1 . PHE A 1 178 ? 1.751   2.539   -0.438  1.00 35.50  ? 184 PHE A CE1 1 
ATOM   1013 C CE2 . PHE A 1 178 ? -0.491  2.451   -1.250  1.00 36.10  ? 184 PHE A CE2 1 
ATOM   1014 C CZ  . PHE A 1 178 ? 0.865   2.576   -1.496  1.00 36.27  ? 184 PHE A CZ  1 
ATOM   1015 N N   . SER A 1 179 ? 1.638   4.608   3.252   1.00 31.71  ? 185 SER A N   1 
ATOM   1016 C CA  . SER A 1 179 ? 1.774   6.064   3.194   1.00 33.37  ? 185 SER A CA  1 
ATOM   1017 C C   . SER A 1 179 ? 2.733   6.498   2.116   1.00 30.94  ? 185 SER A C   1 
ATOM   1018 O O   . SER A 1 179 ? 3.598   5.729   1.689   1.00 30.74  ? 185 SER A O   1 
ATOM   1019 C CB  . SER A 1 179 ? 2.192   6.670   4.574   1.00 35.60  ? 185 SER A CB  1 
ATOM   1020 O OG  . SER A 1 179 ? 2.929   5.733   5.353   1.00 45.80  ? 185 SER A OG  1 
ATOM   1021 N N   . GLY A 1 180 ? 2.586   7.738   1.672   1.00 28.57  ? 186 GLY A N   1 
ATOM   1022 C CA  . GLY A 1 180 ? 3.500   8.308   0.700   1.00 26.72  ? 186 GLY A CA  1 
ATOM   1023 C C   . GLY A 1 180 ? 3.358   9.820   0.596   1.00 31.53  ? 186 GLY A C   1 
ATOM   1024 O O   . GLY A 1 180 ? 2.355   10.406  1.036   1.00 35.08  ? 186 GLY A O   1 
ATOM   1025 N N   . PHE A 1 181 ? 4.356   10.476  0.013   1.00 30.43  ? 187 PHE A N   1 
ATOM   1026 C CA  . PHE A 1 181 ? 4.275   11.910  -0.192  1.00 32.74  ? 187 PHE A CA  1 
ATOM   1027 C C   . PHE A 1 181 ? 5.184   12.383  -1.302  1.00 37.09  ? 187 PHE A C   1 
ATOM   1028 O O   . PHE A 1 181 ? 6.084   11.650  -1.740  1.00 37.91  ? 187 PHE A O   1 
ATOM   1029 C CB  . PHE A 1 181 ? 4.594   12.664  1.115   1.00 34.88  ? 187 PHE A CB  1 
ATOM   1030 C CG  . PHE A 1 181 ? 5.964   12.401  1.660   1.00 35.80  ? 187 PHE A CG  1 
ATOM   1031 C CD1 . PHE A 1 181 ? 6.199   11.295  2.481   1.00 35.94  ? 187 PHE A CD1 1 
ATOM   1032 C CD2 . PHE A 1 181 ? 7.039   13.244  1.341   1.00 32.42  ? 187 PHE A CD2 1 
ATOM   1033 C CE1 . PHE A 1 181 ? 7.491   11.010  2.964   1.00 32.65  ? 187 PHE A CE1 1 
ATOM   1034 C CE2 . PHE A 1 181 ? 8.323   12.979  1.825   1.00 31.29  ? 187 PHE A CE2 1 
ATOM   1035 C CZ  . PHE A 1 181 ? 8.552   11.865  2.650   1.00 34.74  ? 187 PHE A CZ  1 
ATOM   1036 N N   . LEU A 1 182 ? 4.969   13.620  -1.759  1.00 35.62  ? 188 LEU A N   1 
ATOM   1037 C CA  . LEU A 1 182 ? 5.879   14.219  -2.750  1.00 36.14  ? 188 LEU A CA  1 
ATOM   1038 C C   . LEU A 1 182 ? 7.084   14.844  -2.082  1.00 37.12  ? 188 LEU A C   1 
ATOM   1039 O O   . LEU A 1 182 ? 6.946   15.773  -1.317  1.00 40.50  ? 188 LEU A O   1 
ATOM   1040 C CB  . LEU A 1 182 ? 5.142   15.267  -3.563  1.00 37.33  ? 188 LEU A CB  1 
ATOM   1041 C CG  . LEU A 1 182 ? 5.909   16.154  -4.522  1.00 34.06  ? 188 LEU A CG  1 
ATOM   1042 C CD1 . LEU A 1 182 ? 6.389   15.317  -5.693  1.00 31.08  ? 188 LEU A CD1 1 
ATOM   1043 C CD2 . LEU A 1 182 ? 4.871   17.207  -4.980  1.00 36.05  ? 188 LEU A CD2 1 
ATOM   1044 N N   . VAL A 1 183 ? 8.264   14.277  -2.339  1.00 37.36  ? 189 VAL A N   1 
ATOM   1045 C CA  . VAL A 1 183 ? 9.510   14.799  -1.771  1.00 35.22  ? 189 VAL A CA  1 
ATOM   1046 C C   . VAL A 1 183 ? 9.835   16.161  -2.412  1.00 40.76  ? 189 VAL A C   1 
ATOM   1047 O O   . VAL A 1 183 ? 10.087  17.151  -1.711  1.00 42.22  ? 189 VAL A O   1 
ATOM   1048 C CB  . VAL A 1 183 ? 10.688  13.840  -2.017  1.00 30.98  ? 189 VAL A CB  1 
ATOM   1049 C CG1 . VAL A 1 183 ? 11.955  14.335  -1.329  1.00 26.02  ? 189 VAL A CG1 1 
ATOM   1050 C CG2 . VAL A 1 183 ? 10.347  12.472  -1.513  1.00 28.28  ? 189 VAL A CG2 1 
ATOM   1051 N N   . PHE A 1 184 ? 9.821   16.194  -3.745  1.00 39.10  ? 190 PHE A N   1 
ATOM   1052 C CA  . PHE A 1 184 ? 9.896   17.455  -4.504  1.00 36.46  ? 190 PHE A CA  1 
ATOM   1053 C C   . PHE A 1 184 ? 9.442   17.228  -5.933  1.00 36.49  ? 190 PHE A C   1 
ATOM   1054 O O   . PHE A 1 184 ? 9.550   16.114  -6.447  1.00 38.57  ? 190 PHE A O   1 
ATOM   1055 C CB  . PHE A 1 184 ? 11.298  18.049  -4.463  1.00 33.42  ? 190 PHE A CB  1 
ATOM   1056 C CG  . PHE A 1 184 ? 12.402  17.091  -4.837  1.00 33.26  ? 190 PHE A CG  1 
ATOM   1057 C CD1 . PHE A 1 184 ? 12.639  16.752  -6.174  1.00 32.31  ? 190 PHE A CD1 1 
ATOM   1058 C CD2 . PHE A 1 184 ? 13.199  16.519  -3.848  1.00 29.82  ? 190 PHE A CD2 1 
ATOM   1059 C CE1 . PHE A 1 184 ? 13.657  15.865  -6.514  1.00 32.34  ? 190 PHE A CE1 1 
ATOM   1060 C CE2 . PHE A 1 184 ? 14.221  15.649  -4.179  1.00 30.11  ? 190 PHE A CE2 1 
ATOM   1061 C CZ  . PHE A 1 184 ? 14.439  15.301  -5.522  1.00 30.69  ? 190 PHE A CZ  1 
ATOM   1062 N N   . PRO A 1 185 ? 8.918   18.275  -6.585  1.00 40.59  ? 191 PRO A N   1 
ATOM   1063 C CA  . PRO A 1 185 ? 8.522   18.158  -8.013  1.00 37.78  ? 191 PRO A CA  1 
ATOM   1064 C C   . PRO A 1 185 ? 9.729   18.280  -8.937  1.00 38.94  ? 191 PRO A C   1 
ATOM   1065 O O   . PRO A 1 185 ? 10.790  18.798  -8.533  1.00 42.60  ? 191 PRO A O   1 
ATOM   1066 C CB  . PRO A 1 185 ? 7.576   19.337  -8.212  1.00 33.28  ? 191 PRO A CB  1 
ATOM   1067 C CG  . PRO A 1 185 ? 8.071   20.355  -7.234  1.00 31.11  ? 191 PRO A CG  1 
ATOM   1068 C CD  . PRO A 1 185 ? 8.544   19.589  -6.018  1.00 39.51  ? 191 PRO A CD  1 
ATOM   1069 N N   . LEU A 1 186 ? 9.575   17.805  -10.165 1.00 42.86  ? 192 LEU A N   1 
ATOM   1070 C CA  . LEU A 1 186 ? 10.642  17.908  -11.155 1.00 43.52  ? 192 LEU A CA  1 
ATOM   1071 C C   . LEU A 1 186 ? 10.080  18.450  -12.467 1.00 52.79  ? 192 LEU A C   1 
ATOM   1072 O O   . LEU A 1 186 ? 8.895   18.229  -12.801 1.00 50.54  ? 192 LEU A O   1 
ATOM   1073 C CB  . LEU A 1 186 ? 11.267  16.523  -11.410 1.00 40.13  ? 192 LEU A CB  1 
ATOM   1074 C CG  . LEU A 1 186 ? 12.222  16.009  -10.386 1.00 40.38  ? 192 LEU A CG  1 
ATOM   1075 C CD1 . LEU A 1 186 ? 12.590  14.552  -10.621 1.00 41.61  ? 192 LEU A CD1 1 
ATOM   1076 C CD2 . LEU A 1 186 ? 13.472  16.830  -10.336 1.00 34.58  ? 192 LEU A CD2 1 
ATOM   1077 O OXT . LEU A 1 186 ? 10.855  19.081  -13.211 1.00 63.13  ? 192 LEU A OXT 1 
HETATM 1078 C C1  . NAG B 2 .   ? -11.190 -14.861 -2.161  1.00 148.52 ? 201 NAG A C1  1 
HETATM 1079 C C2  . NAG B 2 .   ? -12.362 -15.771 -1.799  1.00 158.98 ? 201 NAG A C2  1 
HETATM 1080 C C3  . NAG B 2 .   ? -11.889 -16.807 -0.782  1.00 146.48 ? 201 NAG A C3  1 
HETATM 1081 C C4  . NAG B 2 .   ? -10.645 -17.531 -1.347  1.00 137.65 ? 201 NAG A C4  1 
HETATM 1082 C C5  . NAG B 2 .   ? -9.568  -16.472 -1.653  1.00 133.82 ? 201 NAG A C5  1 
HETATM 1083 C C6  . NAG B 2 .   ? -8.195  -17.004 -2.046  1.00 120.95 ? 201 NAG A C6  1 
HETATM 1084 C C7  . NAG B 2 .   ? -13.600 -14.180 -0.335  1.00 138.73 ? 201 NAG A C7  1 
HETATM 1085 C C8  . NAG B 2 .   ? -14.858 -13.392 -0.040  1.00 105.04 ? 201 NAG A C8  1 
HETATM 1086 N N2  . NAG B 2 .   ? -13.529 -14.993 -1.401  1.00 164.89 ? 201 NAG A N2  1 
HETATM 1087 O O3  . NAG B 2 .   ? -12.933 -17.734 -0.560  1.00 133.02 ? 201 NAG A O3  1 
HETATM 1088 O O4  . NAG B 2 .   ? -10.151 -18.537 -0.485  1.00 130.80 ? 201 NAG A O4  1 
HETATM 1089 O O5  . NAG B 2 .   ? -10.083 -15.604 -2.652  1.00 131.95 ? 201 NAG A O5  1 
HETATM 1090 O O6  . NAG B 2 .   ? -7.219  -16.046 -1.717  1.00 117.70 ? 201 NAG A O6  1 
HETATM 1091 O O7  . NAG B 2 .   ? -12.668 -14.014 0.425   1.00 128.92 ? 201 NAG A O7  1 
HETATM 1092 O O   . HOH C 3 .   ? -14.120 -14.511 -5.187  1.00 65.03  ? 301 HOH A O   1 
HETATM 1093 O O   . HOH C 3 .   ? -0.855  25.601  1.800   1.00 36.98  ? 302 HOH A O   1 
HETATM 1094 O O   . HOH C 3 .   ? 3.678   3.366   6.524   1.00 33.93  ? 303 HOH A O   1 
HETATM 1095 O O   . HOH C 3 .   ? -11.064 7.456   6.954   1.00 42.36  ? 304 HOH A O   1 
HETATM 1096 O O   . HOH C 3 .   ? 7.144   -0.349  8.632   1.00 46.79  ? 305 HOH A O   1 
HETATM 1097 O O   . HOH C 3 .   ? 1.134   -8.261  -11.238 1.00 31.14  ? 306 HOH A O   1 
HETATM 1098 O O   . HOH C 3 .   ? -5.275  15.286  5.166   1.00 21.81  ? 307 HOH A O   1 
HETATM 1099 O O   . HOH C 3 .   ? 8.528   17.964  0.677   1.00 48.67  ? 308 HOH A O   1 
HETATM 1100 O O   . HOH C 3 .   ? -2.522  -4.711  -11.354 1.00 27.55  ? 309 HOH A O   1 
HETATM 1101 O O   . HOH C 3 .   ? 10.878  -8.567  3.087   1.00 28.93  ? 310 HOH A O   1 
HETATM 1102 O O   . HOH C 3 .   ? -12.838 -2.518  -1.057  1.00 47.92  ? 311 HOH A O   1 
HETATM 1103 O O   . HOH C 3 .   ? -4.001  12.375  11.330  1.00 26.83  ? 312 HOH A O   1 
HETATM 1104 O O   . HOH C 3 .   ? -4.418  13.433  -11.017 1.00 41.25  ? 313 HOH A O   1 
HETATM 1105 O O   . HOH C 3 .   ? 6.838   7.230   3.139   1.00 34.87  ? 314 HOH A O   1 
HETATM 1106 O O   . HOH C 3 .   ? 7.250   6.361   -14.753 1.00 34.42  ? 315 HOH A O   1 
HETATM 1107 O O   . HOH C 3 .   ? 6.801   -10.594 -8.189  1.00 44.35  ? 316 HOH A O   1 
HETATM 1108 O O   . HOH C 3 .   ? 3.509   17.607  -14.134 1.00 30.71  ? 317 HOH A O   1 
HETATM 1109 O O   . HOH C 3 .   ? -13.903 -3.716  4.665   1.00 34.14  ? 318 HOH A O   1 
HETATM 1110 O O   . HOH C 3 .   ? -10.301 10.030  -3.436  1.00 49.05  ? 319 HOH A O   1 
HETATM 1111 O O   . HOH C 3 .   ? -9.784  6.929   -0.351  1.00 37.78  ? 320 HOH A O   1 
HETATM 1112 O O   . HOH C 3 .   ? -9.946  11.044  2.042   1.00 20.17  ? 321 HOH A O   1 
HETATM 1113 O O   . HOH C 3 .   ? -6.543  -9.364  -0.887  1.00 45.64  ? 322 HOH A O   1 
HETATM 1114 O O   . HOH C 3 .   ? 11.508  5.881   1.923   1.00 44.89  ? 323 HOH A O   1 
# 
